data_9MUF
#
_entry.id   9MUF
#
_cell.length_a   1.00
_cell.length_b   1.00
_cell.length_c   1.00
_cell.angle_alpha   90.00
_cell.angle_beta   90.00
_cell.angle_gamma   90.00
#
_symmetry.space_group_name_H-M   'P 1'
#
_entity_poly.entity_id   1
_entity_poly.type   'polypeptide(L)'
_entity_poly.pdbx_seq_one_letter_code
;MSVKMGKKYKNIVLLKGLEVINDYHFRMVKSLLSNDLKLNLKMREEYDKIQIADLMEEKFRGDAGLGKLIKIFEDIPTLE
DLAETLKKEKLKVKGPALEHHHHHH
;
_entity_poly.pdbx_strand_id   A,B,C,D,E,F,G,H,I,J,K,L,M,N,O,P,Q,R
#
# COMPACT_ATOMS: atom_id res chain seq x y z
N LYS A 8 10.18 -24.41 -15.41
CA LYS A 8 10.46 -23.78 -14.13
C LYS A 8 11.09 -22.41 -14.32
N TYR A 9 10.90 -21.83 -15.50
CA TYR A 9 11.48 -20.52 -15.80
C TYR A 9 10.80 -19.41 -15.00
N LYS A 10 9.52 -19.57 -14.69
CA LYS A 10 8.82 -18.54 -13.94
C LYS A 10 9.34 -18.50 -12.51
N ASN A 11 9.84 -19.62 -12.01
CA ASN A 11 10.39 -19.66 -10.66
C ASN A 11 11.60 -18.73 -10.54
N ILE A 12 12.48 -18.73 -11.53
CA ILE A 12 13.67 -17.88 -11.49
C ILE A 12 13.30 -16.42 -11.65
N VAL A 13 12.41 -16.12 -12.60
CA VAL A 13 12.10 -14.72 -12.91
C VAL A 13 11.32 -14.07 -11.78
N LEU A 14 10.64 -14.87 -10.96
CA LEU A 14 9.83 -14.32 -9.87
C LEU A 14 10.59 -14.33 -8.55
N LEU A 15 11.47 -15.31 -8.34
CA LEU A 15 12.15 -15.42 -7.06
C LEU A 15 13.51 -14.73 -7.09
N LYS A 16 14.38 -15.14 -8.01
CA LYS A 16 15.68 -14.52 -8.17
C LYS A 16 15.64 -13.29 -9.07
N GLY A 17 14.46 -12.92 -9.56
CA GLY A 17 14.32 -11.80 -10.46
C GLY A 17 13.62 -10.60 -9.84
N LEU A 18 12.32 -10.48 -10.11
CA LEU A 18 11.58 -9.29 -9.68
C LEU A 18 11.54 -9.11 -8.17
N GLU A 19 11.56 -10.20 -7.40
CA GLU A 19 11.49 -10.09 -5.95
C GLU A 19 12.80 -9.58 -5.33
N VAL A 20 13.93 -9.78 -6.00
CA VAL A 20 15.20 -9.33 -5.45
C VAL A 20 15.41 -7.84 -5.67
N ILE A 21 14.88 -7.29 -6.75
CA ILE A 21 15.04 -5.88 -7.06
C ILE A 21 14.02 -5.06 -6.27
N ASN A 22 14.36 -3.80 -6.00
CA ASN A 22 13.50 -2.92 -5.22
C ASN A 22 12.33 -2.42 -6.07
N ASP A 23 11.48 -1.61 -5.46
CA ASP A 23 10.28 -1.12 -6.14
C ASP A 23 10.62 -0.18 -7.30
N TYR A 24 11.67 0.61 -7.15
CA TYR A 24 12.07 1.52 -8.23
C TYR A 24 12.46 0.73 -9.48
N HIS A 25 13.31 -0.28 -9.31
CA HIS A 25 13.72 -1.10 -10.44
C HIS A 25 12.56 -1.92 -10.98
N PHE A 26 11.63 -2.35 -10.11
CA PHE A 26 10.45 -3.07 -10.58
C PHE A 26 9.58 -2.18 -11.45
N ARG A 27 9.38 -0.92 -11.05
CA ARG A 27 8.64 0.01 -11.87
C ARG A 27 9.34 0.26 -13.19
N MET A 28 10.68 0.36 -13.16
CA MET A 28 11.43 0.52 -14.40
C MET A 28 11.23 -0.68 -15.32
N VAL A 29 11.26 -1.90 -14.78
CA VAL A 29 11.05 -3.09 -15.58
C VAL A 29 9.64 -3.11 -16.16
N LYS A 30 8.64 -2.74 -15.35
CA LYS A 30 7.27 -2.71 -15.84
C LYS A 30 7.12 -1.70 -16.98
N SER A 31 7.76 -0.54 -16.85
CA SER A 31 7.69 0.45 -17.92
C SER A 31 8.37 -0.04 -19.19
N LEU A 32 9.55 -0.64 -19.06
CA LEU A 32 10.30 -1.07 -20.23
C LEU A 32 9.59 -2.19 -20.97
N LEU A 33 8.84 -3.03 -20.25
CA LEU A 33 8.12 -4.14 -20.86
C LEU A 33 6.65 -3.80 -21.14
N SER A 34 6.27 -2.53 -21.00
CA SER A 34 4.89 -2.15 -21.25
C SER A 34 4.48 -2.41 -22.69
N ASN A 35 5.34 -2.08 -23.64
CA ASN A 35 5.03 -2.34 -25.05
C ASN A 35 5.04 -3.85 -25.33
N ASP A 36 5.96 -4.58 -24.72
CA ASP A 36 6.06 -6.02 -24.95
C ASP A 36 5.03 -6.82 -24.17
N LEU A 37 4.36 -6.22 -23.19
CA LEU A 37 3.32 -6.89 -22.43
C LEU A 37 1.95 -6.26 -22.62
N LYS A 38 1.84 -5.19 -23.42
CA LYS A 38 0.58 -4.49 -23.65
C LYS A 38 -0.05 -4.02 -22.34
N LEU A 39 0.79 -3.45 -21.47
CA LEU A 39 0.33 -2.91 -20.20
C LEU A 39 -0.25 -1.52 -20.42
N ASN A 40 -1.55 -1.36 -20.19
CA ASN A 40 -2.15 -0.04 -20.25
C ASN A 40 -1.89 0.70 -18.94
N LEU A 41 -2.63 1.79 -18.76
CA LEU A 41 -2.39 2.71 -17.64
C LEU A 41 -2.57 2.02 -16.28
N LYS A 42 -3.57 1.15 -16.16
CA LYS A 42 -3.83 0.52 -14.87
C LYS A 42 -2.71 -0.42 -14.47
N MET A 43 -2.30 -1.33 -15.38
CA MET A 43 -1.29 -2.32 -15.04
C MET A 43 0.06 -1.69 -14.73
N ARG A 44 0.34 -0.52 -15.28
CA ARG A 44 1.65 0.10 -15.07
C ARG A 44 1.86 0.45 -13.60
N GLU A 45 0.83 0.95 -12.93
CA GLU A 45 0.93 1.35 -11.53
C GLU A 45 0.15 0.43 -10.59
N GLU A 46 -0.38 -0.69 -11.09
CA GLU A 46 -1.15 -1.58 -10.23
C GLU A 46 -0.55 -2.98 -10.14
N TYR A 47 -0.07 -3.51 -11.26
CA TYR A 47 0.46 -4.88 -11.26
C TYR A 47 1.68 -4.99 -10.36
N ASP A 48 1.72 -6.06 -9.58
CA ASP A 48 2.86 -6.36 -8.73
C ASP A 48 3.70 -7.46 -9.36
N LYS A 49 4.72 -7.94 -8.64
CA LYS A 49 5.68 -8.86 -9.22
C LYS A 49 5.03 -10.20 -9.60
N ILE A 50 4.12 -10.70 -8.77
CA ILE A 50 3.47 -11.97 -9.06
C ILE A 50 2.69 -11.93 -10.37
N GLN A 51 1.86 -10.90 -10.56
CA GLN A 51 1.07 -10.77 -11.78
C GLN A 51 1.92 -10.43 -12.99
N ILE A 52 2.98 -9.63 -12.81
CA ILE A 52 3.89 -9.32 -13.92
C ILE A 52 4.60 -10.58 -14.40
N ALA A 53 5.05 -11.42 -13.46
CA ALA A 53 5.71 -12.67 -13.84
C ALA A 53 4.74 -13.59 -14.59
N ASP A 54 3.51 -13.69 -14.12
CA ASP A 54 2.52 -14.51 -14.82
C ASP A 54 2.24 -13.98 -16.21
N LEU A 55 2.13 -12.66 -16.35
CA LEU A 55 1.90 -12.09 -17.67
C LEU A 55 3.07 -12.34 -18.61
N MET A 56 4.30 -12.21 -18.11
CA MET A 56 5.46 -12.52 -18.95
C MET A 56 5.47 -13.98 -19.36
N GLU A 57 5.16 -14.89 -18.44
CA GLU A 57 5.10 -16.30 -18.81
C GLU A 57 4.03 -16.55 -19.86
N GLU A 58 2.88 -15.86 -19.74
CA GLU A 58 1.82 -16.01 -20.74
C GLU A 58 2.26 -15.50 -22.10
N LYS A 59 2.96 -14.36 -22.14
CA LYS A 59 3.29 -13.72 -23.41
C LYS A 59 4.71 -13.99 -23.89
N PHE A 60 5.56 -14.57 -23.05
CA PHE A 60 6.94 -14.92 -23.42
C PHE A 60 7.21 -16.38 -23.13
N ARG A 61 6.31 -17.25 -23.59
CA ARG A 61 6.34 -18.66 -23.24
C ARG A 61 7.66 -19.33 -23.61
N GLY A 62 8.38 -18.79 -24.60
CA GLY A 62 9.66 -19.37 -24.96
C GLY A 62 10.65 -19.39 -23.80
N ASP A 63 10.70 -18.30 -23.03
CA ASP A 63 11.61 -18.23 -21.89
C ASP A 63 10.98 -17.61 -20.65
N ALA A 64 9.65 -17.43 -20.63
CA ALA A 64 8.94 -16.85 -19.49
C ALA A 64 9.46 -15.46 -19.14
N GLY A 65 10.04 -14.76 -20.12
CA GLY A 65 10.55 -13.43 -19.91
C GLY A 65 11.88 -13.35 -19.19
N LEU A 66 12.50 -14.49 -18.87
CA LEU A 66 13.77 -14.47 -18.16
C LEU A 66 14.87 -13.83 -19.01
N GLY A 67 14.90 -14.15 -20.30
CA GLY A 67 15.91 -13.57 -21.18
C GLY A 67 15.74 -12.05 -21.31
N LYS A 68 14.51 -11.60 -21.55
CA LYS A 68 14.27 -10.18 -21.66
C LYS A 68 14.56 -9.46 -20.34
N LEU A 69 14.23 -10.10 -19.21
CA LEU A 69 14.60 -9.53 -17.92
C LEU A 69 16.12 -9.43 -17.78
N ILE A 70 16.85 -10.41 -18.28
CA ILE A 70 18.31 -10.37 -18.23
C ILE A 70 18.84 -9.21 -19.05
N LYS A 71 18.31 -9.03 -20.26
CA LYS A 71 18.73 -7.89 -21.08
C LYS A 71 18.37 -6.55 -20.43
N ILE A 72 17.23 -6.47 -19.75
CA ILE A 72 16.90 -5.25 -19.01
C ILE A 72 17.90 -5.03 -17.89
N PHE A 73 18.22 -6.07 -17.13
CA PHE A 73 19.12 -5.95 -15.99
C PHE A 73 20.55 -5.65 -16.42
N GLU A 74 20.93 -6.01 -17.65
CA GLU A 74 22.27 -5.72 -18.12
C GLU A 74 22.54 -4.23 -18.18
N ASP A 75 21.57 -3.46 -18.68
CA ASP A 75 21.74 -2.02 -18.80
C ASP A 75 21.60 -1.29 -17.49
N ILE A 76 21.09 -1.93 -16.44
CA ILE A 76 20.96 -1.32 -15.13
C ILE A 76 22.29 -1.51 -14.39
N PRO A 77 23.03 -0.44 -14.09
CA PRO A 77 24.33 -0.61 -13.42
C PRO A 77 24.22 -1.28 -12.05
N THR A 78 23.14 -1.04 -11.32
CA THR A 78 22.99 -1.63 -9.99
C THR A 78 22.76 -3.13 -10.06
N LEU A 79 22.06 -3.60 -11.09
CA LEU A 79 21.61 -4.98 -11.16
C LEU A 79 22.43 -5.83 -12.14
N GLU A 80 23.66 -5.42 -12.44
CA GLU A 80 24.52 -6.25 -13.30
C GLU A 80 24.84 -7.58 -12.64
N ASP A 81 25.12 -7.56 -11.33
CA ASP A 81 25.38 -8.80 -10.61
C ASP A 81 24.15 -9.72 -10.63
N LEU A 82 22.96 -9.15 -10.46
CA LEU A 82 21.75 -9.96 -10.53
C LEU A 82 21.52 -10.50 -11.94
N ALA A 83 21.88 -9.72 -12.97
CA ALA A 83 21.80 -10.22 -14.34
C ALA A 83 22.72 -11.42 -14.53
N GLU A 84 23.95 -11.33 -14.02
CA GLU A 84 24.86 -12.46 -14.11
C GLU A 84 24.33 -13.67 -13.35
N THR A 85 23.73 -13.43 -12.17
CA THR A 85 23.15 -14.54 -11.41
C THR A 85 22.00 -15.19 -12.16
N LEU A 86 21.15 -14.39 -12.81
CA LEU A 86 20.06 -14.92 -13.60
C LEU A 86 20.57 -15.70 -14.80
N LYS A 87 21.63 -15.22 -15.44
CA LYS A 87 22.25 -15.97 -16.52
C LYS A 87 22.78 -17.31 -16.03
N LYS A 88 23.42 -17.32 -14.87
CA LYS A 88 23.92 -18.58 -14.30
C LYS A 88 22.77 -19.53 -14.00
N GLU A 89 21.67 -19.01 -13.46
CA GLU A 89 20.51 -19.85 -13.18
C GLU A 89 19.93 -20.43 -14.46
N LYS A 90 19.82 -19.62 -15.51
CA LYS A 90 19.31 -20.11 -16.78
C LYS A 90 20.21 -21.19 -17.37
N LEU A 91 21.53 -20.99 -17.28
CA LEU A 91 22.46 -22.01 -17.75
C LEU A 91 22.32 -23.30 -16.93
N LYS A 92 22.09 -23.16 -15.62
CA LYS A 92 21.86 -24.34 -14.79
C LYS A 92 20.61 -25.08 -15.22
N VAL A 93 19.54 -24.36 -15.52
CA VAL A 93 18.30 -24.99 -15.96
C VAL A 93 18.22 -24.97 -17.48
N LYS B 8 33.51 -8.72 8.56
CA LYS B 8 33.29 -7.45 9.23
C LYS B 8 34.19 -6.36 8.65
N TYR B 9 34.61 -6.47 7.39
CA TYR B 9 35.41 -5.39 6.80
C TYR B 9 34.57 -4.19 6.34
N LYS B 10 33.30 -4.40 6.04
CA LYS B 10 32.46 -3.27 5.64
C LYS B 10 32.37 -2.30 6.79
N ASN B 11 32.39 -2.82 8.02
CA ASN B 11 32.28 -1.96 9.18
C ASN B 11 33.49 -1.04 9.27
N ILE B 12 34.67 -1.53 8.96
CA ILE B 12 35.86 -0.72 9.01
C ILE B 12 35.84 0.30 7.91
N VAL B 13 35.58 -0.13 6.69
CA VAL B 13 35.63 0.78 5.55
C VAL B 13 34.54 1.85 5.64
N LEU B 14 33.49 1.61 6.40
CA LEU B 14 32.38 2.56 6.49
C LEU B 14 32.46 3.44 7.74
N LEU B 15 32.85 2.85 8.87
CA LEU B 15 32.86 3.60 10.13
C LEU B 15 34.20 4.27 10.38
N LYS B 16 35.29 3.50 10.34
CA LYS B 16 36.62 4.07 10.47
C LYS B 16 37.16 4.61 9.16
N GLY B 17 36.41 4.49 8.07
CA GLY B 17 36.89 4.90 6.76
C GLY B 17 36.19 6.12 6.20
N LEU B 18 35.21 5.89 5.33
CA LEU B 18 34.61 6.98 4.55
C LEU B 18 33.90 8.01 5.42
N GLU B 19 33.51 7.63 6.63
CA GLU B 19 32.74 8.53 7.48
C GLU B 19 33.62 9.40 8.34
N VAL B 20 34.91 9.08 8.39
CA VAL B 20 35.84 9.91 9.13
C VAL B 20 36.29 11.01 8.21
N ILE B 21 36.37 10.72 6.92
CA ILE B 21 36.80 11.73 5.96
C ILE B 21 35.70 12.73 5.66
N ASN B 22 36.08 13.96 5.32
CA ASN B 22 35.09 14.97 4.98
C ASN B 22 34.52 14.73 3.58
N ASP B 23 33.67 15.65 3.14
CA ASP B 23 32.96 15.47 1.87
C ASP B 23 33.92 15.57 0.69
N TYR B 24 34.91 16.47 0.75
CA TYR B 24 35.86 16.61 -0.35
C TYR B 24 36.67 15.34 -0.54
N HIS B 25 37.17 14.76 0.57
CA HIS B 25 37.92 13.51 0.46
C HIS B 25 37.02 12.35 0.04
N PHE B 26 35.75 12.37 0.44
CA PHE B 26 34.83 11.33 -0.03
C PHE B 26 34.60 11.43 -1.53
N ARG B 27 34.46 12.65 -2.05
CA ARG B 27 34.35 12.83 -3.49
C ARG B 27 35.62 12.37 -4.19
N MET B 28 36.79 12.65 -3.59
CA MET B 28 38.05 12.17 -4.16
C MET B 28 38.08 10.64 -4.20
N VAL B 29 37.64 9.99 -3.13
CA VAL B 29 37.63 8.53 -3.08
C VAL B 29 36.67 7.97 -4.13
N LYS B 30 35.49 8.59 -4.26
CA LYS B 30 34.53 8.15 -5.26
C LYS B 30 35.11 8.29 -6.66
N SER B 31 35.81 9.40 -6.92
CA SER B 31 36.46 9.58 -8.22
C SER B 31 37.51 8.51 -8.47
N LEU B 32 38.40 8.28 -7.50
CA LEU B 32 39.52 7.37 -7.72
C LEU B 32 39.06 5.94 -7.93
N LEU B 33 38.02 5.52 -7.22
CA LEU B 33 37.48 4.17 -7.35
C LEU B 33 36.40 4.06 -8.40
N SER B 34 36.22 5.09 -9.24
CA SER B 34 35.17 5.07 -10.25
C SER B 34 35.41 3.96 -11.27
N ASN B 35 36.65 3.83 -11.76
CA ASN B 35 36.95 2.80 -12.73
C ASN B 35 36.84 1.41 -12.11
N ASP B 36 37.25 1.28 -10.85
CA ASP B 36 37.21 -0.01 -10.16
C ASP B 36 35.84 -0.35 -9.61
N LEU B 37 34.89 0.59 -9.64
CA LEU B 37 33.53 0.34 -9.20
C LEU B 37 32.50 0.56 -10.30
N LYS B 38 32.93 0.97 -11.49
CA LYS B 38 32.02 1.24 -12.62
C LYS B 38 30.95 2.25 -12.23
N LEU B 39 31.39 3.41 -11.74
CA LEU B 39 30.47 4.48 -11.36
C LEU B 39 30.21 5.37 -12.57
N ASN B 40 28.95 5.49 -12.95
CA ASN B 40 28.59 6.37 -14.05
C ASN B 40 28.50 7.81 -13.56
N LEU B 41 27.96 8.68 -14.42
CA LEU B 41 27.86 10.10 -14.08
C LEU B 41 26.94 10.32 -12.90
N LYS B 42 25.84 9.56 -12.82
CA LYS B 42 24.91 9.70 -11.71
C LYS B 42 25.57 9.33 -10.39
N MET B 43 26.24 8.17 -10.35
CA MET B 43 26.86 7.70 -9.11
C MET B 43 28.05 8.55 -8.69
N ARG B 44 28.60 9.37 -9.58
CA ARG B 44 29.69 10.26 -9.21
C ARG B 44 29.24 11.26 -8.14
N GLU B 45 28.05 11.82 -8.30
CA GLU B 45 27.56 12.88 -7.44
C GLU B 45 26.36 12.48 -6.60
N GLU B 46 25.83 11.27 -6.77
CA GLU B 46 24.64 10.86 -6.04
C GLU B 46 24.91 9.87 -4.92
N TYR B 47 25.80 8.90 -5.13
CA TYR B 47 26.05 7.87 -4.13
C TYR B 47 26.75 8.46 -2.91
N ASP B 48 26.19 8.21 -1.74
CA ASP B 48 26.80 8.62 -0.48
C ASP B 48 27.66 7.47 0.05
N LYS B 49 28.09 7.59 1.31
CA LYS B 49 29.08 6.67 1.86
C LYS B 49 28.52 5.26 2.02
N ILE B 50 27.25 5.14 2.40
CA ILE B 50 26.65 3.82 2.58
C ILE B 50 26.62 3.06 1.26
N GLN B 51 26.12 3.69 0.21
CA GLN B 51 26.03 3.03 -1.08
C GLN B 51 27.41 2.71 -1.64
N ILE B 52 28.37 3.61 -1.44
CA ILE B 52 29.72 3.39 -1.96
C ILE B 52 30.39 2.23 -1.22
N ALA B 53 30.22 2.16 0.10
CA ALA B 53 30.77 1.05 0.86
C ALA B 53 30.12 -0.27 0.46
N ASP B 54 28.80 -0.25 0.25
CA ASP B 54 28.11 -1.46 -0.19
C ASP B 54 28.63 -1.91 -1.56
N LEU B 55 28.85 -0.95 -2.46
CA LEU B 55 29.38 -1.29 -3.78
C LEU B 55 30.79 -1.86 -3.67
N MET B 56 31.61 -1.30 -2.78
CA MET B 56 32.93 -1.89 -2.53
C MET B 56 32.80 -3.33 -2.05
N GLU B 57 31.90 -3.59 -1.12
CA GLU B 57 31.73 -4.96 -0.63
C GLU B 57 31.29 -5.89 -1.76
N GLU B 58 30.35 -5.42 -2.60
CA GLU B 58 29.88 -6.26 -3.69
C GLU B 58 30.97 -6.55 -4.71
N LYS B 59 31.80 -5.56 -5.04
CA LYS B 59 32.79 -5.72 -6.10
C LYS B 59 34.20 -6.03 -5.61
N PHE B 60 34.47 -5.87 -4.32
CA PHE B 60 35.80 -6.09 -3.75
C PHE B 60 35.72 -7.07 -2.59
N ARG B 61 35.07 -8.22 -2.83
CA ARG B 61 34.76 -9.15 -1.76
C ARG B 61 35.99 -9.65 -1.02
N GLY B 62 37.17 -9.56 -1.63
CA GLY B 62 38.39 -10.02 -0.97
C GLY B 62 38.65 -9.29 0.33
N ASP B 63 38.51 -7.96 0.32
CA ASP B 63 38.74 -7.16 1.53
C ASP B 63 37.73 -6.04 1.68
N ALA B 64 36.60 -6.09 0.97
CA ALA B 64 35.57 -5.05 1.01
C ALA B 64 36.13 -3.68 0.64
N GLY B 65 37.17 -3.66 -0.18
CA GLY B 65 37.78 -2.41 -0.61
C GLY B 65 38.67 -1.74 0.42
N LEU B 66 38.91 -2.40 1.56
CA LEU B 66 39.73 -1.77 2.60
C LEU B 66 41.16 -1.56 2.14
N GLY B 67 41.72 -2.53 1.42
CA GLY B 67 43.09 -2.38 0.93
C GLY B 67 43.24 -1.24 -0.03
N LYS B 68 42.32 -1.14 -1.01
CA LYS B 68 42.38 -0.04 -1.97
C LYS B 68 42.09 1.30 -1.31
N LEU B 69 41.18 1.32 -0.33
CA LEU B 69 40.93 2.56 0.40
C LEU B 69 42.17 3.00 1.17
N ILE B 70 42.88 2.05 1.78
CA ILE B 70 44.12 2.38 2.49
C ILE B 70 45.17 2.90 1.51
N LYS B 71 45.28 2.25 0.34
CA LYS B 71 46.22 2.72 -0.67
C LYS B 71 45.90 4.14 -1.13
N ILE B 72 44.61 4.44 -1.29
CA ILE B 72 44.18 5.79 -1.65
C ILE B 72 44.54 6.78 -0.54
N PHE B 73 44.26 6.40 0.71
CA PHE B 73 44.52 7.29 1.84
C PHE B 73 46.01 7.53 2.05
N GLU B 74 46.86 6.61 1.59
CA GLU B 74 48.30 6.78 1.74
C GLU B 74 48.77 8.01 0.98
N ASP B 75 48.26 8.23 -0.24
CA ASP B 75 48.69 9.34 -1.07
C ASP B 75 48.09 10.67 -0.64
N ILE B 76 47.13 10.67 0.27
CA ILE B 76 46.52 11.90 0.78
C ILE B 76 47.29 12.30 2.04
N PRO B 77 48.03 13.42 2.02
CA PRO B 77 48.78 13.81 3.23
C PRO B 77 47.91 14.02 4.46
N THR B 78 46.69 14.51 4.27
CA THR B 78 45.81 14.76 5.42
C THR B 78 45.36 13.46 6.07
N LEU B 79 45.20 12.38 5.29
CA LEU B 79 44.62 11.14 5.77
C LEU B 79 45.65 10.04 5.98
N GLU B 80 46.92 10.39 6.13
CA GLU B 80 47.94 9.38 6.40
C GLU B 80 47.72 8.72 7.76
N ASP B 81 47.36 9.51 8.77
CA ASP B 81 47.06 8.95 10.09
C ASP B 81 45.86 8.01 10.02
N LEU B 82 44.83 8.39 9.26
CA LEU B 82 43.68 7.51 9.11
C LEU B 82 44.04 6.25 8.35
N ALA B 83 44.96 6.35 7.38
CA ALA B 83 45.43 5.16 6.69
C ALA B 83 46.14 4.22 7.64
N GLU B 84 46.97 4.76 8.52
CA GLU B 84 47.64 3.93 9.53
C GLU B 84 46.62 3.29 10.47
N THR B 85 45.60 4.06 10.87
CA THR B 85 44.55 3.51 11.74
C THR B 85 43.79 2.39 11.04
N LEU B 86 43.51 2.56 9.75
CA LEU B 86 42.84 1.51 8.99
C LEU B 86 43.71 0.27 8.84
N LYS B 87 45.02 0.47 8.66
CA LYS B 87 45.93 -0.68 8.65
C LYS B 87 45.90 -1.42 9.97
N LYS B 88 45.90 -0.67 11.09
CA LYS B 88 45.81 -1.30 12.39
C LYS B 88 44.51 -2.07 12.56
N GLU B 89 43.40 -1.48 12.09
CA GLU B 89 42.11 -2.16 12.15
C GLU B 89 42.11 -3.44 11.33
N LYS B 90 42.69 -3.39 10.13
CA LYS B 90 42.78 -4.59 9.30
C LYS B 90 43.62 -5.67 9.96
N LEU B 91 44.74 -5.28 10.57
CA LEU B 91 45.56 -6.25 11.28
C LEU B 91 44.81 -6.85 12.45
N LYS B 92 44.03 -6.03 13.16
CA LYS B 92 43.22 -6.54 14.26
C LYS B 92 42.18 -7.55 13.76
N VAL B 93 41.53 -7.24 12.64
CA VAL B 93 40.52 -8.13 12.08
C VAL B 93 41.05 -8.79 10.81
N LYS C 8 12.01 0.08 -29.41
CA LYS C 8 12.93 -0.08 -28.29
C LYS C 8 13.64 1.24 -27.99
N TYR C 9 13.05 2.35 -28.46
CA TYR C 9 13.65 3.66 -28.19
C TYR C 9 13.57 4.04 -26.73
N LYS C 10 12.51 3.62 -26.03
CA LYS C 10 12.39 3.97 -24.61
C LYS C 10 13.46 3.27 -23.77
N ASN C 11 13.93 2.10 -24.21
CA ASN C 11 15.04 1.44 -23.53
C ASN C 11 16.31 2.29 -23.58
N ILE C 12 16.45 3.11 -24.61
CA ILE C 12 17.64 3.94 -24.74
C ILE C 12 17.50 5.24 -23.93
N VAL C 13 16.36 5.91 -24.06
CA VAL C 13 16.16 7.19 -23.39
C VAL C 13 16.13 7.03 -21.88
N LEU C 14 15.83 5.83 -21.38
CA LEU C 14 15.74 5.59 -19.94
C LEU C 14 17.04 4.99 -19.38
N LEU C 15 17.46 3.83 -19.88
CA LEU C 15 18.63 3.16 -19.33
C LEU C 15 19.92 3.91 -19.65
N LYS C 16 20.09 4.28 -20.92
CA LYS C 16 21.27 5.00 -21.35
C LYS C 16 21.09 6.51 -21.30
N GLY C 17 19.90 6.98 -20.90
CA GLY C 17 19.61 8.39 -20.84
C GLY C 17 19.45 8.93 -19.43
N LEU C 18 18.19 9.04 -18.99
CA LEU C 18 17.90 9.67 -17.70
C LEU C 18 18.52 8.94 -16.52
N GLU C 19 18.83 7.64 -16.66
CA GLU C 19 19.38 6.88 -15.55
C GLU C 19 20.89 7.04 -15.43
N VAL C 20 21.54 7.75 -16.33
CA VAL C 20 22.99 7.96 -16.27
C VAL C 20 23.27 9.35 -15.72
N ILE C 21 22.35 10.28 -15.96
CA ILE C 21 22.51 11.65 -15.48
C ILE C 21 22.06 11.75 -14.03
N ASN C 22 22.66 12.69 -13.30
CA ASN C 22 22.38 12.87 -11.90
C ASN C 22 21.03 13.57 -11.70
N ASP C 23 20.68 13.84 -10.45
CA ASP C 23 19.37 14.41 -10.13
C ASP C 23 19.24 15.82 -10.69
N TYR C 24 20.31 16.61 -10.63
CA TYR C 24 20.24 17.98 -11.14
C TYR C 24 19.95 18.01 -12.63
N HIS C 25 20.65 17.16 -13.39
CA HIS C 25 20.41 17.10 -14.83
C HIS C 25 19.05 16.52 -15.15
N PHE C 26 18.55 15.60 -14.32
CA PHE C 26 17.20 15.10 -14.52
C PHE C 26 16.16 16.19 -14.29
N ARG C 27 16.35 17.01 -13.26
CA ARG C 27 15.44 18.13 -13.04
C ARG C 27 15.53 19.12 -14.20
N MET C 28 16.73 19.30 -14.74
CA MET C 28 16.89 20.15 -15.92
C MET C 28 16.12 19.59 -17.12
N VAL C 29 16.19 18.27 -17.34
CA VAL C 29 15.46 17.66 -18.44
C VAL C 29 13.97 17.84 -18.24
N LYS C 30 13.50 17.65 -17.01
CA LYS C 30 12.08 17.84 -16.71
C LYS C 30 11.65 19.27 -16.95
N SER C 31 12.48 20.24 -16.55
CA SER C 31 12.11 21.65 -16.70
C SER C 31 12.13 22.07 -18.16
N LEU C 32 13.14 21.63 -18.92
CA LEU C 32 13.22 22.02 -20.34
C LEU C 32 12.11 21.37 -21.15
N LEU C 33 11.70 20.17 -20.78
CA LEU C 33 10.63 19.45 -21.47
C LEU C 33 9.26 19.71 -20.85
N SER C 34 9.15 20.69 -19.94
CA SER C 34 7.87 20.96 -19.30
C SER C 34 6.82 21.42 -20.32
N ASN C 35 7.21 22.29 -21.24
CA ASN C 35 6.27 22.75 -22.26
C ASN C 35 5.94 21.64 -23.25
N ASP C 36 6.94 20.83 -23.62
CA ASP C 36 6.73 19.76 -24.58
C ASP C 36 6.04 18.53 -23.99
N LEU C 37 5.92 18.46 -22.67
CA LEU C 37 5.24 17.35 -22.02
C LEU C 37 4.04 17.79 -21.18
N LYS C 38 3.76 19.10 -21.13
CA LYS C 38 2.63 19.64 -20.36
C LYS C 38 2.70 19.21 -18.90
N LEU C 39 3.89 19.31 -18.31
CA LEU C 39 4.09 19.01 -16.90
C LEU C 39 3.66 20.21 -16.06
N ASN C 40 2.72 20.00 -15.15
CA ASN C 40 2.24 21.07 -14.28
C ASN C 40 3.23 21.24 -13.12
N LEU C 41 2.82 21.98 -12.10
CA LEU C 41 3.69 22.23 -10.95
C LEU C 41 4.02 20.92 -10.22
N LYS C 42 3.02 20.04 -10.07
CA LYS C 42 3.26 18.78 -9.38
C LYS C 42 4.23 17.90 -10.17
N MET C 43 4.01 17.78 -11.49
CA MET C 43 4.78 16.85 -12.29
C MET C 43 6.26 17.22 -12.33
N ARG C 44 6.59 18.51 -12.25
CA ARG C 44 7.98 18.93 -12.28
C ARG C 44 8.75 18.42 -11.08
N GLU C 45 8.14 18.46 -9.89
CA GLU C 45 8.82 18.08 -8.66
C GLU C 45 8.48 16.68 -8.18
N GLU C 46 7.63 15.93 -8.89
CA GLU C 46 7.27 14.59 -8.45
C GLU C 46 7.72 13.50 -9.41
N TYR C 47 7.51 13.66 -10.71
CA TYR C 47 7.80 12.58 -11.65
C TYR C 47 9.27 12.20 -11.63
N ASP C 48 9.53 10.90 -11.56
CA ASP C 48 10.88 10.37 -11.63
C ASP C 48 11.19 9.92 -13.06
N LYS C 49 12.34 9.27 -13.24
CA LYS C 49 12.82 8.98 -14.58
C LYS C 49 11.91 8.00 -15.31
N ILE C 50 11.37 7.01 -14.60
CA ILE C 50 10.49 6.03 -15.24
C ILE C 50 9.25 6.72 -15.80
N GLN C 51 8.58 7.50 -14.97
CA GLN C 51 7.34 8.15 -15.40
C GLN C 51 7.60 9.24 -16.45
N ILE C 52 8.72 9.95 -16.32
CA ILE C 52 9.06 10.96 -17.32
C ILE C 52 9.34 10.31 -18.68
N ALA C 53 10.08 9.20 -18.68
CA ALA C 53 10.34 8.48 -19.92
C ALA C 53 9.06 7.93 -20.52
N ASP C 54 8.16 7.39 -19.68
CA ASP C 54 6.89 6.90 -20.17
C ASP C 54 6.06 8.03 -20.78
N LEU C 55 6.05 9.20 -20.14
CA LEU C 55 5.32 10.33 -20.70
C LEU C 55 5.93 10.79 -22.02
N MET C 56 7.27 10.77 -22.12
CA MET C 56 7.90 11.08 -23.40
C MET C 56 7.44 10.10 -24.47
N GLU C 57 7.49 8.80 -24.19
CA GLU C 57 7.07 7.82 -25.19
C GLU C 57 5.61 8.01 -25.57
N GLU C 58 4.77 8.40 -24.60
CA GLU C 58 3.36 8.65 -24.89
C GLU C 58 3.19 9.85 -25.81
N LYS C 59 3.92 10.93 -25.57
CA LYS C 59 3.73 12.18 -26.30
C LYS C 59 4.73 12.38 -27.43
N PHE C 60 5.79 11.58 -27.50
CA PHE C 60 6.83 11.70 -28.51
C PHE C 60 7.01 10.37 -29.24
N ARG C 61 5.90 9.81 -29.72
CA ARG C 61 5.91 8.45 -30.26
C ARG C 61 6.86 8.29 -31.44
N GLY C 62 7.23 9.38 -32.10
CA GLY C 62 8.14 9.26 -33.23
C GLY C 62 9.49 8.66 -32.85
N ASP C 63 10.06 9.13 -31.73
CA ASP C 63 11.34 8.62 -31.28
C ASP C 63 11.40 8.44 -29.76
N ALA C 64 10.26 8.40 -29.09
CA ALA C 64 10.19 8.24 -27.63
C ALA C 64 10.95 9.35 -26.91
N GLY C 65 11.06 10.52 -27.53
CA GLY C 65 11.76 11.63 -26.93
C GLY C 65 13.27 11.55 -26.98
N LEU C 66 13.83 10.54 -27.64
CA LEU C 66 15.29 10.40 -27.69
C LEU C 66 15.94 11.57 -28.42
N GLY C 67 15.32 12.03 -29.51
CA GLY C 67 15.90 13.13 -30.25
C GLY C 67 15.95 14.41 -29.45
N LYS C 68 14.85 14.75 -28.77
CA LYS C 68 14.84 15.96 -27.95
C LYS C 68 15.76 15.82 -26.74
N LEU C 69 15.86 14.63 -26.16
CA LEU C 69 16.81 14.42 -25.07
C LEU C 69 18.24 14.62 -25.56
N ILE C 70 18.55 14.13 -26.76
CA ILE C 70 19.89 14.32 -27.31
C ILE C 70 20.16 15.80 -27.56
N LYS C 71 19.17 16.52 -28.09
CA LYS C 71 19.34 17.96 -28.32
C LYS C 71 19.55 18.69 -27.00
N ILE C 72 18.84 18.29 -25.94
CA ILE C 72 19.03 18.89 -24.63
C ILE C 72 20.44 18.60 -24.11
N PHE C 73 20.88 17.35 -24.25
CA PHE C 73 22.20 16.96 -23.76
C PHE C 73 23.33 17.61 -24.55
N GLU C 74 23.08 18.02 -25.79
CA GLU C 74 24.12 18.67 -26.57
C GLU C 74 24.59 19.97 -25.93
N ASP C 75 23.64 20.78 -25.44
CA ASP C 75 23.97 22.09 -24.90
C ASP C 75 24.58 22.01 -23.51
N ILE C 76 24.40 20.90 -22.80
CA ILE C 76 24.99 20.73 -21.47
C ILE C 76 26.42 20.24 -21.64
N PRO C 77 27.42 21.03 -21.22
CA PRO C 77 28.81 20.61 -21.42
C PRO C 77 29.17 19.31 -20.73
N THR C 78 28.56 19.04 -19.57
CA THR C 78 28.90 17.82 -18.84
C THR C 78 28.41 16.57 -19.56
N LEU C 79 27.28 16.66 -20.27
CA LEU C 79 26.63 15.49 -20.85
C LEU C 79 26.85 15.39 -22.36
N GLU C 80 27.88 16.04 -22.90
CA GLU C 80 28.15 15.93 -24.33
C GLU C 80 28.55 14.50 -24.71
N ASP C 81 29.37 13.85 -23.88
CA ASP C 81 29.74 12.47 -24.14
C ASP C 81 28.52 11.56 -24.12
N LEU C 82 27.61 11.78 -23.17
CA LEU C 82 26.39 10.98 -23.12
C LEU C 82 25.51 11.26 -24.33
N ALA C 83 25.49 12.51 -24.81
CA ALA C 83 24.76 12.82 -26.03
C ALA C 83 25.32 12.07 -27.22
N GLU C 84 26.64 12.01 -27.33
CA GLU C 84 27.26 11.24 -28.42
C GLU C 84 26.93 9.75 -28.29
N THR C 85 26.95 9.23 -27.05
CA THR C 85 26.61 7.83 -26.83
C THR C 85 25.16 7.56 -27.23
N LEU C 86 24.25 8.47 -26.90
CA LEU C 86 22.85 8.31 -27.29
C LEU C 86 22.68 8.40 -28.79
N LYS C 87 23.45 9.26 -29.46
CA LYS C 87 23.42 9.30 -30.92
C LYS C 87 23.88 7.97 -31.50
N LYS C 88 24.94 7.39 -30.94
CA LYS C 88 25.40 6.09 -31.41
C LYS C 88 24.36 5.01 -31.18
N GLU C 89 23.68 5.05 -30.03
CA GLU C 89 22.63 4.07 -29.75
C GLU C 89 21.47 4.22 -30.72
N LYS C 90 21.07 5.46 -31.03
CA LYS C 90 19.99 5.68 -31.98
C LYS C 90 20.39 5.19 -33.38
N LEU C 91 21.64 5.44 -33.77
CA LEU C 91 22.12 4.94 -35.06
C LEU C 91 22.10 3.43 -35.09
N LYS C 92 22.49 2.78 -33.99
CA LYS C 92 22.42 1.33 -33.91
C LYS C 92 20.99 0.83 -34.03
N VAL C 93 20.05 1.50 -33.38
CA VAL C 93 18.65 1.12 -33.43
C VAL C 93 17.88 2.05 -34.36
N LYS D 8 -24.90 0.45 -25.80
CA LYS D 8 -23.51 0.04 -26.01
C LYS D 8 -22.57 1.05 -25.36
N TYR D 9 -23.13 2.19 -24.94
CA TYR D 9 -22.31 3.22 -24.30
C TYR D 9 -21.66 2.73 -23.03
N LYS D 10 -22.32 1.82 -22.31
CA LYS D 10 -21.74 1.31 -21.06
C LYS D 10 -20.54 0.43 -21.33
N ASN D 11 -20.46 -0.19 -22.51
CA ASN D 11 -19.27 -0.96 -22.86
C ASN D 11 -18.04 -0.06 -22.94
N ILE D 12 -18.19 1.12 -23.54
CA ILE D 12 -17.06 2.03 -23.69
C ILE D 12 -16.65 2.62 -22.34
N VAL D 13 -17.62 3.04 -21.53
CA VAL D 13 -17.33 3.70 -20.27
C VAL D 13 -16.67 2.74 -19.29
N LEU D 14 -16.86 1.43 -19.47
CA LEU D 14 -16.29 0.45 -18.55
C LEU D 14 -14.98 -0.14 -19.10
N LEU D 15 -15.03 -0.74 -20.29
CA LEU D 15 -13.85 -1.42 -20.82
C LEU D 15 -12.77 -0.41 -21.23
N LYS D 16 -13.16 0.61 -21.98
CA LYS D 16 -12.22 1.65 -22.40
C LYS D 16 -12.17 2.83 -21.44
N GLY D 17 -12.94 2.78 -20.36
CA GLY D 17 -13.00 3.88 -19.41
C GLY D 17 -12.40 3.55 -18.07
N LEU D 18 -13.25 3.19 -17.11
CA LEU D 18 -12.81 3.00 -15.73
C LEU D 18 -11.81 1.85 -15.58
N GLU D 19 -11.75 0.93 -16.53
CA GLU D 19 -10.89 -0.24 -16.41
C GLU D 19 -9.49 -0.01 -17.00
N VAL D 20 -9.22 1.17 -17.54
CA VAL D 20 -7.89 1.49 -18.05
C VAL D 20 -7.18 2.35 -17.03
N ILE D 21 -7.93 3.20 -16.33
CA ILE D 21 -7.38 4.06 -15.29
C ILE D 21 -7.15 3.25 -14.02
N ASN D 22 -6.17 3.68 -13.23
CA ASN D 22 -5.76 2.96 -12.04
C ASN D 22 -6.74 3.22 -10.89
N ASP D 23 -6.45 2.62 -9.73
CA ASP D 23 -7.34 2.73 -8.58
C ASP D 23 -7.41 4.15 -8.04
N TYR D 24 -6.30 4.89 -8.08
CA TYR D 24 -6.30 6.27 -7.61
C TYR D 24 -7.25 7.13 -8.45
N HIS D 25 -7.12 7.04 -9.77
CA HIS D 25 -8.03 7.79 -10.64
C HIS D 25 -9.46 7.28 -10.53
N PHE D 26 -9.64 5.98 -10.26
CA PHE D 26 -11.00 5.46 -10.09
C PHE D 26 -11.65 6.04 -8.84
N ARG D 27 -10.91 6.10 -7.74
CA ARG D 27 -11.44 6.72 -6.52
C ARG D 27 -11.74 8.19 -6.76
N MET D 28 -10.87 8.88 -7.50
CA MET D 28 -11.09 10.29 -7.77
C MET D 28 -12.33 10.50 -8.64
N VAL D 29 -12.54 9.64 -9.63
CA VAL D 29 -13.76 9.69 -10.43
C VAL D 29 -14.98 9.42 -9.57
N LYS D 30 -14.91 8.43 -8.69
CA LYS D 30 -16.03 8.13 -7.81
C LYS D 30 -16.37 9.33 -6.92
N SER D 31 -15.34 10.02 -6.41
CA SER D 31 -15.58 11.19 -5.60
C SER D 31 -16.20 12.32 -6.42
N LEU D 32 -15.67 12.60 -7.60
CA LEU D 32 -16.18 13.70 -8.41
C LEU D 32 -17.62 13.46 -8.85
N LEU D 33 -18.04 12.21 -8.94
CA LEU D 33 -19.39 11.85 -9.34
C LEU D 33 -20.28 11.48 -8.16
N SER D 34 -19.82 11.73 -6.94
CA SER D 34 -20.61 11.37 -5.77
C SER D 34 -21.93 12.15 -5.72
N ASN D 35 -21.88 13.45 -6.03
CA ASN D 35 -23.11 14.24 -6.03
C ASN D 35 -24.02 13.84 -7.19
N ASP D 36 -23.45 13.52 -8.35
CA ASP D 36 -24.24 13.17 -9.51
C ASP D 36 -24.74 11.73 -9.47
N LEU D 37 -24.21 10.89 -8.59
CA LEU D 37 -24.67 9.52 -8.44
C LEU D 37 -25.27 9.23 -7.08
N LYS D 38 -25.29 10.20 -6.17
CA LYS D 38 -25.81 10.04 -4.81
C LYS D 38 -25.14 8.86 -4.11
N LEU D 39 -23.81 8.87 -4.11
CA LEU D 39 -23.03 7.84 -3.43
C LEU D 39 -22.79 8.27 -1.98
N ASN D 40 -23.27 7.46 -1.05
CA ASN D 40 -23.05 7.72 0.37
C ASN D 40 -21.66 7.23 0.76
N LEU D 41 -21.40 7.15 2.07
CA LEU D 41 -20.08 6.76 2.55
C LEU D 41 -19.70 5.35 2.11
N LYS D 42 -20.66 4.42 2.16
CA LYS D 42 -20.36 3.04 1.77
C LYS D 42 -19.99 2.94 0.30
N MET D 43 -20.75 3.62 -0.57
CA MET D 43 -20.53 3.47 -2.00
C MET D 43 -19.19 4.07 -2.45
N ARG D 44 -18.75 5.14 -1.80
CA ARG D 44 -17.48 5.77 -2.20
C ARG D 44 -16.31 4.82 -1.99
N GLU D 45 -16.30 4.09 -0.87
CA GLU D 45 -15.19 3.22 -0.52
C GLU D 45 -15.44 1.75 -0.82
N GLU D 46 -16.60 1.40 -1.38
CA GLU D 46 -16.91 0.00 -1.65
C GLU D 46 -17.23 -0.29 -3.11
N TYR D 47 -17.92 0.59 -3.80
CA TYR D 47 -18.31 0.32 -5.18
C TYR D 47 -17.08 0.23 -6.07
N ASP D 48 -17.05 -0.80 -6.91
CA ASP D 48 -15.98 -1.00 -7.88
C ASP D 48 -16.42 -0.47 -9.24
N LYS D 49 -15.56 -0.69 -10.24
CA LYS D 49 -15.80 -0.11 -11.56
C LYS D 49 -17.07 -0.66 -12.20
N ILE D 50 -17.36 -1.94 -11.98
CA ILE D 50 -18.54 -2.55 -12.60
C ILE D 50 -19.80 -1.91 -12.06
N GLN D 51 -19.93 -1.83 -10.73
CA GLN D 51 -21.12 -1.27 -10.13
C GLN D 51 -21.21 0.23 -10.35
N ILE D 52 -20.07 0.93 -10.38
CA ILE D 52 -20.08 2.35 -10.68
C ILE D 52 -20.58 2.59 -12.10
N ALA D 53 -20.11 1.79 -13.06
CA ALA D 53 -20.58 1.92 -14.43
C ALA D 53 -22.07 1.61 -14.53
N ASP D 54 -22.53 0.58 -13.82
CA ASP D 54 -23.95 0.26 -13.82
C ASP D 54 -24.80 1.40 -13.27
N LEU D 55 -24.35 2.00 -12.16
CA LEU D 55 -25.08 3.13 -11.60
C LEU D 55 -25.06 4.33 -12.53
N MET D 56 -23.94 4.57 -13.20
CA MET D 56 -23.87 5.64 -14.19
C MET D 56 -24.85 5.41 -15.32
N GLU D 57 -24.92 4.17 -15.83
CA GLU D 57 -25.88 3.87 -16.87
C GLU D 57 -27.32 4.07 -16.39
N GLU D 58 -27.60 3.68 -15.13
CA GLU D 58 -28.94 3.85 -14.59
C GLU D 58 -29.31 5.32 -14.48
N LYS D 59 -28.41 6.15 -13.98
CA LYS D 59 -28.73 7.56 -13.69
C LYS D 59 -28.33 8.52 -14.79
N PHE D 60 -27.63 8.06 -15.82
CA PHE D 60 -27.19 8.91 -16.93
C PHE D 60 -27.64 8.29 -18.26
N ARG D 61 -28.93 7.95 -18.35
CA ARG D 61 -29.43 7.18 -19.49
C ARG D 61 -29.20 7.88 -20.82
N GLY D 62 -28.99 9.19 -20.82
CA GLY D 62 -28.72 9.90 -22.07
C GLY D 62 -27.47 9.41 -22.76
N ASP D 63 -26.38 9.22 -21.99
CA ASP D 63 -25.13 8.76 -22.58
C ASP D 63 -24.40 7.74 -21.71
N ALA D 64 -25.10 7.13 -20.74
CA ALA D 64 -24.52 6.13 -19.84
C ALA D 64 -23.33 6.67 -19.07
N GLY D 65 -23.28 7.99 -18.88
CA GLY D 65 -22.22 8.62 -18.13
C GLY D 65 -20.91 8.77 -18.88
N LEU D 66 -20.86 8.40 -20.16
CA LEU D 66 -19.62 8.52 -20.91
C LEU D 66 -19.19 9.97 -21.03
N GLY D 67 -20.14 10.88 -21.29
CA GLY D 67 -19.78 12.28 -21.47
C GLY D 67 -19.19 12.89 -20.22
N LYS D 68 -19.82 12.67 -19.07
CA LYS D 68 -19.29 13.23 -17.83
C LYS D 68 -17.95 12.60 -17.48
N LEU D 69 -17.75 11.32 -17.82
CA LEU D 69 -16.44 10.72 -17.64
C LEU D 69 -15.40 11.41 -18.51
N ILE D 70 -15.76 11.76 -19.74
CA ILE D 70 -14.83 12.44 -20.63
C ILE D 70 -14.47 13.84 -20.10
N LYS D 71 -15.47 14.60 -19.65
CA LYS D 71 -15.17 15.90 -19.04
C LYS D 71 -14.35 15.75 -17.76
N ILE D 72 -14.55 14.68 -16.99
CA ILE D 72 -13.69 14.44 -15.83
C ILE D 72 -12.26 14.17 -16.28
N PHE D 73 -12.10 13.33 -17.30
CA PHE D 73 -10.77 12.95 -17.76
C PHE D 73 -10.04 14.12 -18.42
N GLU D 74 -10.79 15.09 -18.95
CA GLU D 74 -10.17 16.25 -19.58
C GLU D 74 -9.30 17.02 -18.61
N ASP D 75 -9.78 17.23 -17.39
CA ASP D 75 -9.05 18.00 -16.39
C ASP D 75 -7.89 17.21 -15.79
N ILE D 76 -7.85 15.90 -15.98
CA ILE D 76 -6.77 15.05 -15.45
C ILE D 76 -5.66 15.04 -16.48
N PRO D 77 -4.49 15.60 -16.19
CA PRO D 77 -3.40 15.59 -17.17
C PRO D 77 -2.94 14.20 -17.57
N THR D 78 -2.97 13.24 -16.64
CA THR D 78 -2.53 11.89 -16.96
C THR D 78 -3.47 11.20 -17.95
N LEU D 79 -4.77 11.46 -17.84
CA LEU D 79 -5.77 10.74 -18.61
C LEU D 79 -6.30 11.54 -19.79
N GLU D 80 -5.56 12.56 -20.25
CA GLU D 80 -6.00 13.33 -21.41
C GLU D 80 -6.05 12.47 -22.66
N ASP D 81 -5.04 11.61 -22.86
CA ASP D 81 -5.05 10.72 -24.01
C ASP D 81 -6.24 9.75 -23.95
N LEU D 82 -6.55 9.24 -22.77
CA LEU D 82 -7.72 8.37 -22.64
C LEU D 82 -9.01 9.14 -22.88
N ALA D 83 -9.06 10.42 -22.48
CA ALA D 83 -10.23 11.24 -22.79
C ALA D 83 -10.40 11.40 -24.30
N GLU D 84 -9.30 11.63 -25.01
CA GLU D 84 -9.37 11.70 -26.47
C GLU D 84 -9.81 10.38 -27.07
N THR D 85 -9.32 9.26 -26.53
CA THR D 85 -9.73 7.96 -27.02
C THR D 85 -11.22 7.73 -26.79
N LEU D 86 -11.73 8.14 -25.63
CA LEU D 86 -13.16 8.00 -25.34
C LEU D 86 -13.98 8.89 -26.27
N LYS D 87 -13.49 10.09 -26.58
CA LYS D 87 -14.17 10.94 -27.56
C LYS D 87 -14.23 10.25 -28.92
N LYS D 88 -13.11 9.64 -29.34
CA LYS D 88 -13.09 8.93 -30.62
C LYS D 88 -14.08 7.77 -30.62
N GLU D 89 -14.14 7.02 -29.51
CA GLU D 89 -15.08 5.92 -29.41
C GLU D 89 -16.53 6.40 -29.49
N LYS D 90 -16.84 7.51 -28.79
CA LYS D 90 -18.19 8.05 -28.82
C LYS D 90 -18.55 8.52 -30.22
N LEU D 91 -17.61 9.17 -30.91
CA LEU D 91 -17.87 9.59 -32.29
C LEU D 91 -18.08 8.38 -33.19
N LYS D 92 -17.34 7.30 -32.94
CA LYS D 92 -17.53 6.07 -33.71
C LYS D 92 -18.93 5.50 -33.49
N VAL D 93 -19.39 5.50 -32.25
CA VAL D 93 -20.73 5.00 -31.95
C VAL D 93 -21.71 6.16 -31.86
N LYS E 8 10.94 28.17 -27.25
CA LYS E 8 12.17 27.53 -26.79
C LYS E 8 13.09 28.55 -26.11
N TYR E 9 12.50 29.65 -25.62
CA TYR E 9 13.29 30.67 -24.94
C TYR E 9 13.82 30.17 -23.60
N LYS E 10 13.11 29.25 -22.95
CA LYS E 10 13.62 28.68 -21.70
C LYS E 10 14.88 27.86 -21.94
N ASN E 11 15.00 27.26 -23.12
CA ASN E 11 16.22 26.52 -23.45
C ASN E 11 17.43 27.44 -23.51
N ILE E 12 17.29 28.63 -24.09
CA ILE E 12 18.41 29.56 -24.21
C ILE E 12 18.78 30.14 -22.85
N VAL E 13 17.78 30.56 -22.07
CA VAL E 13 18.07 31.22 -20.80
C VAL E 13 18.64 30.26 -19.78
N LEU E 14 18.40 28.95 -19.92
CA LEU E 14 18.88 27.98 -18.95
C LEU E 14 20.20 27.36 -19.37
N LEU E 15 20.24 26.71 -20.53
CA LEU E 15 21.42 25.98 -20.95
C LEU E 15 22.53 26.93 -21.38
N LYS E 16 22.21 27.95 -22.17
CA LYS E 16 23.18 28.95 -22.60
C LYS E 16 23.20 30.18 -21.69
N GLY E 17 22.40 30.19 -20.64
CA GLY E 17 22.31 31.36 -19.77
C GLY E 17 22.92 31.15 -18.41
N LEU E 18 22.08 30.85 -17.42
CA LEU E 18 22.53 30.73 -16.04
C LEU E 18 23.54 29.61 -15.82
N GLU E 19 23.62 28.64 -16.72
CA GLU E 19 24.56 27.53 -16.58
C GLU E 19 25.94 27.83 -17.17
N VAL E 20 26.13 28.99 -17.80
CA VAL E 20 27.44 29.35 -18.32
C VAL E 20 28.13 30.23 -17.28
N ILE E 21 27.33 30.98 -16.52
CA ILE E 21 27.86 31.85 -15.47
C ILE E 21 28.14 31.03 -14.22
N ASN E 22 29.05 31.52 -13.39
CA ASN E 22 29.42 30.84 -12.17
C ASN E 22 28.41 31.15 -11.06
N ASP E 23 28.70 30.64 -9.86
CA ASP E 23 27.76 30.77 -8.74
C ASP E 23 27.59 32.24 -8.32
N TYR E 24 28.68 33.00 -8.29
CA TYR E 24 28.58 34.40 -7.85
C TYR E 24 27.75 35.22 -8.82
N HIS E 25 27.94 35.03 -10.12
CA HIS E 25 27.13 35.75 -11.09
C HIS E 25 25.67 35.30 -11.05
N PHE E 26 25.42 34.02 -10.76
CA PHE E 26 24.04 33.56 -10.60
C PHE E 26 23.39 34.21 -9.38
N ARG E 27 24.14 34.33 -8.29
CA ARG E 27 23.60 35.03 -7.12
C ARG E 27 23.33 36.49 -7.43
N MET E 28 24.22 37.13 -8.19
CA MET E 28 23.98 38.51 -8.61
C MET E 28 22.72 38.62 -9.46
N VAL E 29 22.51 37.67 -10.37
CA VAL E 29 21.31 37.67 -11.20
C VAL E 29 20.07 37.50 -10.33
N LYS E 30 20.11 36.58 -9.37
CA LYS E 30 18.97 36.37 -8.49
C LYS E 30 18.67 37.61 -7.67
N SER E 31 19.71 38.29 -7.17
CA SER E 31 19.49 39.48 -6.36
C SER E 31 18.96 40.64 -7.21
N LEU E 32 19.40 40.74 -8.46
CA LEU E 32 18.96 41.84 -9.31
C LEU E 32 17.53 41.64 -9.79
N LEU E 33 17.07 40.39 -9.90
CA LEU E 33 15.71 40.09 -10.32
C LEU E 33 14.82 39.68 -9.15
N SER E 34 15.22 40.01 -7.92
CA SER E 34 14.39 39.67 -6.76
C SER E 34 13.05 40.38 -6.81
N ASN E 35 13.05 41.68 -7.16
CA ASN E 35 11.79 42.41 -7.24
C ASN E 35 10.97 41.97 -8.45
N ASP E 36 11.63 41.66 -9.56
CA ASP E 36 10.93 41.25 -10.77
C ASP E 36 10.43 39.81 -10.72
N LEU E 37 10.85 39.03 -9.72
CA LEU E 37 10.39 37.65 -9.57
C LEU E 37 9.75 37.38 -8.22
N LYS E 38 9.69 38.36 -7.33
CA LYS E 38 9.11 38.22 -6.00
C LYS E 38 9.76 37.07 -5.24
N LEU E 39 11.08 37.13 -5.13
CA LEU E 39 11.85 36.12 -4.40
C LEU E 39 12.02 36.56 -2.95
N ASN E 40 11.50 35.76 -2.02
CA ASN E 40 11.68 36.05 -0.60
C ASN E 40 13.06 35.56 -0.16
N LEU E 41 13.31 35.57 1.15
CA LEU E 41 14.63 35.21 1.65
C LEU E 41 14.99 33.77 1.32
N LYS E 42 14.02 32.85 1.40
CA LYS E 42 14.30 31.45 1.08
C LYS E 42 14.71 31.27 -0.37
N MET E 43 14.00 31.92 -1.29
CA MET E 43 14.30 31.78 -2.71
C MET E 43 15.63 32.42 -3.09
N ARG E 44 16.09 33.42 -2.33
CA ARG E 44 17.37 34.04 -2.63
C ARG E 44 18.52 33.06 -2.49
N GLU E 45 18.51 32.25 -1.43
CA GLU E 45 19.63 31.37 -1.12
C GLU E 45 19.34 29.89 -1.37
N GLU E 46 18.14 29.54 -1.81
CA GLU E 46 17.82 28.13 -2.05
C GLU E 46 17.51 27.81 -3.50
N TYR E 47 16.88 28.73 -4.23
CA TYR E 47 16.53 28.47 -5.62
C TYR E 47 17.77 28.37 -6.48
N ASP E 48 17.84 27.32 -7.29
CA ASP E 48 18.95 27.10 -8.21
C ASP E 48 18.57 27.57 -9.61
N LYS E 49 19.45 27.29 -10.57
CA LYS E 49 19.25 27.83 -11.92
C LYS E 49 18.02 27.23 -12.60
N ILE E 50 17.72 25.96 -12.34
CA ILE E 50 16.54 25.34 -12.94
C ILE E 50 15.27 26.00 -12.43
N GLN E 51 15.17 26.15 -11.10
CA GLN E 51 13.99 26.79 -10.53
C GLN E 51 13.89 28.25 -10.94
N ILE E 52 15.03 28.94 -11.03
CA ILE E 52 15.03 30.34 -11.45
C ILE E 52 14.55 30.47 -12.89
N ALA E 53 15.01 29.56 -13.77
CA ALA E 53 14.56 29.58 -15.16
C ALA E 53 13.06 29.28 -15.25
N ASP E 54 12.58 28.32 -14.46
CA ASP E 54 11.15 28.01 -14.48
C ASP E 54 10.33 29.19 -14.01
N LEU E 55 10.77 29.87 -12.94
CA LEU E 55 10.05 31.05 -12.46
C LEU E 55 10.11 32.18 -13.50
N MET E 56 11.25 32.31 -14.18
CA MET E 56 11.37 33.28 -15.25
C MET E 56 10.33 33.02 -16.34
N GLU E 57 10.22 31.77 -16.77
CA GLU E 57 9.22 31.43 -17.78
C GLU E 57 7.81 31.70 -17.27
N GLU E 58 7.55 31.39 -15.99
CA GLU E 58 6.22 31.59 -15.44
C GLU E 58 5.83 33.06 -15.41
N LYS E 59 6.76 33.94 -15.00
CA LYS E 59 6.44 35.34 -14.79
C LYS E 59 6.84 36.24 -15.96
N PHE E 60 7.70 35.76 -16.87
CA PHE E 60 8.20 36.59 -17.96
C PHE E 60 7.86 35.93 -19.29
N ARG E 61 6.59 35.54 -19.46
CA ARG E 61 6.19 34.71 -20.59
C ARG E 61 6.49 35.37 -21.94
N GLY E 62 6.66 36.69 -21.99
CA GLY E 62 6.94 37.34 -23.25
C GLY E 62 8.22 36.83 -23.91
N ASP E 63 9.28 36.70 -23.12
CA ASP E 63 10.55 36.19 -23.65
C ASP E 63 11.26 35.24 -22.69
N ALA E 64 10.55 34.72 -21.68
CA ALA E 64 11.11 33.80 -20.69
C ALA E 64 12.30 34.41 -19.96
N GLY E 65 12.30 35.74 -19.81
CA GLY E 65 13.36 36.42 -19.08
C GLY E 65 14.64 36.62 -19.84
N LEU E 66 14.68 36.24 -21.12
CA LEU E 66 15.92 36.37 -21.88
C LEU E 66 16.34 37.83 -22.03
N GLY E 67 15.37 38.72 -22.28
CA GLY E 67 15.70 40.13 -22.45
C GLY E 67 16.27 40.75 -21.18
N LYS E 68 15.63 40.48 -20.05
CA LYS E 68 16.13 41.03 -18.79
C LYS E 68 17.45 40.38 -18.38
N LEU E 69 17.63 39.10 -18.66
CA LEU E 69 18.91 38.46 -18.39
C LEU E 69 20.02 39.08 -19.24
N ILE E 70 19.73 39.38 -20.50
CA ILE E 70 20.72 40.03 -21.36
C ILE E 70 21.03 41.42 -20.85
N LYS E 71 20.00 42.16 -20.42
CA LYS E 71 20.22 43.50 -19.88
C LYS E 71 21.09 43.45 -18.63
N ILE E 72 20.86 42.45 -17.77
CA ILE E 72 21.69 42.29 -16.58
C ILE E 72 23.13 41.94 -16.97
N PHE E 73 23.29 41.03 -17.94
CA PHE E 73 24.61 40.61 -18.37
C PHE E 73 25.39 41.75 -19.01
N GLU E 74 24.69 42.72 -19.60
CA GLU E 74 25.36 43.86 -20.21
C GLU E 74 26.13 44.66 -19.18
N ASP E 75 25.55 44.89 -18.01
CA ASP E 75 26.19 45.69 -16.97
C ASP E 75 27.40 44.99 -16.36
N ILE E 76 27.43 43.67 -16.39
CA ILE E 76 28.55 42.90 -15.83
C ILE E 76 29.62 42.81 -16.90
N PRO E 77 30.81 43.37 -16.69
CA PRO E 77 31.86 43.33 -17.71
C PRO E 77 32.30 41.91 -18.07
N THR E 78 32.29 40.99 -17.10
CA THR E 78 32.75 39.63 -17.37
C THR E 78 31.84 38.89 -18.34
N LEU E 79 30.54 39.20 -18.31
CA LEU E 79 29.55 38.46 -19.09
C LEU E 79 29.06 39.22 -20.32
N GLU E 80 29.83 40.20 -20.80
CA GLU E 80 29.44 40.91 -22.01
C GLU E 80 29.44 39.99 -23.22
N ASP E 81 30.45 39.12 -23.34
CA ASP E 81 30.48 38.16 -24.44
C ASP E 81 29.29 37.21 -24.36
N LEU E 82 28.94 36.76 -23.16
CA LEU E 82 27.78 35.90 -23.01
C LEU E 82 26.50 36.64 -23.36
N ALA E 83 26.42 37.93 -23.03
CA ALA E 83 25.26 38.72 -23.42
C ALA E 83 25.15 38.82 -24.94
N GLU E 84 26.27 39.03 -25.62
CA GLU E 84 26.24 39.05 -27.09
C GLU E 84 25.82 37.70 -27.66
N THR E 85 26.32 36.62 -27.07
CA THR E 85 25.93 35.28 -27.52
C THR E 85 24.45 35.04 -27.32
N LEU E 86 23.90 35.49 -26.19
CA LEU E 86 22.48 35.34 -25.93
C LEU E 86 21.65 36.20 -26.89
N LYS E 87 22.14 37.39 -27.23
CA LYS E 87 21.48 38.20 -28.25
C LYS E 87 21.45 37.47 -29.60
N LYS E 88 22.58 36.86 -29.96
CA LYS E 88 22.62 36.10 -31.22
C LYS E 88 21.65 34.93 -31.18
N GLU E 89 21.57 34.24 -30.05
CA GLU E 89 20.64 33.12 -29.93
C GLU E 89 19.19 33.60 -30.02
N LYS E 90 18.87 34.72 -29.39
CA LYS E 90 17.52 35.27 -29.48
C LYS E 90 17.18 35.66 -30.91
N LEU E 91 18.13 36.27 -31.62
CA LEU E 91 17.91 36.59 -33.02
C LEU E 91 17.70 35.33 -33.86
N LYS E 92 18.46 34.27 -33.55
CA LYS E 92 18.26 33.00 -34.25
C LYS E 92 16.88 32.44 -34.00
N VAL E 93 16.41 32.50 -32.76
CA VAL E 93 15.09 31.98 -32.41
C VAL E 93 14.14 33.13 -32.10
N LYS F 8 -1.68 -36.99 6.59
CA LYS F 8 -1.34 -36.01 7.60
C LYS F 8 -0.52 -34.90 6.94
N TYR F 9 0.06 -35.23 5.77
CA TYR F 9 0.89 -34.26 5.06
C TYR F 9 0.12 -33.00 4.69
N LYS F 10 -1.20 -33.07 4.60
CA LYS F 10 -1.97 -31.86 4.35
C LYS F 10 -1.90 -30.97 5.58
N ASN F 11 -1.97 -31.56 6.75
CA ASN F 11 -1.99 -30.76 7.97
C ASN F 11 -0.78 -29.84 8.03
N ILE F 12 0.39 -30.34 7.65
CA ILE F 12 1.60 -29.52 7.66
C ILE F 12 1.55 -28.46 6.56
N VAL F 13 1.15 -28.85 5.35
CA VAL F 13 1.19 -27.94 4.21
C VAL F 13 0.16 -26.82 4.34
N LEU F 14 -0.89 -27.03 5.14
CA LEU F 14 -1.94 -26.04 5.29
C LEU F 14 -1.79 -25.23 6.59
N LEU F 15 -1.84 -25.91 7.73
CA LEU F 15 -1.87 -25.20 9.01
C LEU F 15 -0.52 -24.57 9.33
N LYS F 16 0.57 -25.30 9.09
CA LYS F 16 1.91 -24.74 9.25
C LYS F 16 2.48 -24.20 7.94
N GLY F 17 1.72 -24.25 6.85
CA GLY F 17 2.23 -23.84 5.56
C GLY F 17 1.61 -22.58 5.00
N LEU F 18 0.64 -22.74 4.10
CA LEU F 18 0.05 -21.61 3.41
C LEU F 18 -0.66 -20.63 4.34
N GLU F 19 -1.02 -21.06 5.54
CA GLU F 19 -1.78 -20.22 6.46
C GLU F 19 -0.87 -19.41 7.39
N VAL F 20 0.44 -19.62 7.33
CA VAL F 20 1.38 -18.86 8.15
C VAL F 20 1.89 -17.68 7.34
N ILE F 21 1.90 -17.84 6.01
CA ILE F 21 2.35 -16.78 5.12
C ILE F 21 1.19 -15.82 4.84
N ASN F 22 1.53 -14.60 4.43
CA ASN F 22 0.54 -13.59 4.15
C ASN F 22 -0.05 -13.79 2.76
N ASP F 23 -0.96 -12.90 2.37
CA ASP F 23 -1.65 -13.02 1.08
C ASP F 23 -0.68 -12.83 -0.08
N TYR F 24 0.31 -11.96 0.06
CA TYR F 24 1.29 -11.75 -0.99
C TYR F 24 2.06 -13.04 -1.30
N HIS F 25 2.57 -13.68 -0.25
CA HIS F 25 3.29 -14.93 -0.44
C HIS F 25 2.38 -16.05 -0.89
N PHE F 26 1.11 -16.05 -0.45
CA PHE F 26 0.18 -17.06 -0.92
C PHE F 26 -0.09 -16.92 -2.41
N ARG F 27 -0.25 -15.67 -2.89
CA ARG F 27 -0.42 -15.45 -4.32
C ARG F 27 0.85 -15.84 -5.08
N MET F 28 2.02 -15.59 -4.49
CA MET F 28 3.26 -16.04 -5.11
C MET F 28 3.28 -17.56 -5.26
N VAL F 29 2.90 -18.27 -4.21
CA VAL F 29 2.85 -19.73 -4.25
C VAL F 29 1.86 -20.21 -5.30
N LYS F 30 0.67 -19.63 -5.33
CA LYS F 30 -0.33 -20.06 -6.29
C LYS F 30 0.22 -19.82 -7.68
N SER F 31 0.98 -18.74 -7.84
CA SER F 31 1.55 -18.42 -9.14
C SER F 31 2.60 -19.42 -9.54
N LEU F 32 3.47 -19.78 -8.62
CA LEU F 32 4.56 -20.69 -8.95
C LEU F 32 4.05 -22.10 -9.16
N LEU F 33 2.92 -22.45 -8.56
CA LEU F 33 2.35 -23.77 -8.71
C LEU F 33 1.26 -23.83 -9.77
N SER F 34 1.08 -22.75 -10.54
CA SER F 34 0.04 -22.73 -11.56
C SER F 34 0.26 -23.79 -12.62
N ASN F 35 1.51 -23.94 -13.09
CA ASN F 35 1.81 -24.97 -14.07
C ASN F 35 1.73 -26.36 -13.46
N ASP F 36 2.15 -26.50 -12.21
CA ASP F 36 2.15 -27.79 -11.53
C ASP F 36 0.78 -28.19 -11.02
N LEU F 37 -0.18 -27.27 -10.96
CA LEU F 37 -1.53 -27.57 -10.51
C LEU F 37 -2.58 -27.32 -11.59
N LYS F 38 -2.18 -26.82 -12.76
CA LYS F 38 -3.10 -26.49 -13.85
C LYS F 38 -4.18 -25.53 -13.39
N LEU F 39 -3.75 -24.42 -12.79
CA LEU F 39 -4.66 -23.36 -12.35
C LEU F 39 -4.86 -22.38 -13.50
N ASN F 40 -6.11 -22.22 -13.92
CA ASN F 40 -6.44 -21.28 -14.99
C ASN F 40 -6.55 -19.87 -14.40
N LEU F 41 -7.11 -18.95 -15.18
CA LEU F 41 -7.22 -17.56 -14.74
C LEU F 41 -8.09 -17.44 -13.50
N LYS F 42 -9.19 -18.20 -13.46
CA LYS F 42 -10.08 -18.15 -12.30
C LYS F 42 -9.40 -18.68 -11.05
N MET F 43 -8.80 -19.88 -11.14
CA MET F 43 -8.23 -20.53 -9.96
C MET F 43 -7.04 -19.76 -9.39
N ARG F 44 -6.35 -18.97 -10.21
CA ARG F 44 -5.22 -18.19 -9.69
C ARG F 44 -5.70 -17.10 -8.74
N GLU F 45 -6.80 -16.43 -9.06
CA GLU F 45 -7.28 -15.29 -8.29
C GLU F 45 -8.45 -15.63 -7.38
N GLU F 46 -8.93 -16.86 -7.38
CA GLU F 46 -10.06 -17.22 -6.53
C GLU F 46 -9.75 -18.26 -5.47
N TYR F 47 -8.93 -19.25 -5.79
CA TYR F 47 -8.66 -20.32 -4.84
C TYR F 47 -7.97 -19.80 -3.60
N ASP F 48 -8.49 -20.18 -2.43
CA ASP F 48 -7.88 -19.82 -1.16
C ASP F 48 -6.99 -20.97 -0.71
N LYS F 49 -6.50 -20.89 0.54
CA LYS F 49 -5.51 -21.85 1.02
C LYS F 49 -6.09 -23.25 1.13
N ILE F 50 -7.36 -23.38 1.54
CA ILE F 50 -7.98 -24.69 1.69
C ILE F 50 -8.02 -25.41 0.35
N GLN F 51 -8.57 -24.75 -0.67
CA GLN F 51 -8.74 -25.40 -1.96
C GLN F 51 -7.40 -25.63 -2.65
N ILE F 52 -6.45 -24.71 -2.46
CA ILE F 52 -5.12 -24.90 -3.01
C ILE F 52 -4.46 -26.12 -2.40
N ALA F 53 -4.52 -26.24 -1.08
CA ALA F 53 -3.90 -27.38 -0.41
C ALA F 53 -4.57 -28.69 -0.83
N ASP F 54 -5.89 -28.68 -0.94
CA ASP F 54 -6.59 -29.88 -1.40
C ASP F 54 -6.16 -30.27 -2.81
N LEU F 55 -6.01 -29.28 -3.69
CA LEU F 55 -5.55 -29.58 -5.05
C LEU F 55 -4.13 -30.13 -5.06
N MET F 56 -3.24 -29.56 -4.23
CA MET F 56 -1.88 -30.09 -4.15
C MET F 56 -1.88 -31.53 -3.68
N GLU F 57 -2.68 -31.86 -2.66
CA GLU F 57 -2.76 -33.27 -2.27
C GLU F 57 -3.29 -34.13 -3.40
N GLU F 58 -4.30 -33.65 -4.12
CA GLU F 58 -4.90 -34.43 -5.19
C GLU F 58 -3.89 -34.72 -6.29
N LYS F 59 -3.02 -33.75 -6.60
CA LYS F 59 -2.07 -33.90 -7.69
C LYS F 59 -0.67 -34.27 -7.24
N PHE F 60 -0.33 -34.08 -5.96
CA PHE F 60 1.01 -34.35 -5.46
C PHE F 60 0.95 -35.36 -4.32
N ARG F 61 0.26 -36.48 -4.56
CA ARG F 61 -0.06 -37.42 -3.49
C ARG F 61 1.18 -37.96 -2.77
N GLY F 62 2.35 -37.90 -3.42
CA GLY F 62 3.56 -38.41 -2.79
C GLY F 62 3.87 -37.75 -1.46
N ASP F 63 3.78 -36.41 -1.42
CA ASP F 63 4.00 -35.69 -0.17
C ASP F 63 3.00 -34.56 0.04
N ALA F 64 1.87 -34.59 -0.68
CA ALA F 64 0.84 -33.55 -0.60
C ALA F 64 1.40 -32.17 -0.93
N GLY F 65 2.44 -32.13 -1.76
CA GLY F 65 3.05 -30.88 -2.16
C GLY F 65 3.92 -30.23 -1.11
N LEU F 66 4.19 -30.91 0.00
CA LEU F 66 5.03 -30.33 1.04
C LEU F 66 6.44 -30.05 0.53
N GLY F 67 7.01 -30.98 -0.24
CA GLY F 67 8.34 -30.78 -0.77
C GLY F 67 8.43 -29.59 -1.71
N LYS F 68 7.47 -29.48 -2.62
CA LYS F 68 7.47 -28.34 -3.54
C LYS F 68 7.22 -27.03 -2.81
N LEU F 69 6.36 -27.04 -1.80
CA LEU F 69 6.15 -25.84 -1.00
C LEU F 69 7.41 -25.43 -0.27
N ILE F 70 8.15 -26.40 0.28
CA ILE F 70 9.40 -26.09 0.95
C ILE F 70 10.42 -25.54 -0.05
N LYS F 71 10.47 -26.12 -1.25
CA LYS F 71 11.38 -25.61 -2.27
C LYS F 71 11.02 -24.18 -2.67
N ILE F 72 9.73 -23.88 -2.75
CA ILE F 72 9.29 -22.51 -3.03
C ILE F 72 9.70 -21.58 -1.90
N PHE F 73 9.50 -22.02 -0.66
CA PHE F 73 9.78 -21.18 0.50
C PHE F 73 11.27 -20.94 0.68
N GLU F 74 12.11 -21.85 0.19
CA GLU F 74 13.55 -21.66 0.29
C GLU F 74 14.00 -20.40 -0.45
N ASP F 75 13.45 -20.19 -1.65
CA ASP F 75 13.86 -19.06 -2.47
C ASP F 75 13.29 -17.73 -1.97
N ILE F 76 12.31 -17.76 -1.09
CA ILE F 76 11.75 -16.55 -0.50
C ILE F 76 12.55 -16.25 0.78
N PRO F 77 13.32 -15.18 0.82
CA PRO F 77 14.12 -14.89 2.02
C PRO F 77 13.28 -14.68 3.27
N THR F 78 12.08 -14.12 3.13
CA THR F 78 11.23 -13.89 4.29
C THR F 78 10.75 -15.19 4.91
N LEU F 79 10.51 -16.22 4.10
CA LEU F 79 9.94 -17.48 4.56
C LEU F 79 10.98 -18.58 4.70
N GLU F 80 12.26 -18.23 4.81
CA GLU F 80 13.29 -19.25 4.98
C GLU F 80 13.13 -19.98 6.32
N ASP F 81 12.81 -19.23 7.38
CA ASP F 81 12.58 -19.86 8.68
C ASP F 81 11.37 -20.80 8.62
N LEU F 82 10.31 -20.37 7.94
CA LEU F 82 9.15 -21.25 7.77
C LEU F 82 9.50 -22.49 6.95
N ALA F 83 10.37 -22.35 5.95
CA ALA F 83 10.81 -23.51 5.19
C ALA F 83 11.57 -24.49 6.08
N GLU F 84 12.44 -23.96 6.95
CA GLU F 84 13.15 -24.83 7.89
C GLU F 84 12.17 -25.52 8.85
N THR F 85 11.17 -24.78 9.32
CA THR F 85 10.16 -25.37 10.20
C THR F 85 9.39 -26.48 9.48
N LEU F 86 9.05 -26.25 8.21
CA LEU F 86 8.35 -27.28 7.44
C LEU F 86 9.23 -28.50 7.21
N LYS F 87 10.53 -28.29 7.00
CA LYS F 87 11.45 -29.43 6.91
C LYS F 87 11.46 -30.22 8.20
N LYS F 88 11.50 -29.52 9.34
CA LYS F 88 11.48 -30.21 10.62
C LYS F 88 10.19 -30.98 10.81
N GLU F 89 9.06 -30.39 10.42
CA GLU F 89 7.78 -31.10 10.52
C GLU F 89 7.74 -32.33 9.63
N LYS F 90 8.27 -32.22 8.41
CA LYS F 90 8.31 -33.36 7.50
C LYS F 90 9.17 -34.48 8.08
N LEU F 91 10.33 -34.13 8.64
CA LEU F 91 11.18 -35.15 9.25
C LEU F 91 10.53 -35.74 10.49
N LYS F 92 9.74 -34.95 11.21
CA LYS F 92 8.97 -35.49 12.33
C LYS F 92 7.95 -36.51 11.86
N VAL F 93 7.26 -36.21 10.76
CA VAL F 93 6.26 -37.12 10.21
C VAL F 93 6.78 -37.80 8.96
N LYS G 8 11.43 -8.36 26.10
CA LYS G 8 11.13 -6.97 25.79
C LYS G 8 12.33 -6.28 25.16
N TYR G 9 13.28 -7.08 24.67
CA TYR G 9 14.48 -6.52 24.05
C TYR G 9 14.16 -5.82 22.73
N LYS G 10 13.17 -6.32 21.97
CA LYS G 10 12.83 -5.69 20.71
C LYS G 10 12.22 -4.31 20.92
N ASN G 11 11.61 -4.08 22.09
CA ASN G 11 11.11 -2.74 22.39
C ASN G 11 12.25 -1.73 22.47
N ILE G 12 13.37 -2.12 23.09
CA ILE G 12 14.50 -1.20 23.21
C ILE G 12 15.17 -0.97 21.86
N VAL G 13 15.37 -2.04 21.10
CA VAL G 13 16.07 -1.92 19.83
C VAL G 13 15.27 -1.12 18.81
N LEU G 14 13.95 -1.00 19.00
CA LEU G 14 13.10 -0.26 18.08
C LEU G 14 12.80 1.14 18.59
N LEU G 15 12.21 1.25 19.79
CA LEU G 15 11.78 2.54 20.29
C LEU G 15 12.96 3.42 20.69
N LYS G 16 13.91 2.86 21.44
CA LYS G 16 15.09 3.59 21.85
C LYS G 16 16.26 3.41 20.89
N GLY G 17 16.06 2.66 19.82
CA GLY G 17 17.12 2.40 18.86
C GLY G 17 16.90 3.06 17.52
N LEU G 18 16.38 2.29 16.56
CA LEU G 18 16.23 2.77 15.19
C LEU G 18 15.27 3.96 15.08
N GLU G 19 14.37 4.14 16.04
CA GLU G 19 13.40 5.22 15.94
C GLU G 19 13.93 6.55 16.48
N VAL G 20 15.14 6.59 16.99
CA VAL G 20 15.74 7.82 17.50
C VAL G 20 16.75 8.33 16.49
N ILE G 21 17.34 7.40 15.73
CA ILE G 21 18.29 7.75 14.70
C ILE G 21 17.55 8.13 13.42
N ASN G 22 18.18 8.99 12.62
CA ASN G 22 17.55 9.48 11.39
C ASN G 22 17.71 8.46 10.26
N ASP G 23 17.35 8.88 9.05
CA ASP G 23 17.38 7.96 7.92
C ASP G 23 18.80 7.57 7.53
N TYR G 24 19.75 8.49 7.65
CA TYR G 24 21.13 8.18 7.28
C TYR G 24 21.72 7.12 8.21
N HIS G 25 21.52 7.29 9.52
CA HIS G 25 22.00 6.30 10.48
C HIS G 25 21.27 4.97 10.30
N PHE G 26 19.98 5.02 9.99
CA PHE G 26 19.23 3.78 9.76
C PHE G 26 19.74 3.05 8.52
N ARG G 27 20.07 3.80 7.46
CA ARG G 27 20.65 3.17 6.28
C ARG G 27 22.01 2.56 6.59
N MET G 28 22.80 3.24 7.43
CA MET G 28 24.05 2.64 7.90
C MET G 28 23.79 1.33 8.64
N VAL G 29 22.81 1.33 9.54
CA VAL G 29 22.52 0.14 10.32
C VAL G 29 22.17 -1.01 9.40
N LYS G 30 21.21 -0.79 8.52
CA LYS G 30 20.79 -1.84 7.60
C LYS G 30 21.97 -2.30 6.79
N SER G 31 22.82 -1.36 6.38
CA SER G 31 23.97 -1.71 5.55
C SER G 31 24.95 -2.59 6.29
N LEU G 32 25.34 -2.21 7.49
CA LEU G 32 26.36 -2.95 8.21
C LEU G 32 25.90 -4.37 8.55
N LEU G 33 24.63 -4.53 8.89
CA LEU G 33 24.08 -5.83 9.26
C LEU G 33 23.44 -6.55 8.08
N SER G 34 23.77 -6.15 6.84
CA SER G 34 23.21 -6.85 5.69
C SER G 34 23.69 -8.29 5.66
N ASN G 35 24.97 -8.53 5.93
CA ASN G 35 25.48 -9.89 5.97
C ASN G 35 24.91 -10.67 7.15
N ASP G 36 24.72 -10.00 8.28
CA ASP G 36 24.19 -10.65 9.47
C ASP G 36 22.69 -10.83 9.44
N LEU G 37 21.99 -10.20 8.50
CA LEU G 37 20.55 -10.35 8.35
C LEU G 37 20.15 -10.90 6.99
N LYS G 38 21.10 -11.11 6.08
CA LYS G 38 20.83 -11.61 4.74
C LYS G 38 19.82 -10.74 4.00
N LEU G 39 20.14 -9.45 3.94
CA LEU G 39 19.31 -8.48 3.23
C LEU G 39 19.79 -8.38 1.79
N ASN G 40 18.91 -8.72 0.84
CA ASN G 40 19.23 -8.61 -0.57
C ASN G 40 19.05 -7.15 -1.01
N LEU G 41 19.09 -6.91 -2.32
CA LEU G 41 19.01 -5.54 -2.82
C LEU G 41 17.68 -4.87 -2.47
N LYS G 42 16.59 -5.62 -2.56
CA LYS G 42 15.29 -5.04 -2.22
C LYS G 42 15.23 -4.65 -0.75
N MET G 43 15.74 -5.51 0.14
CA MET G 43 15.69 -5.23 1.57
C MET G 43 16.57 -4.05 1.97
N ARG G 44 17.59 -3.74 1.17
CA ARG G 44 18.46 -2.60 1.48
C ARG G 44 17.68 -1.29 1.44
N GLU G 45 16.82 -1.12 0.45
CA GLU G 45 16.14 0.15 0.22
C GLU G 45 14.64 0.11 0.52
N GLU G 46 14.10 -1.04 0.90
CA GLU G 46 12.66 -1.15 1.14
C GLU G 46 12.30 -1.32 2.61
N TYR G 47 13.03 -2.18 3.34
CA TYR G 47 12.67 -2.45 4.72
C TYR G 47 12.86 -1.22 5.59
N ASP G 48 11.82 -0.89 6.36
CA ASP G 48 11.87 0.23 7.29
C ASP G 48 12.27 -0.28 8.68
N LYS G 49 12.14 0.58 9.69
CA LYS G 49 12.63 0.24 11.01
C LYS G 49 11.85 -0.91 11.65
N ILE G 50 10.54 -0.96 11.41
CA ILE G 50 9.72 -2.03 11.99
C ILE G 50 10.16 -3.39 11.45
N GLN G 51 10.25 -3.50 10.12
CA GLN G 51 10.64 -4.76 9.51
C GLN G 51 12.08 -5.12 9.85
N ILE G 52 12.96 -4.12 9.92
CA ILE G 52 14.35 -4.39 10.29
C ILE G 52 14.44 -4.93 11.70
N ALA G 53 13.72 -4.30 12.64
CA ALA G 53 13.74 -4.77 14.02
C ALA G 53 13.12 -6.17 14.14
N ASP G 54 12.05 -6.43 13.39
CA ASP G 54 11.45 -7.76 13.41
C ASP G 54 12.43 -8.81 12.89
N LEU G 55 13.17 -8.48 11.83
CA LEU G 55 14.16 -9.42 11.32
C LEU G 55 15.31 -9.60 12.31
N MET G 56 15.70 -8.52 13.01
CA MET G 56 16.66 -8.63 14.09
C MET G 56 16.21 -9.64 15.13
N GLU G 57 14.96 -9.50 15.60
CA GLU G 57 14.44 -10.42 16.60
C GLU G 57 14.36 -11.84 16.05
N GLU G 58 14.05 -11.98 14.75
CA GLU G 58 13.92 -13.30 14.16
C GLU G 58 15.27 -14.00 14.04
N LYS G 59 16.34 -13.25 13.77
CA LYS G 59 17.63 -13.86 13.55
C LYS G 59 18.61 -13.69 14.71
N PHE G 60 18.30 -12.82 15.68
CA PHE G 60 19.21 -12.53 16.77
C PHE G 60 18.51 -12.77 18.11
N ARG G 61 17.88 -13.94 18.26
CA ARG G 61 17.03 -14.19 19.43
C ARG G 61 17.79 -14.04 20.74
N GLY G 62 19.12 -14.15 20.71
CA GLY G 62 19.90 -14.00 21.93
C GLY G 62 19.71 -12.64 22.57
N ASP G 63 19.72 -11.58 21.77
CA ASP G 63 19.52 -10.23 22.30
C ASP G 63 18.62 -9.38 21.43
N ALA G 64 17.87 -9.96 20.49
CA ALA G 64 16.98 -9.24 19.59
C ALA G 64 17.74 -8.18 18.77
N GLY G 65 19.03 -8.40 18.55
CA GLY G 65 19.85 -7.47 17.80
C GLY G 65 20.27 -6.23 18.56
N LEU G 66 19.92 -6.13 19.85
CA LEU G 66 20.28 -4.93 20.61
C LEU G 66 21.79 -4.81 20.75
N GLY G 67 22.48 -5.92 21.04
CA GLY G 67 23.92 -5.84 21.27
C GLY G 67 24.68 -5.41 20.03
N LYS G 68 24.36 -6.01 18.88
CA LYS G 68 25.02 -5.61 17.65
C LYS G 68 24.69 -4.17 17.27
N LEU G 69 23.46 -3.74 17.55
CA LEU G 69 23.13 -2.32 17.33
C LEU G 69 23.98 -1.42 18.22
N ILE G 70 24.26 -1.86 19.46
CA ILE G 70 25.09 -1.06 20.36
C ILE G 70 26.53 -0.99 19.85
N LYS G 71 27.09 -2.12 19.41
CA LYS G 71 28.44 -2.06 18.83
C LYS G 71 28.47 -1.22 17.55
N ILE G 72 27.37 -1.20 16.79
CA ILE G 72 27.31 -0.34 15.61
C ILE G 72 27.29 1.13 16.03
N PHE G 73 26.46 1.46 17.03
CA PHE G 73 26.32 2.85 17.47
C PHE G 73 27.59 3.35 18.15
N GLU G 74 28.40 2.43 18.71
CA GLU G 74 29.65 2.84 19.32
C GLU G 74 30.58 3.49 18.30
N ASP G 75 30.66 2.92 17.09
CA ASP G 75 31.56 3.42 16.08
C ASP G 75 31.05 4.69 15.41
N ILE G 76 29.77 5.01 15.55
CA ILE G 76 29.21 6.24 15.01
C ILE G 76 29.38 7.33 16.07
N PRO G 77 30.22 8.35 15.82
CA PRO G 77 30.42 9.39 16.85
C PRO G 77 29.16 10.15 17.20
N THR G 78 28.24 10.34 16.25
CA THR G 78 27.02 11.08 16.52
C THR G 78 26.10 10.30 17.46
N LEU G 79 26.19 8.96 17.46
CA LEU G 79 25.28 8.13 18.23
C LEU G 79 25.94 7.50 19.45
N GLU G 80 27.05 8.08 19.94
CA GLU G 80 27.67 7.54 21.14
C GLU G 80 26.77 7.67 22.36
N ASP G 81 26.09 8.81 22.49
CA ASP G 81 25.16 8.99 23.60
C ASP G 81 24.02 7.99 23.54
N LEU G 82 23.49 7.74 22.33
CA LEU G 82 22.44 6.75 22.18
C LEU G 82 22.95 5.34 22.46
N ALA G 83 24.20 5.06 22.12
CA ALA G 83 24.78 3.76 22.45
C ALA G 83 24.86 3.58 23.97
N GLU G 84 25.28 4.63 24.68
CA GLU G 84 25.30 4.56 26.14
C GLU G 84 23.90 4.38 26.71
N THR G 85 22.91 5.08 26.13
CA THR G 85 21.53 4.94 26.57
C THR G 85 21.02 3.52 26.35
N LEU G 86 21.37 2.93 25.21
CA LEU G 86 20.96 1.55 24.94
C LEU G 86 21.65 0.57 25.89
N LYS G 87 22.92 0.83 26.23
CA LYS G 87 23.58 0.01 27.23
C LYS G 87 22.87 0.11 28.58
N LYS G 88 22.47 1.32 28.98
CA LYS G 88 21.74 1.49 30.22
C LYS G 88 20.41 0.76 30.18
N GLU G 89 19.71 0.83 29.05
CA GLU G 89 18.43 0.13 28.92
C GLU G 89 18.61 -1.37 29.01
N LYS G 90 19.65 -1.91 28.35
CA LYS G 90 19.92 -3.35 28.43
C LYS G 90 20.27 -3.76 29.85
N LEU G 91 21.06 -2.95 30.56
CA LEU G 91 21.37 -3.26 31.95
C LEU G 91 20.13 -3.24 32.81
N LYS G 92 19.21 -2.30 32.55
CA LYS G 92 17.95 -2.27 33.28
C LYS G 92 17.13 -3.52 33.00
N VAL G 93 17.09 -3.96 31.75
CA VAL G 93 16.33 -5.15 31.38
C VAL G 93 17.28 -6.32 31.14
N LYS H 8 -24.00 -27.18 -29.05
CA LYS H 8 -22.67 -27.36 -28.49
C LYS H 8 -22.11 -26.00 -28.11
N TYR H 9 -22.69 -24.94 -28.70
CA TYR H 9 -22.20 -23.59 -28.45
C TYR H 9 -22.32 -23.21 -26.97
N LYS H 10 -23.30 -23.77 -26.26
CA LYS H 10 -23.40 -23.49 -24.83
C LYS H 10 -22.27 -24.16 -24.05
N ASN H 11 -21.75 -25.29 -24.56
CA ASN H 11 -20.61 -25.93 -23.92
C ASN H 11 -19.39 -25.02 -23.95
N ILE H 12 -19.17 -24.32 -25.06
CA ILE H 12 -18.02 -23.44 -25.20
C ILE H 12 -18.14 -22.25 -24.27
N VAL H 13 -19.31 -21.59 -24.27
CA VAL H 13 -19.49 -20.38 -23.50
C VAL H 13 -19.46 -20.65 -21.99
N LEU H 14 -19.78 -21.86 -21.56
CA LEU H 14 -19.84 -22.19 -20.14
C LEU H 14 -18.54 -22.82 -19.62
N LEU H 15 -17.89 -23.66 -20.43
CA LEU H 15 -16.70 -24.36 -19.97
C LEU H 15 -15.43 -23.57 -20.28
N LYS H 16 -15.18 -23.29 -21.54
CA LYS H 16 -14.02 -22.50 -21.94
C LYS H 16 -14.25 -21.01 -21.83
N GLY H 17 -15.44 -20.58 -21.42
CA GLY H 17 -15.79 -19.19 -21.35
C GLY H 17 -15.90 -18.65 -19.93
N LEU H 18 -17.14 -18.59 -19.42
CA LEU H 18 -17.40 -17.91 -18.15
C LEU H 18 -16.71 -18.58 -16.97
N GLU H 19 -16.30 -19.83 -17.11
CA GLU H 19 -15.70 -20.54 -15.97
C GLU H 19 -14.18 -20.49 -15.95
N VAL H 20 -13.57 -19.84 -16.93
CA VAL H 20 -12.12 -19.67 -16.93
C VAL H 20 -11.83 -18.32 -16.31
N ILE H 21 -12.76 -17.40 -16.42
CA ILE H 21 -12.60 -16.05 -15.86
C ILE H 21 -12.98 -16.08 -14.39
N ASN H 22 -12.50 -15.10 -13.64
CA ASN H 22 -12.77 -15.02 -12.22
C ASN H 22 -14.13 -14.36 -11.97
N ASP H 23 -14.47 -14.17 -10.70
CA ASP H 23 -15.77 -13.63 -10.35
C ASP H 23 -15.92 -12.18 -10.78
N TYR H 24 -14.84 -11.40 -10.70
CA TYR H 24 -14.90 -10.00 -11.10
C TYR H 24 -15.21 -9.86 -12.58
N HIS H 25 -14.51 -10.62 -13.42
CA HIS H 25 -14.78 -10.58 -14.85
C HIS H 25 -16.17 -11.13 -15.17
N PHE H 26 -16.63 -12.13 -14.42
CA PHE H 26 -17.98 -12.64 -14.64
C PHE H 26 -19.03 -11.59 -14.29
N ARG H 27 -18.83 -10.85 -13.20
CA ARG H 27 -19.74 -9.77 -12.86
C ARG H 27 -19.74 -8.68 -13.93
N MET H 28 -18.55 -8.36 -14.46
CA MET H 28 -18.45 -7.36 -15.51
C MET H 28 -19.16 -7.83 -16.78
N VAL H 29 -19.02 -9.11 -17.13
CA VAL H 29 -19.75 -9.66 -18.27
C VAL H 29 -21.25 -9.58 -18.04
N LYS H 30 -21.70 -9.93 -16.83
CA LYS H 30 -23.13 -9.85 -16.52
C LYS H 30 -23.63 -8.41 -16.66
N SER H 31 -22.86 -7.44 -16.18
CA SER H 31 -23.26 -6.04 -16.30
C SER H 31 -23.33 -5.60 -17.75
N LEU H 32 -22.34 -5.99 -18.55
CA LEU H 32 -22.31 -5.56 -19.95
C LEU H 32 -23.46 -6.16 -20.76
N LEU H 33 -23.85 -7.39 -20.44
CA LEU H 33 -24.93 -8.07 -21.14
C LEU H 33 -26.28 -7.86 -20.47
N SER H 34 -26.36 -6.96 -19.48
CA SER H 34 -27.62 -6.73 -18.79
C SER H 34 -28.69 -6.22 -19.75
N ASN H 35 -28.33 -5.28 -20.63
CA ASN H 35 -29.28 -4.79 -21.61
C ASN H 35 -29.61 -5.85 -22.66
N ASP H 36 -28.61 -6.64 -23.05
CA ASP H 36 -28.81 -7.66 -24.07
C ASP H 36 -29.53 -8.90 -23.53
N LEU H 37 -29.53 -9.09 -22.21
CA LEU H 37 -30.20 -10.24 -21.61
C LEU H 37 -31.40 -9.84 -20.75
N LYS H 38 -31.69 -8.54 -20.63
CA LYS H 38 -32.78 -8.03 -19.80
C LYS H 38 -32.66 -8.54 -18.36
N LEU H 39 -31.48 -8.32 -17.78
CA LEU H 39 -31.21 -8.65 -16.39
C LEU H 39 -31.63 -7.50 -15.51
N ASN H 40 -32.58 -7.74 -14.61
CA ASN H 40 -32.99 -6.73 -13.66
C ASN H 40 -31.97 -6.68 -12.52
N LEU H 41 -32.33 -6.05 -11.40
CA LEU H 41 -31.40 -5.98 -10.28
C LEU H 41 -31.08 -7.36 -9.72
N LYS H 42 -32.08 -8.23 -9.60
CA LYS H 42 -31.84 -9.53 -9.00
C LYS H 42 -30.87 -10.35 -9.84
N MET H 43 -31.16 -10.52 -11.13
CA MET H 43 -30.31 -11.34 -11.98
C MET H 43 -28.91 -10.76 -12.13
N ARG H 44 -28.71 -9.47 -11.84
CA ARG H 44 -27.39 -8.87 -11.98
C ARG H 44 -26.39 -9.46 -10.99
N GLU H 45 -26.82 -9.68 -9.74
CA GLU H 45 -25.93 -10.17 -8.70
C GLU H 45 -26.35 -11.52 -8.12
N GLU H 46 -27.34 -12.18 -8.70
CA GLU H 46 -27.75 -13.51 -8.23
C GLU H 46 -27.49 -14.62 -9.23
N TYR H 47 -27.71 -14.39 -10.52
CA TYR H 47 -27.46 -15.45 -11.50
C TYR H 47 -25.98 -15.78 -11.59
N ASP H 48 -25.67 -17.07 -11.54
CA ASP H 48 -24.30 -17.56 -11.67
C ASP H 48 -24.03 -17.89 -13.13
N LYS H 49 -22.91 -18.57 -13.39
CA LYS H 49 -22.47 -18.79 -14.77
C LYS H 49 -23.40 -19.76 -15.51
N ILE H 50 -23.93 -20.77 -14.82
CA ILE H 50 -24.83 -21.72 -15.47
C ILE H 50 -26.08 -21.02 -15.96
N GLN H 51 -26.71 -20.24 -15.08
CA GLN H 51 -27.94 -19.55 -15.44
C GLN H 51 -27.70 -18.47 -16.49
N ILE H 52 -26.55 -17.79 -16.41
CA ILE H 52 -26.22 -16.78 -17.40
C ILE H 52 -26.02 -17.42 -18.77
N ALA H 53 -25.31 -18.56 -18.83
CA ALA H 53 -25.12 -19.24 -20.11
C ALA H 53 -26.45 -19.74 -20.66
N ASP H 54 -27.33 -20.26 -19.79
CA ASP H 54 -28.65 -20.68 -20.24
C ASP H 54 -29.44 -19.51 -20.81
N LEU H 55 -29.37 -18.34 -20.15
CA LEU H 55 -30.08 -17.19 -20.66
C LEU H 55 -29.50 -16.71 -21.99
N MET H 56 -28.18 -16.79 -22.14
CA MET H 56 -27.57 -16.48 -23.43
C MET H 56 -28.12 -17.40 -24.52
N GLU H 57 -28.12 -18.70 -24.28
CA GLU H 57 -28.62 -19.64 -25.28
C GLU H 57 -30.10 -19.38 -25.58
N GLU H 58 -30.87 -19.01 -24.57
CA GLU H 58 -32.28 -18.70 -24.79
C GLU H 58 -32.46 -17.47 -25.66
N LYS H 59 -31.66 -16.43 -25.42
CA LYS H 59 -31.85 -15.15 -26.10
C LYS H 59 -30.87 -14.89 -27.23
N PHE H 60 -29.83 -15.72 -27.39
CA PHE H 60 -28.84 -15.56 -28.44
C PHE H 60 -28.70 -16.84 -29.25
N ARG H 61 -29.85 -17.38 -29.68
CA ARG H 61 -29.88 -18.69 -30.30
C ARG H 61 -29.01 -18.80 -31.54
N GLY H 62 -28.67 -17.66 -32.16
CA GLY H 62 -27.79 -17.70 -33.32
C GLY H 62 -26.42 -18.27 -33.00
N ASP H 63 -25.83 -17.83 -31.88
CA ASP H 63 -24.50 -18.30 -31.50
C ASP H 63 -24.37 -18.58 -30.01
N ALA H 64 -25.48 -18.65 -29.27
CA ALA H 64 -25.48 -18.89 -27.83
C ALA H 64 -24.64 -17.85 -27.08
N GLY H 65 -24.54 -16.65 -27.64
CA GLY H 65 -23.78 -15.59 -27.01
C GLY H 65 -22.28 -15.70 -27.15
N LEU H 66 -21.77 -16.69 -27.87
CA LEU H 66 -20.33 -16.86 -28.01
C LEU H 66 -19.70 -15.67 -28.73
N GLY H 67 -20.34 -15.18 -29.78
CA GLY H 67 -19.80 -14.04 -30.49
C GLY H 67 -19.73 -12.79 -29.63
N LYS H 68 -20.82 -12.50 -28.92
CA LYS H 68 -20.81 -11.33 -28.04
C LYS H 68 -19.87 -11.52 -26.86
N LEU H 69 -19.77 -12.74 -26.32
CA LEU H 69 -18.80 -12.98 -25.26
C LEU H 69 -17.38 -12.76 -25.75
N ILE H 70 -17.08 -13.19 -26.97
CA ILE H 70 -15.76 -12.96 -27.55
C ILE H 70 -15.52 -11.46 -27.75
N LYS H 71 -16.55 -10.74 -28.20
CA LYS H 71 -16.41 -9.30 -28.37
C LYS H 71 -16.13 -8.61 -27.03
N ILE H 72 -16.80 -9.05 -25.96
CA ILE H 72 -16.50 -8.53 -24.63
C ILE H 72 -15.07 -8.86 -24.24
N PHE H 73 -14.65 -10.11 -24.46
CA PHE H 73 -13.32 -10.53 -24.02
C PHE H 73 -12.22 -9.83 -24.80
N GLU H 74 -12.51 -9.39 -26.02
CA GLU H 74 -11.51 -8.65 -26.80
C GLU H 74 -11.11 -7.35 -26.10
N ASP H 75 -12.09 -6.61 -25.59
CA ASP H 75 -11.80 -5.36 -24.90
C ASP H 75 -11.21 -5.57 -23.51
N ILE H 76 -11.25 -6.79 -22.98
CA ILE H 76 -10.63 -7.10 -21.70
C ILE H 76 -9.18 -7.49 -21.97
N PRO H 77 -8.21 -6.65 -21.61
CA PRO H 77 -6.80 -7.01 -21.89
C PRO H 77 -6.35 -8.26 -21.17
N THR H 78 -6.89 -8.55 -19.99
CA THR H 78 -6.51 -9.75 -19.26
C THR H 78 -7.00 -11.01 -19.94
N LEU H 79 -8.13 -10.94 -20.66
CA LEU H 79 -8.76 -12.10 -21.27
C LEU H 79 -8.65 -12.11 -22.79
N GLU H 80 -7.68 -11.38 -23.35
CA GLU H 80 -7.50 -11.41 -24.81
C GLU H 80 -7.09 -12.81 -25.28
N ASP H 81 -6.21 -13.48 -24.52
CA ASP H 81 -5.82 -14.84 -24.88
C ASP H 81 -7.02 -15.79 -24.82
N LEU H 82 -7.88 -15.61 -23.81
CA LEU H 82 -9.08 -16.42 -23.73
C LEU H 82 -10.03 -16.13 -24.89
N ALA H 83 -10.09 -14.87 -25.32
CA ALA H 83 -10.90 -14.53 -26.50
C ALA H 83 -10.36 -15.24 -27.73
N GLU H 84 -9.04 -15.26 -27.90
CA GLU H 84 -8.45 -15.98 -29.03
C GLU H 84 -8.75 -17.47 -28.94
N THR H 85 -8.67 -18.04 -27.74
CA THR H 85 -8.98 -19.46 -27.55
C THR H 85 -10.43 -19.75 -27.90
N LEU H 86 -11.35 -18.87 -27.49
CA LEU H 86 -12.76 -19.05 -27.82
C LEU H 86 -12.99 -18.94 -29.32
N LYS H 87 -12.30 -18.02 -29.99
CA LYS H 87 -12.37 -17.95 -31.45
C LYS H 87 -11.90 -19.24 -32.09
N LYS H 88 -10.77 -19.77 -31.62
CA LYS H 88 -10.24 -21.01 -32.16
C LYS H 88 -11.23 -22.15 -31.96
N GLU H 89 -11.85 -22.23 -30.79
CA GLU H 89 -12.84 -23.27 -30.54
C GLU H 89 -14.06 -23.10 -31.44
N LYS H 90 -14.51 -21.86 -31.65
CA LYS H 90 -15.67 -21.63 -32.51
C LYS H 90 -15.39 -22.06 -33.95
N LEU H 91 -14.22 -21.68 -34.48
CA LEU H 91 -13.86 -22.15 -35.82
C LEU H 91 -13.64 -23.65 -35.86
N LYS H 92 -13.22 -24.26 -34.74
CA LYS H 92 -13.15 -25.71 -34.68
C LYS H 92 -14.52 -26.34 -34.83
N VAL H 93 -15.53 -25.77 -34.16
CA VAL H 93 -16.89 -26.27 -34.29
C VAL H 93 -17.64 -25.47 -35.34
N LYS I 8 -15.83 -1.80 28.74
CA LYS I 8 -15.78 -0.78 27.70
C LYS I 8 -14.34 -0.39 27.38
N TYR I 9 -13.40 -1.23 27.83
CA TYR I 9 -11.99 -0.95 27.59
C TYR I 9 -11.63 -1.08 26.11
N LYS I 10 -12.28 -2.01 25.39
CA LYS I 10 -11.99 -2.14 23.96
C LYS I 10 -12.43 -0.93 23.18
N ASN I 11 -13.41 -0.17 23.70
CA ASN I 11 -13.83 1.06 23.04
C ASN I 11 -12.70 2.08 23.01
N ILE I 12 -11.97 2.21 24.12
CA ILE I 12 -10.90 3.20 24.20
C ILE I 12 -9.72 2.78 23.34
N VAL I 13 -9.33 1.50 23.40
CA VAL I 13 -8.13 1.05 22.71
C VAL I 13 -8.34 1.06 21.20
N LEU I 14 -9.59 0.96 20.74
CA LEU I 14 -9.86 0.93 19.31
C LEU I 14 -10.17 2.31 18.75
N LEU I 15 -11.22 2.95 19.27
CA LEU I 15 -11.66 4.23 18.71
C LEU I 15 -10.72 5.36 19.07
N LYS I 16 -10.27 5.41 20.32
CA LYS I 16 -9.32 6.43 20.76
C LYS I 16 -7.88 5.96 20.70
N GLY I 17 -7.64 4.72 20.28
CA GLY I 17 -6.31 4.16 20.26
C GLY I 17 -5.75 3.95 18.86
N LEU I 18 -5.84 2.70 18.39
CA LEU I 18 -5.24 2.33 17.11
C LEU I 18 -5.82 3.10 15.94
N GLU I 19 -7.03 3.64 16.07
CA GLU I 19 -7.66 4.31 14.96
C GLU I 19 -7.18 5.75 14.81
N VAL I 20 -6.46 6.23 15.80
CA VAL I 20 -5.93 7.59 15.75
C VAL I 20 -4.54 7.58 15.15
N ILE I 21 -3.80 6.50 15.39
CA ILE I 21 -2.43 6.40 14.88
C ILE I 21 -2.43 6.08 13.40
N ASN I 22 -1.38 6.49 12.69
CA ASN I 22 -1.25 6.17 11.27
C ASN I 22 -0.83 4.72 11.08
N ASP I 23 -0.65 4.32 9.83
CA ASP I 23 -0.28 2.94 9.53
C ASP I 23 1.11 2.59 10.03
N TYR I 24 2.04 3.56 10.01
CA TYR I 24 3.39 3.30 10.48
C TYR I 24 3.40 2.96 11.97
N HIS I 25 2.72 3.77 12.78
CA HIS I 25 2.64 3.51 14.21
C HIS I 25 1.83 2.27 14.50
N PHE I 26 0.81 1.99 13.70
CA PHE I 26 0.04 0.76 13.88
C PHE I 26 0.91 -0.47 13.61
N ARG I 27 1.76 -0.40 12.58
CA ARG I 27 2.70 -1.49 12.33
C ARG I 27 3.71 -1.62 13.46
N MET I 28 4.14 -0.48 14.02
CA MET I 28 4.99 -0.52 15.22
C MET I 28 4.29 -1.29 16.34
N VAL I 29 3.03 -0.96 16.61
CA VAL I 29 2.28 -1.61 17.68
C VAL I 29 2.14 -3.10 17.40
N LYS I 30 1.83 -3.46 16.16
CA LYS I 30 1.68 -4.87 15.80
C LYS I 30 2.98 -5.63 16.00
N SER I 31 4.11 -5.03 15.61
CA SER I 31 5.40 -5.70 15.77
C SER I 31 5.77 -5.84 17.24
N LEU I 32 5.56 -4.79 18.04
CA LEU I 32 5.96 -4.84 19.44
C LEU I 32 5.10 -5.82 20.24
N LEU I 33 3.85 -6.01 19.84
CA LEU I 33 2.94 -6.91 20.51
C LEU I 33 2.92 -8.30 19.88
N SER I 34 3.83 -8.56 18.93
CA SER I 34 3.85 -9.87 18.27
C SER I 34 4.13 -10.99 19.28
N ASN I 35 5.08 -10.77 20.18
CA ASN I 35 5.37 -11.78 21.19
C ASN I 35 4.23 -11.88 22.21
N ASP I 36 3.63 -10.75 22.56
CA ASP I 36 2.54 -10.72 23.54
C ASP I 36 1.20 -11.15 22.97
N LEU I 37 1.07 -11.22 21.64
CA LEU I 37 -0.16 -11.66 21.00
C LEU I 37 0.03 -12.91 20.15
N LYS I 38 1.25 -13.43 20.04
CA LYS I 38 1.55 -14.62 19.25
C LYS I 38 1.11 -14.44 17.79
N LEU I 39 1.52 -13.33 17.19
CA LEU I 39 1.23 -13.04 15.80
C LEU I 39 2.31 -13.66 14.92
N ASN I 40 1.93 -14.56 14.03
CA ASN I 40 2.88 -15.18 13.12
C ASN I 40 3.12 -14.24 11.94
N LEU I 41 3.73 -14.77 10.88
CA LEU I 41 4.11 -13.93 9.74
C LEU I 41 2.89 -13.33 9.06
N LYS I 42 1.82 -14.11 8.90
CA LYS I 42 0.61 -13.58 8.29
C LYS I 42 -0.02 -12.49 9.14
N MET I 43 -0.12 -12.74 10.45
CA MET I 43 -0.85 -11.84 11.33
C MET I 43 -0.20 -10.47 11.40
N ARG I 44 1.13 -10.41 11.29
CA ARG I 44 1.83 -9.13 11.38
C ARG I 44 1.46 -8.22 10.21
N GLU I 45 1.35 -8.79 9.00
CA GLU I 45 1.13 -8.00 7.80
C GLU I 45 -0.32 -8.00 7.32
N GLU I 46 -1.22 -8.70 8.00
CA GLU I 46 -2.60 -8.75 7.54
C GLU I 46 -3.61 -8.14 8.50
N TYR I 47 -3.49 -8.39 9.81
CA TYR I 47 -4.46 -7.86 10.75
C TYR I 47 -4.53 -6.34 10.71
N ASP I 48 -5.75 -5.81 10.71
CA ASP I 48 -6.00 -4.39 10.83
C ASP I 48 -6.30 -4.04 12.28
N LYS I 49 -6.73 -2.80 12.51
CA LYS I 49 -6.91 -2.31 13.87
C LYS I 49 -8.03 -3.04 14.60
N ILE I 50 -9.12 -3.35 13.90
CA ILE I 50 -10.26 -4.01 14.54
C ILE I 50 -9.85 -5.38 15.08
N GLN I 51 -9.22 -6.18 14.23
CA GLN I 51 -8.88 -7.55 14.63
C GLN I 51 -7.73 -7.58 15.62
N ILE I 52 -6.79 -6.63 15.53
CA ILE I 52 -5.75 -6.51 16.54
C ILE I 52 -6.35 -6.15 17.89
N ALA I 53 -7.31 -5.22 17.91
CA ALA I 53 -7.97 -4.86 19.15
C ALA I 53 -8.75 -6.04 19.72
N ASP I 54 -9.42 -6.80 18.86
CA ASP I 54 -10.13 -7.99 19.33
C ASP I 54 -9.17 -9.01 19.93
N LEU I 55 -8.03 -9.21 19.29
CA LEU I 55 -7.04 -10.15 19.81
C LEU I 55 -6.49 -9.68 21.16
N MET I 56 -6.23 -8.38 21.29
CA MET I 56 -5.76 -7.87 22.58
C MET I 56 -6.82 -8.07 23.66
N GLU I 57 -8.08 -7.79 23.35
CA GLU I 57 -9.15 -8.01 24.33
C GLU I 57 -9.22 -9.48 24.71
N GLU I 58 -9.03 -10.38 23.74
CA GLU I 58 -9.06 -11.81 24.04
C GLU I 58 -7.92 -12.22 24.95
N LYS I 59 -6.72 -11.71 24.70
CA LYS I 59 -5.53 -12.17 25.41
C LYS I 59 -5.11 -11.27 26.56
N PHE I 60 -5.61 -10.04 26.63
CA PHE I 60 -5.23 -9.07 27.66
C PHE I 60 -6.45 -8.68 28.49
N ARG I 61 -7.20 -9.68 28.94
CA ARG I 61 -8.51 -9.46 29.55
C ARG I 61 -8.45 -8.53 30.75
N GLY I 62 -7.29 -8.41 31.41
CA GLY I 62 -7.19 -7.52 32.55
C GLY I 62 -7.48 -6.07 32.19
N ASP I 63 -6.95 -5.61 31.05
CA ASP I 63 -7.17 -4.23 30.64
C ASP I 63 -7.45 -4.11 29.15
N ALA I 64 -7.75 -5.21 28.47
CA ALA I 64 -8.05 -5.22 27.03
C ALA I 64 -6.91 -4.64 26.20
N GLY I 65 -5.69 -4.71 26.71
CA GLY I 65 -4.53 -4.20 26.00
C GLY I 65 -4.34 -2.70 26.08
N LEU I 66 -5.20 -1.98 26.81
CA LEU I 66 -5.05 -0.53 26.91
C LEU I 66 -3.76 -0.15 27.62
N GLY I 67 -3.42 -0.86 28.69
CA GLY I 67 -2.21 -0.52 29.44
C GLY I 67 -0.95 -0.73 28.63
N LYS I 68 -0.83 -1.87 27.96
CA LYS I 68 0.36 -2.11 27.16
C LYS I 68 0.42 -1.17 25.97
N LEU I 69 -0.74 -0.83 25.39
CA LEU I 69 -0.76 0.19 24.34
C LEU I 69 -0.26 1.53 24.88
N ILE I 70 -0.63 1.87 26.11
CA ILE I 70 -0.17 3.12 26.70
C ILE I 70 1.35 3.11 26.90
N LYS I 71 1.89 2.01 27.42
CA LYS I 71 3.34 1.92 27.55
C LYS I 71 4.05 1.95 26.21
N ILE I 72 3.45 1.38 25.15
CA ILE I 72 4.04 1.51 23.82
C ILE I 72 4.01 2.96 23.36
N PHE I 73 2.88 3.64 23.54
CA PHE I 73 2.74 5.02 23.09
C PHE I 73 3.62 5.97 23.89
N GLU I 74 4.01 5.60 25.12
CA GLU I 74 4.89 6.45 25.90
C GLU I 74 6.24 6.63 25.22
N ASP I 75 6.80 5.54 24.69
CA ASP I 75 8.13 5.60 24.09
C ASP I 75 8.12 6.23 22.71
N ILE I 76 6.96 6.35 22.07
CA ILE I 76 6.86 7.02 20.78
C ILE I 76 6.74 8.52 21.01
N PRO I 77 7.73 9.32 20.59
CA PRO I 77 7.64 10.77 20.84
C PRO I 77 6.45 11.43 20.17
N THR I 78 6.03 10.93 19.00
CA THR I 78 4.90 11.53 18.30
C THR I 78 3.59 11.30 19.07
N LEU I 79 3.44 10.13 19.68
CA LEU I 79 2.18 9.73 20.29
C LEU I 79 2.18 9.90 21.80
N GLU I 80 3.04 10.76 22.36
CA GLU I 80 3.01 11.01 23.79
C GLU I 80 1.70 11.66 24.22
N ASP I 81 1.21 12.61 23.43
CA ASP I 81 -0.07 13.24 23.73
C ASP I 81 -1.22 12.22 23.69
N LEU I 82 -1.18 11.32 22.70
CA LEU I 82 -2.18 10.27 22.64
C LEU I 82 -2.09 9.32 23.83
N ALA I 83 -0.86 9.04 24.29
CA ALA I 83 -0.69 8.23 25.48
C ALA I 83 -1.30 8.91 26.70
N GLU I 84 -1.09 10.21 26.84
CA GLU I 84 -1.70 10.94 27.95
C GLU I 84 -3.23 10.92 27.84
N THR I 85 -3.75 11.08 26.62
CA THR I 85 -5.20 11.03 26.44
C THR I 85 -5.75 9.66 26.80
N LEU I 86 -5.05 8.59 26.43
CA LEU I 86 -5.49 7.25 26.79
C LEU I 86 -5.43 7.02 28.29
N LYS I 87 -4.40 7.58 28.95
CA LYS I 87 -4.35 7.52 30.41
C LYS I 87 -5.55 8.22 31.03
N LYS I 88 -5.90 9.39 30.50
CA LYS I 88 -7.06 10.12 31.01
C LYS I 88 -8.34 9.32 30.79
N GLU I 89 -8.47 8.68 29.62
CA GLU I 89 -9.64 7.86 29.35
C GLU I 89 -9.73 6.67 30.30
N LYS I 90 -8.60 6.01 30.56
CA LYS I 90 -8.59 4.89 31.50
C LYS I 90 -8.96 5.35 32.90
N LEU I 91 -8.44 6.51 33.33
CA LEU I 91 -8.80 7.05 34.64
C LEU I 91 -10.29 7.37 34.70
N LYS I 92 -10.85 7.89 33.60
CA LYS I 92 -12.29 8.15 33.56
C LYS I 92 -13.08 6.86 33.68
N VAL I 93 -12.64 5.80 33.02
CA VAL I 93 -13.30 4.50 33.12
C VAL I 93 -12.58 3.63 34.13
N LYS J 8 -20.50 21.93 -8.49
CA LYS J 8 -19.31 21.51 -9.19
C LYS J 8 -18.06 22.15 -8.60
N TYR J 9 -18.18 22.65 -7.37
CA TYR J 9 -17.04 23.27 -6.72
C TYR J 9 -15.96 22.26 -6.35
N LYS J 10 -16.36 21.03 -6.00
CA LYS J 10 -15.36 20.01 -5.67
C LYS J 10 -14.57 19.62 -6.91
N ASN J 11 -15.16 19.77 -8.10
CA ASN J 11 -14.41 19.51 -9.33
C ASN J 11 -13.22 20.45 -9.46
N ILE J 12 -13.41 21.73 -9.13
CA ILE J 12 -12.33 22.70 -9.25
C ILE J 12 -11.28 22.46 -8.17
N VAL J 13 -11.72 22.24 -6.94
CA VAL J 13 -10.79 22.14 -5.83
C VAL J 13 -9.97 20.85 -5.89
N LEU J 14 -10.44 19.84 -6.62
CA LEU J 14 -9.73 18.57 -6.69
C LEU J 14 -8.84 18.49 -7.93
N LEU J 15 -9.42 18.68 -9.11
CA LEU J 15 -8.66 18.51 -10.34
C LEU J 15 -7.77 19.72 -10.64
N LYS J 16 -8.31 20.92 -10.47
CA LYS J 16 -7.52 22.14 -10.65
C LYS J 16 -6.89 22.63 -9.34
N GLY J 17 -7.09 21.91 -8.24
CA GLY J 17 -6.60 22.34 -6.96
C GLY J 17 -5.48 21.47 -6.42
N LEU J 18 -5.84 20.53 -5.54
CA LEU J 18 -4.85 19.69 -4.87
C LEU J 18 -4.07 18.82 -5.85
N GLU J 19 -4.64 18.50 -7.01
CA GLU J 19 -3.98 17.64 -7.99
C GLU J 19 -2.91 18.36 -8.80
N VAL J 20 -2.89 19.70 -8.78
CA VAL J 20 -1.86 20.45 -9.48
C VAL J 20 -0.65 20.73 -8.59
N ILE J 21 -0.84 20.78 -7.28
CA ILE J 21 0.23 21.03 -6.33
C ILE J 21 0.91 19.72 -5.94
N ASN J 22 2.17 19.80 -5.55
CA ASN J 22 2.96 18.63 -5.23
C ASN J 22 2.61 18.10 -3.84
N ASP J 23 3.30 17.04 -3.42
CA ASP J 23 2.99 16.40 -2.16
C ASP J 23 3.33 17.29 -0.98
N TYR J 24 4.41 18.07 -1.08
CA TYR J 24 4.79 18.95 0.02
C TYR J 24 3.74 20.02 0.27
N HIS J 25 3.29 20.68 -0.80
CA HIS J 25 2.22 21.66 -0.64
C HIS J 25 0.91 21.00 -0.21
N PHE J 26 0.68 19.75 -0.62
CA PHE J 26 -0.50 19.05 -0.15
C PHE J 26 -0.44 18.79 1.35
N ARG J 27 0.74 18.43 1.86
CA ARG J 27 0.91 18.28 3.29
C ARG J 27 0.72 19.61 4.00
N MET J 28 1.18 20.70 3.38
CA MET J 28 0.91 22.03 3.90
C MET J 28 -0.59 22.28 4.02
N VAL J 29 -1.34 21.97 2.97
CA VAL J 29 -2.79 22.20 2.98
C VAL J 29 -3.45 21.34 4.04
N LYS J 30 -3.04 20.07 4.15
CA LYS J 30 -3.61 19.19 5.16
C LYS J 30 -3.33 19.71 6.57
N SER J 31 -2.12 20.20 6.81
CA SER J 31 -1.79 20.72 8.14
C SER J 31 -2.57 22.00 8.44
N LEU J 32 -2.65 22.92 7.48
CA LEU J 32 -3.30 24.19 7.74
C LEU J 32 -4.80 24.04 7.94
N LEU J 33 -5.41 23.08 7.26
CA LEU J 33 -6.83 22.82 7.37
C LEU J 33 -7.16 21.79 8.45
N SER J 34 -6.18 21.42 9.27
CA SER J 34 -6.40 20.40 10.30
C SER J 34 -7.45 20.86 11.31
N ASN J 35 -7.34 22.11 11.78
CA ASN J 35 -8.33 22.62 12.72
C ASN J 35 -9.68 22.81 12.06
N ASP J 36 -9.68 23.21 10.79
CA ASP J 36 -10.93 23.42 10.06
C ASP J 36 -11.55 22.15 9.54
N LEU J 37 -10.83 21.03 9.57
CA LEU J 37 -11.35 19.74 9.12
C LEU J 37 -11.33 18.68 10.21
N LYS J 38 -10.80 19.00 11.39
CA LYS J 38 -10.71 18.06 12.51
C LYS J 38 -9.96 16.78 12.11
N LEU J 39 -8.77 16.97 11.55
CA LEU J 39 -7.93 15.85 11.15
C LEU J 39 -7.05 15.43 12.33
N ASN J 40 -7.17 14.17 12.74
CA ASN J 40 -6.33 13.64 13.80
C ASN J 40 -4.97 13.26 13.22
N LEU J 41 -4.15 12.55 14.00
CA LEU J 41 -2.80 12.21 13.55
C LEU J 41 -2.83 11.29 12.34
N LYS J 42 -3.78 10.35 12.30
CA LYS J 42 -3.87 9.44 11.17
C LYS J 42 -4.20 10.19 9.87
N MET J 43 -5.17 11.10 9.94
CA MET J 43 -5.60 11.81 8.74
C MET J 43 -4.51 12.73 8.21
N ARG J 44 -3.58 13.16 9.08
CA ARG J 44 -2.49 14.02 8.63
C ARG J 44 -1.60 13.30 7.62
N GLU J 45 -1.25 12.04 7.88
CA GLU J 45 -0.29 11.31 7.08
C GLU J 45 -0.91 10.23 6.20
N GLU J 46 -2.23 10.03 6.25
CA GLU J 46 -2.85 9.00 5.45
C GLU J 46 -3.79 9.54 4.39
N TYR J 47 -4.55 10.59 4.68
CA TYR J 47 -5.54 11.08 3.73
C TYR J 47 -4.87 11.68 2.50
N ASP J 48 -5.32 11.26 1.32
CA ASP J 48 -4.82 11.77 0.07
C ASP J 48 -5.76 12.88 -0.43
N LYS J 49 -5.52 13.32 -1.68
CA LYS J 49 -6.24 14.48 -2.20
C LYS J 49 -7.73 14.20 -2.36
N ILE J 50 -8.09 12.98 -2.76
CA ILE J 50 -9.50 12.64 -2.94
C ILE J 50 -10.24 12.72 -1.61
N GLN J 51 -9.71 12.07 -0.59
CA GLN J 51 -10.37 12.08 0.72
C GLN J 51 -10.38 13.47 1.33
N ILE J 52 -9.30 14.23 1.15
CA ILE J 52 -9.25 15.58 1.71
C ILE J 52 -10.26 16.48 1.02
N ALA J 53 -10.39 16.38 -0.30
CA ALA J 53 -11.38 17.17 -1.02
C ALA J 53 -12.79 16.79 -0.62
N ASP J 54 -13.06 15.48 -0.48
CA ASP J 54 -14.38 15.05 -0.04
C ASP J 54 -14.69 15.56 1.36
N LEU J 55 -13.71 15.53 2.25
CA LEU J 55 -13.93 16.01 3.61
C LEU J 55 -14.17 17.52 3.62
N MET J 56 -13.46 18.24 2.76
CA MET J 56 -13.71 19.68 2.63
C MET J 56 -15.14 19.93 2.17
N GLU J 57 -15.59 19.20 1.15
CA GLU J 57 -16.96 19.38 0.66
C GLU J 57 -17.96 19.04 1.75
N GLU J 58 -17.66 18.03 2.57
CA GLU J 58 -18.55 17.67 3.67
C GLU J 58 -18.64 18.78 4.72
N LYS J 59 -17.50 19.39 5.06
CA LYS J 59 -17.47 20.38 6.13
C LYS J 59 -17.51 21.82 5.64
N PHE J 60 -17.35 22.06 4.34
CA PHE J 60 -17.35 23.41 3.76
C PHE J 60 -18.36 23.50 2.64
N ARG J 61 -19.60 23.07 2.91
CA ARG J 61 -20.62 22.96 1.87
C ARG J 61 -20.90 24.29 1.19
N GLY J 62 -20.58 25.41 1.83
CA GLY J 62 -20.78 26.70 1.19
C GLY J 62 -19.97 26.86 -0.08
N ASP J 63 -18.71 26.43 -0.06
CA ASP J 63 -17.85 26.54 -1.23
C ASP J 63 -16.98 25.31 -1.47
N ALA J 64 -17.26 24.19 -0.82
CA ALA J 64 -16.49 22.95 -0.98
C ALA J 64 -15.01 23.14 -0.67
N GLY J 65 -14.70 24.13 0.17
CA GLY J 65 -13.32 24.41 0.55
C GLY J 65 -12.50 25.13 -0.49
N LEU J 66 -13.11 25.53 -1.62
CA LEU J 66 -12.35 26.21 -2.66
C LEU J 66 -11.84 27.57 -2.19
N GLY J 67 -12.67 28.32 -1.47
CA GLY J 67 -12.24 29.63 -0.99
C GLY J 67 -11.11 29.52 0.02
N LYS J 68 -11.24 28.62 0.98
CA LYS J 68 -10.18 28.45 1.98
C LYS J 68 -8.90 27.97 1.32
N LEU J 69 -9.02 27.09 0.31
CA LEU J 69 -7.84 26.70 -0.46
C LEU J 69 -7.22 27.90 -1.16
N ILE J 70 -8.07 28.83 -1.62
CA ILE J 70 -7.56 30.02 -2.30
C ILE J 70 -6.76 30.89 -1.34
N LYS J 71 -7.30 31.12 -0.13
CA LYS J 71 -6.52 31.89 0.85
C LYS J 71 -5.26 31.16 1.28
N ILE J 72 -5.28 29.82 1.32
CA ILE J 72 -4.04 29.08 1.59
C ILE J 72 -3.03 29.31 0.49
N PHE J 73 -3.47 29.22 -0.77
CA PHE J 73 -2.57 29.36 -1.91
C PHE J 73 -2.07 30.79 -2.08
N GLU J 74 -2.80 31.77 -1.56
CA GLU J 74 -2.35 33.16 -1.66
C GLU J 74 -1.04 33.37 -0.92
N ASP J 75 -0.94 32.82 0.29
CA ASP J 75 0.26 33.01 1.11
C ASP J 75 1.44 32.17 0.63
N ILE J 76 1.20 31.16 -0.20
CA ILE J 76 2.29 30.36 -0.75
C ILE J 76 2.84 31.08 -1.98
N PRO J 77 4.10 31.53 -1.95
CA PRO J 77 4.65 32.24 -3.11
C PRO J 77 4.68 31.39 -4.38
N THR J 78 4.89 30.09 -4.24
CA THR J 78 4.98 29.24 -5.42
C THR J 78 3.63 29.06 -6.11
N LEU J 79 2.53 29.08 -5.35
CA LEU J 79 1.21 28.77 -5.88
C LEU J 79 0.35 30.02 -6.07
N GLU J 80 0.96 31.20 -6.21
CA GLU J 80 0.18 32.41 -6.46
C GLU J 80 -0.56 32.33 -7.79
N ASP J 81 0.11 31.83 -8.84
CA ASP J 81 -0.53 31.68 -10.14
C ASP J 81 -1.70 30.71 -10.06
N LEU J 82 -1.53 29.60 -9.33
CA LEU J 82 -2.62 28.66 -9.17
C LEU J 82 -3.76 29.24 -8.35
N ALA J 83 -3.45 30.09 -7.37
CA ALA J 83 -4.50 30.78 -6.63
C ALA J 83 -5.30 31.69 -7.54
N GLU J 84 -4.62 32.42 -8.43
CA GLU J 84 -5.33 33.26 -9.39
C GLU J 84 -6.18 32.41 -10.34
N THR J 85 -5.64 31.27 -10.78
CA THR J 85 -6.41 30.38 -11.65
C THR J 85 -7.65 29.85 -10.95
N LEU J 86 -7.53 29.49 -9.66
CA LEU J 86 -8.67 29.03 -8.90
C LEU J 86 -9.70 30.14 -8.71
N LYS J 87 -9.24 31.37 -8.51
CA LYS J 87 -10.16 32.50 -8.45
C LYS J 87 -10.92 32.66 -9.75
N LYS J 88 -10.22 32.55 -10.88
CA LYS J 88 -10.89 32.65 -12.17
C LYS J 88 -11.89 31.52 -12.37
N GLU J 89 -11.54 30.31 -11.93
CA GLU J 89 -12.46 29.18 -12.05
C GLU J 89 -13.70 29.40 -11.19
N LYS J 90 -13.51 29.91 -9.96
CA LYS J 90 -14.66 30.20 -9.10
C LYS J 90 -15.55 31.27 -9.71
N LEU J 91 -14.94 32.30 -10.31
CA LEU J 91 -15.73 33.33 -10.98
C LEU J 91 -16.50 32.75 -12.16
N LYS J 92 -15.88 31.83 -12.90
CA LYS J 92 -16.57 31.18 -14.00
C LYS J 92 -17.76 30.35 -13.50
N VAL J 93 -17.56 29.64 -12.38
CA VAL J 93 -18.64 28.83 -11.82
C VAL J 93 -19.20 29.50 -10.57
N LYS K 8 -39.85 1.04 15.47
CA LYS K 8 -39.42 1.68 14.23
C LYS K 8 -37.95 2.07 14.39
N TYR K 9 -37.41 1.89 15.59
CA TYR K 9 -36.01 2.19 15.83
C TYR K 9 -35.09 1.33 14.97
N LYS K 10 -35.45 0.06 14.76
CA LYS K 10 -34.67 -0.77 13.85
C LYS K 10 -34.82 -0.30 12.40
N ASN K 11 -35.94 0.34 12.09
CA ASN K 11 -36.13 0.87 10.74
C ASN K 11 -35.13 1.98 10.44
N ILE K 12 -34.54 2.58 11.47
CA ILE K 12 -33.55 3.64 11.27
C ILE K 12 -32.13 3.09 11.33
N VAL K 13 -31.86 2.20 12.28
CA VAL K 13 -30.49 1.73 12.49
C VAL K 13 -29.99 0.91 11.30
N LEU K 14 -30.89 0.40 10.47
CA LEU K 14 -30.50 -0.39 9.31
C LEU K 14 -30.37 0.46 8.04
N LEU K 15 -31.40 1.24 7.72
CA LEU K 15 -31.33 2.07 6.52
C LEU K 15 -30.31 3.19 6.69
N LYS K 16 -30.37 3.92 7.80
CA LYS K 16 -29.52 5.08 8.02
C LYS K 16 -28.24 4.76 8.77
N GLY K 17 -28.07 3.52 9.24
CA GLY K 17 -26.98 3.20 10.14
C GLY K 17 -25.92 2.29 9.55
N LEU K 18 -26.01 1.00 9.87
CA LEU K 18 -24.95 0.05 9.53
C LEU K 18 -24.72 -0.07 8.03
N GLU K 19 -25.69 0.33 7.20
CA GLU K 19 -25.53 0.22 5.75
C GLU K 19 -24.93 1.47 5.11
N VAL K 20 -25.05 2.62 5.76
CA VAL K 20 -24.44 3.83 5.21
C VAL K 20 -22.92 3.80 5.42
N ILE K 21 -22.46 3.16 6.48
CA ILE K 21 -21.02 3.00 6.72
C ILE K 21 -20.50 1.87 5.86
N ASN K 22 -19.19 1.90 5.60
CA ASN K 22 -18.55 0.89 4.77
C ASN K 22 -18.30 -0.38 5.58
N ASP K 23 -17.70 -1.38 4.92
CA ASP K 23 -17.46 -2.66 5.57
C ASP K 23 -16.46 -2.55 6.71
N TYR K 24 -15.46 -1.68 6.56
CA TYR K 24 -14.48 -1.50 7.64
C TYR K 24 -15.14 -0.99 8.90
N HIS K 25 -15.96 0.07 8.78
CA HIS K 25 -16.66 0.60 9.94
C HIS K 25 -17.70 -0.40 10.46
N PHE K 26 -18.32 -1.18 9.58
CA PHE K 26 -19.27 -2.18 10.06
C PHE K 26 -18.58 -3.27 10.88
N ARG K 27 -17.41 -3.72 10.42
CA ARG K 27 -16.65 -4.69 11.21
C ARG K 27 -16.21 -4.09 12.54
N MET K 28 -15.80 -2.82 12.53
CA MET K 28 -15.41 -2.16 13.78
C MET K 28 -16.59 -2.05 14.73
N VAL K 29 -17.78 -1.74 14.21
CA VAL K 29 -18.99 -1.70 15.03
C VAL K 29 -19.29 -3.07 15.62
N LYS K 30 -19.17 -4.11 14.78
CA LYS K 30 -19.41 -5.47 15.27
C LYS K 30 -18.45 -5.84 16.39
N SER K 31 -17.18 -5.46 16.23
CA SER K 31 -16.20 -5.74 17.28
C SER K 31 -16.52 -4.96 18.56
N LEU K 32 -16.87 -3.68 18.44
CA LEU K 32 -17.14 -2.88 19.63
C LEU K 32 -18.42 -3.31 20.34
N LEU K 33 -19.35 -3.94 19.63
CA LEU K 33 -20.59 -4.42 20.22
C LEU K 33 -20.57 -5.92 20.49
N SER K 34 -19.40 -6.55 20.39
CA SER K 34 -19.31 -8.00 20.60
C SER K 34 -19.70 -8.38 22.03
N ASN K 35 -19.22 -7.63 23.01
CA ASN K 35 -19.57 -7.92 24.40
C ASN K 35 -21.04 -7.65 24.68
N ASP K 36 -21.59 -6.58 24.10
CA ASP K 36 -22.98 -6.22 24.32
C ASP K 36 -23.95 -7.07 23.50
N LEU K 37 -23.46 -7.82 22.52
CA LEU K 37 -24.29 -8.69 21.72
C LEU K 37 -23.94 -10.17 21.88
N LYS K 38 -22.90 -10.49 22.65
CA LYS K 38 -22.45 -11.87 22.87
C LYS K 38 -22.17 -12.57 21.54
N LEU K 39 -21.43 -11.88 20.68
CA LEU K 39 -21.02 -12.44 19.39
C LEU K 39 -19.77 -13.30 19.59
N ASN K 40 -19.85 -14.57 19.20
CA ASN K 40 -18.73 -15.47 19.31
C ASN K 40 -17.79 -15.26 18.13
N LEU K 41 -16.89 -16.21 17.90
CA LEU K 41 -15.95 -16.10 16.79
C LEU K 41 -16.67 -16.11 15.44
N LYS K 42 -17.67 -16.97 15.29
CA LYS K 42 -18.37 -17.06 14.01
C LYS K 42 -19.14 -15.78 13.71
N MET K 43 -19.96 -15.32 14.67
CA MET K 43 -20.83 -14.19 14.42
C MET K 43 -20.07 -12.88 14.25
N ARG K 44 -18.79 -12.85 14.64
CA ARG K 44 -18.02 -11.61 14.51
C ARG K 44 -17.80 -11.24 13.05
N GLU K 45 -17.46 -12.22 12.21
CA GLU K 45 -17.22 -11.97 10.79
C GLU K 45 -18.15 -12.76 9.88
N GLU K 46 -19.24 -13.31 10.40
CA GLU K 46 -20.26 -13.94 9.57
C GLU K 46 -21.57 -13.16 9.54
N TYR K 47 -21.96 -12.53 10.64
CA TYR K 47 -23.18 -11.75 10.67
C TYR K 47 -23.02 -10.48 9.84
N ASP K 48 -24.00 -10.23 8.97
CA ASP K 48 -24.03 -9.03 8.16
C ASP K 48 -24.88 -7.96 8.84
N LYS K 49 -25.12 -6.86 8.12
CA LYS K 49 -25.79 -5.72 8.72
C LYS K 49 -27.23 -6.06 9.12
N ILE K 50 -27.93 -6.85 8.30
CA ILE K 50 -29.31 -7.22 8.60
C ILE K 50 -29.37 -8.03 9.89
N GLN K 51 -28.54 -9.07 9.99
CA GLN K 51 -28.55 -9.91 11.17
C GLN K 51 -28.04 -9.18 12.40
N ILE K 52 -27.05 -8.29 12.24
CA ILE K 52 -26.57 -7.50 13.37
C ILE K 52 -27.67 -6.58 13.88
N ALA K 53 -28.39 -5.94 12.96
CA ALA K 53 -29.50 -5.08 13.37
C ALA K 53 -30.60 -5.88 14.07
N ASP K 54 -30.90 -7.08 13.56
CA ASP K 54 -31.91 -7.91 14.20
C ASP K 54 -31.48 -8.32 15.60
N LEU K 55 -30.22 -8.71 15.76
CA LEU K 55 -29.73 -9.09 17.08
C LEU K 55 -29.74 -7.91 18.04
N MET K 56 -29.36 -6.73 17.55
CA MET K 56 -29.41 -5.54 18.39
C MET K 56 -30.83 -5.22 18.82
N GLU K 57 -31.79 -5.33 17.91
CA GLU K 57 -33.19 -5.11 18.27
C GLU K 57 -33.65 -6.12 19.29
N GLU K 58 -33.21 -7.38 19.15
CA GLU K 58 -33.58 -8.40 20.13
C GLU K 58 -33.01 -8.09 21.51
N LYS K 59 -31.76 -7.63 21.57
CA LYS K 59 -31.06 -7.46 22.84
C LYS K 59 -31.06 -6.02 23.34
N PHE K 60 -31.50 -5.06 22.54
CA PHE K 60 -31.53 -3.65 22.93
C PHE K 60 -32.93 -3.08 22.70
N ARG K 61 -33.94 -3.77 23.21
CA ARG K 61 -35.33 -3.45 22.91
C ARG K 61 -35.69 -2.02 23.30
N GLY K 62 -34.94 -1.41 24.22
CA GLY K 62 -35.22 -0.04 24.61
C GLY K 62 -35.12 0.93 23.44
N ASP K 63 -34.05 0.81 22.66
CA ASP K 63 -33.87 1.70 21.51
C ASP K 63 -33.32 0.98 20.28
N ALA K 64 -33.39 -0.36 20.24
CA ALA K 64 -32.90 -1.16 19.12
C ALA K 64 -31.42 -0.89 18.83
N GLY K 65 -30.67 -0.51 19.85
CA GLY K 65 -29.26 -0.25 19.70
C GLY K 65 -28.91 1.08 19.06
N LEU K 66 -29.90 1.93 18.78
CA LEU K 66 -29.61 3.20 18.13
C LEU K 66 -28.75 4.10 19.02
N GLY K 67 -29.03 4.10 20.33
CA GLY K 67 -28.24 4.93 21.23
C GLY K 67 -26.79 4.50 21.30
N LYS K 68 -26.56 3.19 21.43
CA LYS K 68 -25.19 2.68 21.47
C LYS K 68 -24.49 2.85 20.13
N LEU K 69 -25.22 2.67 19.02
CA LEU K 69 -24.63 2.92 17.71
C LEU K 69 -24.22 4.37 17.56
N ILE K 70 -25.05 5.29 18.04
CA ILE K 70 -24.70 6.72 17.99
C ILE K 70 -23.48 6.99 18.86
N LYS K 71 -23.42 6.35 20.03
CA LYS K 71 -22.26 6.52 20.90
C LYS K 71 -20.98 6.03 20.23
N ILE K 72 -21.09 4.96 19.44
CA ILE K 72 -19.93 4.45 18.70
C ILE K 72 -19.57 5.37 17.56
N PHE K 73 -20.55 5.75 16.75
CA PHE K 73 -20.29 6.60 15.59
C PHE K 73 -19.65 7.92 15.99
N GLU K 74 -20.01 8.44 17.16
CA GLU K 74 -19.47 9.71 17.60
C GLU K 74 -17.96 9.69 17.71
N ASP K 75 -17.41 8.65 18.32
CA ASP K 75 -15.96 8.57 18.52
C ASP K 75 -15.27 8.23 17.21
N ILE K 76 -16.03 8.02 16.15
CA ILE K 76 -15.47 7.73 14.84
C ILE K 76 -15.44 9.03 14.04
N PRO K 77 -14.24 9.60 13.84
CA PRO K 77 -14.15 10.90 13.15
C PRO K 77 -14.87 10.94 11.83
N THR K 78 -14.76 9.86 11.06
CA THR K 78 -15.37 9.82 9.73
C THR K 78 -16.90 9.84 9.80
N LEU K 79 -17.47 9.27 10.87
CA LEU K 79 -18.90 9.07 10.95
C LEU K 79 -19.59 10.01 11.94
N GLU K 80 -18.95 11.14 12.27
CA GLU K 80 -19.58 12.10 13.17
C GLU K 80 -20.84 12.70 12.54
N ASP K 81 -20.79 13.02 11.25
CA ASP K 81 -21.96 13.55 10.56
C ASP K 81 -23.09 12.53 10.56
N LEU K 82 -22.77 11.26 10.33
CA LEU K 82 -23.78 10.22 10.37
C LEU K 82 -24.35 10.07 11.77
N ALA K 83 -23.51 10.24 12.81
CA ALA K 83 -24.01 10.21 14.18
C ALA K 83 -25.00 11.34 14.43
N GLU K 84 -24.69 12.54 13.93
CA GLU K 84 -25.62 13.66 14.06
C GLU K 84 -26.92 13.39 13.33
N THR K 85 -26.83 12.80 12.13
CA THR K 85 -28.04 12.46 11.38
C THR K 85 -28.88 11.43 12.14
N LEU K 86 -28.23 10.43 12.74
CA LEU K 86 -28.96 9.44 13.53
C LEU K 86 -29.61 10.07 14.75
N LYS K 87 -28.93 11.02 15.39
CA LYS K 87 -29.54 11.75 16.50
C LYS K 87 -30.78 12.51 16.03
N LYS K 88 -30.69 13.16 14.88
CA LYS K 88 -31.84 13.88 14.34
C LYS K 88 -32.99 12.93 14.05
N GLU K 89 -32.69 11.76 13.49
CA GLU K 89 -33.75 10.79 13.19
C GLU K 89 -34.38 10.25 14.47
N LYS K 90 -33.56 9.99 15.50
CA LYS K 90 -34.10 9.54 16.77
C LYS K 90 -35.01 10.59 17.38
N LEU K 91 -34.60 11.85 17.32
CA LEU K 91 -35.46 12.93 17.83
C LEU K 91 -36.73 13.05 17.01
N LYS K 92 -36.66 12.79 15.70
CA LYS K 92 -37.86 12.78 14.88
C LYS K 92 -38.80 11.66 15.31
N VAL K 93 -38.25 10.51 15.68
CA VAL K 93 -39.06 9.44 16.26
C VAL K 93 -39.22 9.63 17.76
N LYS L 8 -22.76 -37.81 24.56
CA LYS L 8 -22.92 -36.39 24.85
C LYS L 8 -21.79 -35.68 24.12
N TYR L 9 -20.76 -36.44 23.75
CA TYR L 9 -19.58 -35.87 23.10
C TYR L 9 -19.94 -35.13 21.81
N LYS L 10 -21.04 -35.50 21.16
CA LYS L 10 -21.47 -34.77 19.98
C LYS L 10 -21.97 -33.37 20.33
N ASN L 11 -22.48 -33.19 21.55
CA ASN L 11 -22.91 -31.86 21.98
C ASN L 11 -21.73 -30.90 22.06
N ILE L 12 -20.53 -31.41 22.29
CA ILE L 12 -19.36 -30.55 22.43
C ILE L 12 -18.73 -30.29 21.06
N VAL L 13 -18.60 -31.33 20.25
CA VAL L 13 -17.94 -31.18 18.95
C VAL L 13 -18.77 -30.30 18.02
N LEU L 14 -20.08 -30.21 18.25
CA LEU L 14 -20.96 -29.42 17.40
C LEU L 14 -21.23 -28.04 17.98
N LEU L 15 -21.79 -27.98 19.19
CA LEU L 15 -22.21 -26.69 19.75
C LEU L 15 -21.02 -25.83 20.15
N LYS L 16 -20.06 -26.42 20.85
CA LYS L 16 -18.85 -25.70 21.25
C LYS L 16 -17.73 -25.84 20.24
N GLY L 17 -17.94 -26.57 19.16
CA GLY L 17 -16.93 -26.78 18.15
C GLY L 17 -17.23 -26.10 16.84
N LEU L 18 -17.77 -26.87 15.89
CA LEU L 18 -17.98 -26.38 14.54
C LEU L 18 -18.94 -25.19 14.48
N GLU L 19 -19.85 -25.05 15.45
CA GLU L 19 -20.81 -23.97 15.40
C GLU L 19 -20.27 -22.66 15.96
N VAL L 20 -19.05 -22.66 16.51
CA VAL L 20 -18.45 -21.44 17.04
C VAL L 20 -17.48 -20.88 16.02
N ILE L 21 -16.93 -21.76 15.18
CA ILE L 21 -15.99 -21.32 14.15
C ILE L 21 -16.75 -20.83 12.92
N ASN L 22 -16.14 -19.92 12.19
CA ASN L 22 -16.77 -19.36 11.00
C ASN L 22 -16.65 -20.33 9.83
N ASP L 23 -17.05 -19.87 8.65
CA ASP L 23 -17.09 -20.73 7.48
C ASP L 23 -15.68 -21.12 7.02
N TYR L 24 -14.72 -20.21 7.16
CA TYR L 24 -13.35 -20.50 6.74
C TYR L 24 -12.74 -21.60 7.61
N HIS L 25 -12.87 -21.45 8.93
CA HIS L 25 -12.36 -22.48 9.83
C HIS L 25 -13.07 -23.81 9.62
N PHE L 26 -14.38 -23.76 9.39
CA PHE L 26 -15.13 -24.98 9.12
C PHE L 26 -14.68 -25.64 7.83
N ARG L 27 -14.31 -24.84 6.84
CA ARG L 27 -13.80 -25.42 5.60
C ARG L 27 -12.43 -26.05 5.79
N MET L 28 -11.57 -25.44 6.60
CA MET L 28 -10.33 -26.11 6.98
C MET L 28 -10.60 -27.43 7.71
N VAL L 29 -11.58 -27.42 8.62
CA VAL L 29 -11.93 -28.64 9.35
C VAL L 29 -12.42 -29.72 8.39
N LYS L 30 -13.29 -29.37 7.47
CA LYS L 30 -13.81 -30.35 6.54
C LYS L 30 -12.68 -30.82 5.65
N SER L 31 -11.77 -29.93 5.33
CA SER L 31 -10.67 -30.28 4.44
C SER L 31 -9.71 -31.23 5.11
N LEU L 32 -9.19 -30.86 6.27
CA LEU L 32 -8.18 -31.68 6.93
C LEU L 32 -8.71 -33.06 7.29
N LEU L 33 -10.03 -33.23 7.31
CA LEU L 33 -10.63 -34.50 7.69
C LEU L 33 -11.19 -35.27 6.50
N SER L 34 -10.86 -34.84 5.27
CA SER L 34 -11.35 -35.55 4.09
C SER L 34 -10.86 -36.99 4.06
N ASN L 35 -9.58 -37.20 4.39
CA ASN L 35 -9.06 -38.56 4.44
C ASN L 35 -9.64 -39.34 5.62
N ASP L 36 -9.80 -38.67 6.77
CA ASP L 36 -10.31 -39.35 7.95
C ASP L 36 -11.81 -39.58 7.92
N LEU L 37 -12.54 -38.83 7.11
CA LEU L 37 -13.99 -38.97 7.00
C LEU L 37 -14.44 -39.48 5.64
N LYS L 38 -13.52 -39.80 4.74
CA LYS L 38 -13.84 -40.29 3.40
C LYS L 38 -14.77 -39.33 2.67
N LEU L 39 -14.44 -38.04 2.75
CA LEU L 39 -15.22 -37.00 2.10
C LEU L 39 -14.82 -36.92 0.63
N ASN L 40 -15.77 -37.18 -0.27
CA ASN L 40 -15.49 -37.06 -1.69
C ASN L 40 -15.60 -35.59 -2.13
N LEU L 41 -15.71 -35.40 -3.44
CA LEU L 41 -15.86 -34.05 -3.98
C LEU L 41 -17.14 -33.38 -3.48
N LYS L 42 -18.24 -34.13 -3.43
CA LYS L 42 -19.50 -33.55 -2.99
C LYS L 42 -19.46 -33.17 -1.52
N MET L 43 -19.07 -34.11 -0.66
CA MET L 43 -19.11 -33.86 0.78
C MET L 43 -18.13 -32.78 1.22
N ARG L 44 -17.11 -32.48 0.42
CA ARG L 44 -16.12 -31.50 0.84
C ARG L 44 -16.72 -30.10 0.95
N GLU L 45 -17.59 -29.71 0.02
CA GLU L 45 -18.22 -28.40 0.04
C GLU L 45 -19.75 -28.47 0.04
N GLU L 46 -20.33 -29.62 0.40
CA GLU L 46 -21.78 -29.69 0.54
C GLU L 46 -22.19 -29.97 1.98
N TYR L 47 -21.52 -30.89 2.65
CA TYR L 47 -21.85 -31.20 4.04
C TYR L 47 -21.63 -29.99 4.93
N ASP L 48 -22.64 -29.69 5.75
CA ASP L 48 -22.56 -28.58 6.70
C ASP L 48 -22.17 -29.12 8.06
N LYS L 49 -22.25 -28.26 9.09
CA LYS L 49 -21.73 -28.62 10.41
C LYS L 49 -22.49 -29.79 11.03
N ILE L 50 -23.81 -29.83 10.85
CA ILE L 50 -24.60 -30.93 11.42
C ILE L 50 -24.18 -32.25 10.80
N GLN L 51 -24.12 -32.31 9.46
CA GLN L 51 -23.76 -33.54 8.79
C GLN L 51 -22.31 -33.93 9.06
N ILE L 52 -21.43 -32.93 9.14
CA ILE L 52 -20.02 -33.22 9.45
C ILE L 52 -19.90 -33.81 10.85
N ALA L 53 -20.59 -33.23 11.83
CA ALA L 53 -20.54 -33.75 13.19
C ALA L 53 -21.14 -35.15 13.26
N ASP L 54 -22.22 -35.39 12.52
CA ASP L 54 -22.80 -36.73 12.47
C ASP L 54 -21.80 -37.73 11.90
N LEU L 55 -21.06 -37.33 10.87
CA LEU L 55 -20.05 -38.23 10.31
C LEU L 55 -18.91 -38.46 11.30
N MET L 56 -18.54 -37.44 12.07
CA MET L 56 -17.59 -37.63 13.15
C MET L 56 -18.07 -38.69 14.12
N GLU L 57 -19.32 -38.56 14.58
CA GLU L 57 -19.86 -39.53 15.53
C GLU L 57 -19.89 -40.93 14.92
N GLU L 58 -20.25 -41.02 13.64
CA GLU L 58 -20.34 -42.33 12.99
C GLU L 58 -18.97 -43.00 12.87
N LYS L 59 -17.94 -42.23 12.49
CA LYS L 59 -16.64 -42.81 12.17
C LYS L 59 -15.60 -42.64 13.28
N PHE L 60 -15.91 -41.88 14.33
CA PHE L 60 -14.98 -41.63 15.43
C PHE L 60 -15.62 -41.98 16.76
N ARG L 61 -16.17 -43.19 16.85
CA ARG L 61 -16.95 -43.61 18.02
C ARG L 61 -16.16 -43.50 19.32
N GLY L 62 -14.83 -43.53 19.26
CA GLY L 62 -14.04 -43.45 20.48
C GLY L 62 -14.27 -42.15 21.24
N ASP L 63 -14.25 -41.02 20.54
CA ASP L 63 -14.46 -39.73 21.18
C ASP L 63 -15.30 -38.77 20.35
N ALA L 64 -16.09 -39.29 19.40
CA ALA L 64 -16.95 -38.47 18.53
C ALA L 64 -16.15 -37.43 17.76
N GLY L 65 -14.86 -37.69 17.53
CA GLY L 65 -14.02 -36.78 16.81
C GLY L 65 -13.56 -35.56 17.58
N LEU L 66 -13.86 -35.49 18.88
CA LEU L 66 -13.47 -34.33 19.68
C LEU L 66 -11.96 -34.21 19.77
N GLY L 67 -11.26 -35.33 19.94
CA GLY L 67 -9.81 -35.28 20.06
C GLY L 67 -9.14 -34.76 18.80
N LYS L 68 -9.55 -35.27 17.64
CA LYS L 68 -8.96 -34.80 16.39
C LYS L 68 -9.37 -33.36 16.09
N LEU L 69 -10.60 -32.96 16.43
CA LEU L 69 -10.98 -31.57 16.27
C LEU L 69 -10.13 -30.65 17.14
N ILE L 70 -9.84 -31.07 18.38
CA ILE L 70 -8.97 -30.29 19.25
C ILE L 70 -7.57 -30.22 18.68
N LYS L 71 -7.08 -31.33 18.13
CA LYS L 71 -5.75 -31.33 17.53
C LYS L 71 -5.68 -30.38 16.34
N ILE L 72 -6.74 -30.34 15.52
CA ILE L 72 -6.79 -29.38 14.41
C ILE L 72 -6.82 -27.95 14.93
N PHE L 73 -7.64 -27.71 15.96
CA PHE L 73 -7.78 -26.36 16.49
C PHE L 73 -6.49 -25.87 17.16
N GLU L 74 -5.67 -26.79 17.65
CA GLU L 74 -4.41 -26.38 18.28
C GLU L 74 -3.50 -25.66 17.29
N ASP L 75 -3.38 -26.19 16.07
CA ASP L 75 -2.49 -25.60 15.09
C ASP L 75 -3.05 -24.35 14.43
N ILE L 76 -4.33 -24.04 14.64
CA ILE L 76 -4.94 -22.81 14.15
C ILE L 76 -4.77 -21.75 15.23
N PRO L 77 -3.94 -20.72 15.00
CA PRO L 77 -3.70 -19.72 16.06
C PRO L 77 -4.96 -18.98 16.49
N THR L 78 -5.90 -18.76 15.57
CA THR L 78 -7.13 -18.03 15.92
C THR L 78 -8.00 -18.83 16.88
N LEU L 79 -8.01 -20.17 16.75
CA LEU L 79 -8.89 -21.03 17.50
C LEU L 79 -8.19 -21.74 18.65
N GLU L 80 -7.05 -21.24 19.10
CA GLU L 80 -6.35 -21.87 20.23
C GLU L 80 -7.19 -21.77 21.50
N ASP L 81 -7.82 -20.62 21.74
CA ASP L 81 -8.69 -20.47 22.90
C ASP L 81 -9.87 -21.43 22.82
N LEU L 82 -10.44 -21.60 21.63
CA LEU L 82 -11.53 -22.55 21.47
C LEU L 82 -11.05 -23.98 21.70
N ALA L 83 -9.83 -24.29 21.29
CA ALA L 83 -9.26 -25.60 21.57
C ALA L 83 -9.12 -25.84 23.06
N GLU L 84 -8.65 -24.82 23.80
CA GLU L 84 -8.56 -24.95 25.25
C GLU L 84 -9.95 -25.14 25.87
N THR L 85 -10.94 -24.40 25.37
CA THR L 85 -12.31 -24.56 25.87
C THR L 85 -12.84 -25.96 25.61
N LEU L 86 -12.55 -26.50 24.42
CA LEU L 86 -12.96 -27.86 24.10
C LEU L 86 -12.28 -28.88 24.99
N LYS L 87 -10.99 -28.65 25.30
CA LYS L 87 -10.29 -29.52 26.24
C LYS L 87 -10.95 -29.48 27.62
N LYS L 88 -11.31 -28.28 28.08
CA LYS L 88 -11.99 -28.15 29.36
C LYS L 88 -13.34 -28.87 29.35
N GLU L 89 -14.08 -28.75 28.25
CA GLU L 89 -15.36 -29.44 28.14
C GLU L 89 -15.17 -30.96 28.15
N LYS L 90 -14.15 -31.46 27.46
CA LYS L 90 -13.88 -32.89 27.44
C LYS L 90 -13.52 -33.39 28.85
N LEU L 91 -12.69 -32.63 29.57
CA LEU L 91 -12.37 -33.01 30.94
C LEU L 91 -13.61 -32.96 31.83
N LYS L 92 -14.50 -32.00 31.59
CA LYS L 92 -15.76 -31.97 32.34
C LYS L 92 -16.60 -33.20 32.07
N VAL L 93 -16.66 -33.65 30.82
CA VAL L 93 -17.43 -34.83 30.45
C VAL L 93 -16.49 -35.99 30.15
N LYS M 8 -25.54 -52.17 -16.56
CA LYS M 8 -25.06 -51.71 -15.25
C LYS M 8 -24.48 -50.31 -15.42
N TYR M 9 -24.60 -49.78 -16.65
CA TYR M 9 -24.06 -48.46 -16.96
C TYR M 9 -24.70 -47.35 -16.14
N LYS M 10 -25.92 -47.56 -15.64
CA LYS M 10 -26.53 -46.57 -14.75
C LYS M 10 -25.74 -46.42 -13.45
N ASN M 11 -25.19 -47.53 -12.94
CA ASN M 11 -24.47 -47.46 -11.66
C ASN M 11 -23.25 -46.55 -11.75
N ILE M 12 -22.51 -46.63 -12.85
CA ILE M 12 -21.31 -45.80 -12.99
C ILE M 12 -21.69 -44.33 -13.14
N VAL M 13 -22.66 -44.04 -14.00
CA VAL M 13 -23.03 -42.64 -14.25
C VAL M 13 -23.70 -42.03 -13.03
N LEU M 14 -24.39 -42.83 -12.22
CA LEU M 14 -25.10 -42.30 -11.06
C LEU M 14 -24.27 -42.38 -9.79
N LEU M 15 -23.89 -43.58 -9.38
CA LEU M 15 -23.19 -43.76 -8.10
C LEU M 15 -21.79 -43.15 -8.14
N LYS M 16 -21.03 -43.46 -9.19
CA LYS M 16 -19.67 -42.94 -9.34
C LYS M 16 -19.63 -41.66 -10.18
N GLY M 17 -20.78 -41.18 -10.63
CA GLY M 17 -20.83 -39.99 -11.47
C GLY M 17 -21.46 -38.79 -10.79
N LEU M 18 -22.75 -38.56 -11.07
CA LEU M 18 -23.44 -37.39 -10.57
C LEU M 18 -23.49 -37.34 -9.04
N GLU M 19 -23.38 -38.47 -8.37
CA GLU M 19 -23.44 -38.51 -6.91
C GLU M 19 -22.12 -38.11 -6.26
N VAL M 20 -21.07 -37.89 -7.05
CA VAL M 20 -19.80 -37.42 -6.53
C VAL M 20 -19.61 -35.92 -6.70
N ILE M 21 -20.19 -35.33 -7.73
CA ILE M 21 -20.06 -33.89 -7.96
C ILE M 21 -21.01 -33.13 -7.03
N ASN M 22 -20.67 -31.88 -6.76
CA ASN M 22 -21.50 -31.02 -5.93
C ASN M 22 -22.69 -30.51 -6.73
N ASP M 23 -23.51 -29.68 -6.08
CA ASP M 23 -24.72 -29.18 -6.73
C ASP M 23 -24.38 -28.24 -7.88
N TYR M 24 -23.29 -27.48 -7.75
CA TYR M 24 -22.89 -26.56 -8.81
C TYR M 24 -22.52 -27.32 -10.08
N HIS M 25 -21.69 -28.36 -9.95
CA HIS M 25 -21.29 -29.14 -11.12
C HIS M 25 -22.47 -29.95 -11.65
N PHE M 26 -23.36 -30.40 -10.77
CA PHE M 26 -24.55 -31.11 -11.23
C PHE M 26 -25.46 -30.18 -12.04
N ARG M 27 -25.59 -28.93 -11.61
CA ARG M 27 -26.35 -27.96 -12.39
C ARG M 27 -25.66 -27.67 -13.72
N MET M 28 -24.32 -27.64 -13.72
CA MET M 28 -23.59 -27.58 -14.99
C MET M 28 -23.99 -28.72 -15.91
N VAL M 29 -23.99 -29.95 -15.39
CA VAL M 29 -24.31 -31.12 -16.20
C VAL M 29 -25.74 -31.02 -16.73
N LYS M 30 -26.68 -30.61 -15.87
CA LYS M 30 -28.07 -30.47 -16.29
C LYS M 30 -28.23 -29.44 -17.38
N SER M 31 -27.53 -28.30 -17.26
CA SER M 31 -27.66 -27.25 -18.26
C SER M 31 -27.03 -27.65 -19.59
N LEU M 32 -25.85 -28.29 -19.54
CA LEU M 32 -25.16 -28.63 -20.77
C LEU M 32 -25.89 -29.69 -21.57
N LEU M 33 -26.56 -30.63 -20.91
CA LEU M 33 -27.31 -31.68 -21.57
C LEU M 33 -28.79 -31.34 -21.69
N SER M 34 -29.16 -30.07 -21.51
CA SER M 34 -30.56 -29.68 -21.66
C SER M 34 -31.04 -29.92 -23.08
N ASN M 35 -30.23 -29.57 -24.08
CA ASN M 35 -30.60 -29.84 -25.47
C ASN M 35 -30.59 -31.34 -25.75
N ASP M 36 -29.62 -32.06 -25.20
CA ASP M 36 -29.50 -33.49 -25.45
C ASP M 36 -30.50 -34.32 -24.66
N LEU M 37 -31.17 -33.74 -23.67
CA LEU M 37 -32.19 -34.44 -22.90
C LEU M 37 -33.56 -33.81 -22.98
N LYS M 38 -33.70 -32.70 -23.71
CA LYS M 38 -34.96 -31.98 -23.86
C LYS M 38 -35.53 -31.60 -22.48
N LEU M 39 -34.70 -30.92 -21.69
CA LEU M 39 -35.10 -30.45 -20.38
C LEU M 39 -35.67 -29.04 -20.50
N ASN M 40 -36.94 -28.89 -20.13
CA ASN M 40 -37.61 -27.59 -20.18
C ASN M 40 -37.23 -26.78 -18.94
N LEU M 41 -37.97 -25.70 -18.69
CA LEU M 41 -37.66 -24.83 -17.56
C LEU M 41 -37.77 -25.58 -16.24
N LYS M 42 -38.81 -26.39 -16.07
CA LYS M 42 -39.01 -27.10 -14.82
C LYS M 42 -38.01 -28.23 -14.65
N MET M 43 -37.75 -28.98 -15.73
CA MET M 43 -36.87 -30.14 -15.65
C MET M 43 -35.43 -29.73 -15.31
N ARG M 44 -34.97 -28.62 -15.87
CA ARG M 44 -33.59 -28.19 -15.65
C ARG M 44 -33.35 -27.79 -14.21
N GLU M 45 -34.34 -27.20 -13.54
CA GLU M 45 -34.18 -26.67 -12.20
C GLU M 45 -34.81 -27.55 -11.12
N GLU M 46 -35.43 -28.67 -11.49
CA GLU M 46 -36.06 -29.49 -10.48
C GLU M 46 -35.51 -30.92 -10.43
N TYR M 47 -35.16 -31.50 -11.57
CA TYR M 47 -34.70 -32.88 -11.60
C TYR M 47 -33.39 -33.04 -10.82
N ASP M 48 -33.32 -34.08 -10.01
CA ASP M 48 -32.13 -34.40 -9.24
C ASP M 48 -31.31 -35.47 -9.98
N LYS M 49 -30.26 -35.94 -9.31
CA LYS M 49 -29.30 -36.83 -9.96
C LYS M 49 -29.93 -38.15 -10.35
N ILE M 50 -30.83 -38.67 -9.52
CA ILE M 50 -31.46 -39.96 -9.82
C ILE M 50 -32.29 -39.87 -11.08
N GLN M 51 -33.17 -38.85 -11.17
CA GLN M 51 -34.00 -38.71 -12.35
C GLN M 51 -33.19 -38.29 -13.56
N ILE M 52 -32.11 -37.53 -13.37
CA ILE M 52 -31.24 -37.18 -14.49
C ILE M 52 -30.58 -38.43 -15.06
N ALA M 53 -30.10 -39.32 -14.18
CA ALA M 53 -29.51 -40.58 -14.65
C ALA M 53 -30.54 -41.46 -15.34
N ASP M 54 -31.77 -41.50 -14.80
CA ASP M 54 -32.82 -42.28 -15.44
C ASP M 54 -33.14 -41.76 -16.83
N LEU M 55 -33.25 -40.44 -16.98
CA LEU M 55 -33.48 -39.85 -18.30
C LEU M 55 -32.29 -40.08 -19.22
N MET M 56 -31.08 -40.07 -18.66
CA MET M 56 -29.89 -40.36 -19.45
C MET M 56 -29.97 -41.76 -20.04
N GLU M 57 -30.33 -42.75 -19.23
CA GLU M 57 -30.49 -44.11 -19.74
C GLU M 57 -31.62 -44.17 -20.75
N GLU M 58 -32.72 -43.44 -20.50
CA GLU M 58 -33.87 -43.47 -21.40
C GLU M 58 -33.51 -42.95 -22.78
N LYS M 59 -32.73 -41.87 -22.85
CA LYS M 59 -32.44 -41.22 -24.12
C LYS M 59 -31.06 -41.55 -24.69
N PHE M 60 -30.16 -42.13 -23.89
CA PHE M 60 -28.80 -42.39 -24.33
C PHE M 60 -28.45 -43.87 -24.20
N ARG M 61 -29.31 -44.73 -24.75
CA ARG M 61 -29.17 -46.18 -24.55
C ARG M 61 -27.80 -46.72 -24.94
N GLY M 62 -27.08 -46.03 -25.84
CA GLY M 62 -25.79 -46.53 -26.28
C GLY M 62 -24.81 -46.72 -25.13
N ASP M 63 -24.71 -45.73 -24.25
CA ASP M 63 -23.81 -45.82 -23.10
C ASP M 63 -24.42 -45.26 -21.83
N ALA M 64 -25.74 -45.07 -21.79
CA ALA M 64 -26.44 -44.53 -20.62
C ALA M 64 -25.92 -43.15 -20.25
N GLY M 65 -25.42 -42.40 -21.23
CA GLY M 65 -24.90 -41.07 -20.99
C GLY M 65 -23.51 -41.01 -20.40
N LEU M 66 -22.86 -42.15 -20.20
CA LEU M 66 -21.53 -42.15 -19.58
C LEU M 66 -20.52 -41.43 -20.46
N GLY M 67 -20.56 -41.65 -21.77
CA GLY M 67 -19.60 -41.01 -22.65
C GLY M 67 -19.72 -39.49 -22.66
N LYS M 68 -20.97 -39.00 -22.77
CA LYS M 68 -21.18 -37.56 -22.75
C LYS M 68 -20.87 -36.96 -21.39
N LEU M 69 -21.15 -37.70 -20.31
CA LEU M 69 -20.79 -37.21 -18.98
C LEU M 69 -19.28 -37.08 -18.84
N ILE M 70 -18.53 -38.06 -19.35
CA ILE M 70 -17.07 -37.98 -19.31
C ILE M 70 -16.57 -36.82 -20.16
N LYS M 71 -17.19 -36.61 -21.32
CA LYS M 71 -16.80 -35.49 -22.17
C LYS M 71 -17.06 -34.15 -21.46
N ILE M 72 -18.17 -34.06 -20.74
CA ILE M 72 -18.46 -32.85 -19.97
C ILE M 72 -17.42 -32.67 -18.86
N PHE M 73 -17.11 -33.76 -18.15
CA PHE M 73 -16.19 -33.68 -17.02
C PHE M 73 -14.77 -33.36 -17.48
N GLU M 74 -14.43 -33.68 -18.73
CA GLU M 74 -13.10 -33.37 -19.24
C GLU M 74 -12.85 -31.87 -19.25
N ASP M 75 -13.83 -31.09 -19.67
CA ASP M 75 -13.67 -29.64 -19.77
C ASP M 75 -13.73 -28.94 -18.42
N ILE M 76 -14.20 -29.62 -17.38
CA ILE M 76 -14.25 -29.06 -16.03
C ILE M 76 -12.92 -29.37 -15.35
N PRO M 77 -12.10 -28.36 -15.05
CA PRO M 77 -10.79 -28.65 -14.41
C PRO M 77 -10.91 -29.32 -13.07
N THR M 78 -11.94 -29.02 -12.28
CA THR M 78 -12.08 -29.60 -10.96
C THR M 78 -12.43 -31.08 -11.02
N LEU M 79 -13.02 -31.54 -12.13
CA LEU M 79 -13.51 -32.91 -12.24
C LEU M 79 -12.73 -33.74 -13.26
N GLU M 80 -11.49 -33.34 -13.57
CA GLU M 80 -10.68 -34.14 -14.48
C GLU M 80 -10.34 -35.50 -13.89
N ASP M 81 -10.05 -35.53 -12.59
CA ASP M 81 -9.78 -36.81 -11.93
C ASP M 81 -11.02 -37.70 -11.94
N LEU M 82 -12.19 -37.12 -11.72
CA LEU M 82 -13.43 -37.89 -11.79
C LEU M 82 -13.67 -38.40 -13.22
N ALA M 83 -13.33 -37.59 -14.21
CA ALA M 83 -13.45 -38.04 -15.60
C ALA M 83 -12.54 -39.23 -15.87
N GLU M 84 -11.31 -39.18 -15.37
CA GLU M 84 -10.40 -40.31 -15.53
C GLU M 84 -10.93 -41.55 -14.82
N THR M 85 -11.50 -41.36 -13.63
CA THR M 85 -12.08 -42.49 -12.90
C THR M 85 -13.25 -43.10 -13.66
N LEU M 86 -14.08 -42.25 -14.27
CA LEU M 86 -15.20 -42.75 -15.07
C LEU M 86 -14.70 -43.48 -16.32
N LYS M 87 -13.62 -42.98 -16.93
CA LYS M 87 -13.03 -43.70 -18.05
C LYS M 87 -12.54 -45.08 -17.61
N LYS M 88 -11.90 -45.15 -16.44
CA LYS M 88 -11.42 -46.44 -15.94
C LYS M 88 -12.60 -47.38 -15.67
N GLU M 89 -13.68 -46.86 -15.10
CA GLU M 89 -14.86 -47.69 -14.85
C GLU M 89 -15.48 -48.20 -16.15
N LYS M 90 -15.56 -47.33 -17.16
CA LYS M 90 -16.09 -47.76 -18.45
C LYS M 90 -15.20 -48.83 -19.09
N LEU M 91 -13.88 -48.66 -19.00
CA LEU M 91 -12.97 -49.67 -19.52
C LEU M 91 -13.12 -50.99 -18.77
N LYS M 92 -13.35 -50.91 -17.45
CA LYS M 92 -13.61 -52.12 -16.68
C LYS M 92 -14.89 -52.80 -17.15
N VAL M 93 -15.93 -52.02 -17.43
CA VAL M 93 -17.19 -52.56 -17.91
C VAL M 93 -17.22 -52.56 -19.43
N LYS N 8 -5.98 30.74 13.88
CA LYS N 8 -5.26 30.84 12.61
C LYS N 8 -3.81 31.23 12.82
N TYR N 9 -3.29 30.97 14.02
CA TYR N 9 -1.90 31.29 14.32
C TYR N 9 -0.94 30.43 13.53
N LYS N 10 -1.26 29.15 13.34
CA LYS N 10 -0.34 28.25 12.65
C LYS N 10 -0.17 28.65 11.19
N ASN N 11 -1.11 29.43 10.67
CA ASN N 11 -1.01 29.89 9.30
C ASN N 11 -0.03 31.05 9.25
N ILE N 12 0.31 31.62 10.40
CA ILE N 12 1.29 32.69 10.44
C ILE N 12 2.67 32.10 10.64
N VAL N 13 2.77 31.10 11.51
CA VAL N 13 4.07 30.49 11.81
C VAL N 13 4.57 29.66 10.65
N LEU N 14 3.68 29.16 9.82
CA LEU N 14 4.07 28.29 8.72
C LEU N 14 4.27 29.03 7.41
N LEU N 15 3.33 29.93 7.07
CA LEU N 15 3.39 30.61 5.79
C LEU N 15 4.30 31.84 5.85
N LYS N 16 4.02 32.76 6.77
CA LYS N 16 4.83 33.95 6.94
C LYS N 16 6.04 33.71 7.84
N GLY N 17 6.20 32.49 8.35
CA GLY N 17 7.27 32.16 9.28
C GLY N 17 8.33 31.25 8.70
N LEU N 18 8.21 29.95 8.98
CA LEU N 18 9.27 29.01 8.65
C LEU N 18 9.51 28.90 7.15
N GLU N 19 8.52 29.26 6.33
CA GLU N 19 8.66 29.11 4.89
C GLU N 19 9.46 30.23 4.26
N VAL N 20 9.33 31.44 4.77
CA VAL N 20 10.10 32.55 4.25
C VAL N 20 11.58 32.33 4.50
N ILE N 21 11.92 31.79 5.67
CA ILE N 21 13.32 31.56 6.00
C ILE N 21 13.92 30.44 5.16
N ASN N 22 15.24 30.49 4.94
CA ASN N 22 15.92 29.44 4.18
C ASN N 22 16.12 28.21 5.06
N ASP N 23 16.79 27.20 4.49
CA ASP N 23 17.03 25.95 5.21
C ASP N 23 17.97 26.14 6.39
N TYR N 24 18.97 27.02 6.24
CA TYR N 24 19.90 27.26 7.33
C TYR N 24 19.18 27.82 8.56
N HIS N 25 18.34 28.83 8.36
CA HIS N 25 17.59 29.40 9.47
C HIS N 25 16.53 28.44 10.00
N PHE N 26 15.99 27.57 9.14
CA PHE N 26 15.05 26.57 9.63
C PHE N 26 15.73 25.56 10.53
N ARG N 27 16.93 25.12 10.16
CA ARG N 27 17.70 24.25 11.05
C ARG N 27 18.07 24.98 12.33
N MET N 28 18.37 26.29 12.21
CA MET N 28 18.61 27.12 13.38
C MET N 28 17.43 27.05 14.35
N VAL N 29 16.23 27.28 13.83
CA VAL N 29 15.02 27.26 14.65
C VAL N 29 14.79 25.89 15.25
N LYS N 30 14.97 24.83 14.44
CA LYS N 30 14.77 23.48 14.94
C LYS N 30 15.71 23.16 16.09
N SER N 31 16.98 23.57 15.98
CA SER N 31 17.92 23.35 17.07
C SER N 31 17.56 24.15 18.30
N LEU N 32 17.15 25.42 18.11
CA LEU N 32 16.84 26.26 19.25
C LEU N 32 15.61 25.77 19.99
N LEU N 33 14.60 25.30 19.25
CA LEU N 33 13.35 24.84 19.85
C LEU N 33 13.35 23.34 20.15
N SER N 34 14.51 22.69 20.05
CA SER N 34 14.57 21.26 20.32
C SER N 34 14.19 20.94 21.76
N ASN N 35 14.71 21.71 22.72
CA ASN N 35 14.37 21.49 24.11
C ASN N 35 12.89 21.79 24.38
N ASP N 36 12.36 22.83 23.74
CA ASP N 36 10.97 23.22 23.95
C ASP N 36 9.99 22.38 23.15
N LEU N 37 10.47 21.54 22.24
CA LEU N 37 9.62 20.64 21.47
C LEU N 37 9.97 19.17 21.65
N LYS N 38 10.98 18.86 22.45
CA LYS N 38 11.43 17.49 22.70
C LYS N 38 11.75 16.77 21.38
N LEU N 39 12.66 17.38 20.62
CA LEU N 39 13.14 16.82 19.36
C LEU N 39 14.37 15.96 19.65
N ASN N 40 14.28 14.67 19.35
CA ASN N 40 15.44 13.81 19.51
C ASN N 40 16.36 13.96 18.30
N LEU N 41 17.29 13.02 18.17
CA LEU N 41 18.26 13.07 17.07
C LEU N 41 17.57 12.99 15.70
N LYS N 42 16.56 12.13 15.57
CA LYS N 42 15.89 11.99 14.28
C LYS N 42 15.14 13.26 13.90
N MET N 43 14.33 13.80 14.83
CA MET N 43 13.55 14.99 14.52
C MET N 43 14.42 16.21 14.27
N ARG N 44 15.69 16.18 14.68
CA ARG N 44 16.56 17.32 14.42
C ARG N 44 16.79 17.53 12.93
N GLU N 45 17.00 16.45 12.19
CA GLU N 45 17.31 16.57 10.76
C GLU N 45 16.20 16.09 9.84
N GLU N 46 15.19 15.39 10.35
CA GLU N 46 14.16 14.82 9.50
C GLU N 46 12.92 15.70 9.38
N TYR N 47 12.43 16.25 10.48
CA TYR N 47 11.23 17.06 10.42
C TYR N 47 11.44 18.30 9.56
N ASP N 48 10.46 18.57 8.70
CA ASP N 48 10.45 19.76 7.87
C ASP N 48 9.52 20.82 8.47
N LYS N 49 9.33 21.90 7.72
CA LYS N 49 8.62 23.06 8.27
C LYS N 49 7.18 22.74 8.60
N ILE N 50 6.51 21.93 7.78
CA ILE N 50 5.11 21.59 8.04
C ILE N 50 4.98 20.85 9.35
N GLN N 51 5.77 19.79 9.53
CA GLN N 51 5.71 19.00 10.75
C GLN N 51 6.21 19.78 11.97
N ILE N 52 7.20 20.65 11.78
CA ILE N 52 7.66 21.49 12.89
C ILE N 52 6.55 22.43 13.34
N ALA N 53 5.86 23.05 12.38
CA ALA N 53 4.75 23.94 12.72
C ALA N 53 3.62 23.18 13.40
N ASP N 54 3.32 21.97 12.92
CA ASP N 54 2.30 21.15 13.56
C ASP N 54 2.68 20.80 14.99
N LEU N 55 3.95 20.46 15.22
CA LEU N 55 4.38 20.14 16.57
C LEU N 55 4.35 21.37 17.47
N MET N 56 4.70 22.54 16.92
CA MET N 56 4.57 23.78 17.69
C MET N 56 3.13 24.03 18.09
N GLU N 57 2.20 23.85 17.16
CA GLU N 57 0.78 24.03 17.48
C GLU N 57 0.34 23.02 18.55
N GLU N 58 0.86 21.80 18.46
CA GLU N 58 0.50 20.77 19.43
C GLU N 58 1.02 21.07 20.82
N LYS N 59 2.23 21.64 20.93
CA LYS N 59 2.87 21.84 22.22
C LYS N 59 2.86 23.29 22.70
N PHE N 60 2.51 24.25 21.85
CA PHE N 60 2.50 25.66 22.20
C PHE N 60 1.12 26.26 21.91
N ARG N 61 0.09 25.59 22.42
CA ARG N 61 -1.30 25.94 22.08
C ARG N 61 -1.64 27.39 22.42
N GLY N 62 -0.90 28.01 23.33
CA GLY N 62 -1.18 29.41 23.67
C GLY N 62 -1.03 30.33 22.49
N ASP N 63 0.05 30.16 21.71
CA ASP N 63 0.28 31.02 20.55
C ASP N 63 0.80 30.26 19.34
N ALA N 64 0.70 28.93 19.34
CA ALA N 64 1.17 28.08 18.23
C ALA N 64 2.65 28.30 17.94
N GLY N 65 3.41 28.69 18.97
CA GLY N 65 4.83 28.93 18.81
C GLY N 65 5.20 30.24 18.15
N LEU N 66 4.23 31.08 17.83
CA LEU N 66 4.52 32.34 17.15
C LEU N 66 5.36 33.27 18.01
N GLY N 67 5.04 33.33 19.31
CA GLY N 67 5.83 34.19 20.20
C GLY N 67 7.27 33.75 20.31
N LYS N 68 7.49 32.44 20.49
CA LYS N 68 8.86 31.93 20.59
C LYS N 68 9.59 32.06 19.25
N LEU N 69 8.88 31.85 18.14
CA LEU N 69 9.51 32.05 16.84
C LEU N 69 9.93 33.50 16.64
N ILE N 70 9.08 34.44 17.06
CA ILE N 70 9.42 35.85 16.95
C ILE N 70 10.62 36.18 17.84
N LYS N 71 10.65 35.63 19.05
CA LYS N 71 11.78 35.85 19.94
C LYS N 71 13.07 35.30 19.34
N ILE N 72 12.98 34.13 18.69
CA ILE N 72 14.16 33.57 18.01
C ILE N 72 14.59 34.48 16.86
N PHE N 73 13.63 34.95 16.07
CA PHE N 73 13.94 35.77 14.92
C PHE N 73 14.49 37.14 15.31
N GLU N 74 14.19 37.61 16.53
CA GLU N 74 14.74 38.88 16.97
C GLU N 74 16.26 38.84 17.05
N ASP N 75 16.82 37.74 17.54
CA ASP N 75 18.26 37.62 17.72
C ASP N 75 18.99 37.30 16.42
N ILE N 76 18.27 37.05 15.33
CA ILE N 76 18.87 36.78 14.04
C ILE N 76 18.96 38.09 13.27
N PRO N 77 20.17 38.60 12.99
CA PRO N 77 20.27 39.87 12.25
C PRO N 77 19.58 39.84 10.90
N THR N 78 19.62 38.70 10.20
CA THR N 78 19.04 38.63 8.87
C THR N 78 17.51 38.68 8.90
N LEU N 79 16.90 38.14 9.95
CA LEU N 79 15.45 37.97 10.00
C LEU N 79 14.77 38.94 10.96
N GLU N 80 15.41 40.09 11.25
CA GLU N 80 14.76 41.09 12.09
C GLU N 80 13.53 41.67 11.40
N ASP N 81 13.62 41.92 10.10
CA ASP N 81 12.47 42.42 9.34
C ASP N 81 11.35 41.40 9.35
N LEU N 82 11.68 40.12 9.20
CA LEU N 82 10.66 39.08 9.27
C LEU N 82 10.04 39.00 10.66
N ALA N 83 10.85 39.22 11.70
CA ALA N 83 10.31 39.24 13.06
C ALA N 83 9.32 40.39 13.23
N GLU N 84 9.65 41.56 12.70
CA GLU N 84 8.72 42.69 12.76
C GLU N 84 7.44 42.39 11.98
N THR N 85 7.58 41.76 10.81
CA THR N 85 6.40 41.40 10.02
C THR N 85 5.52 40.41 10.78
N LEU N 86 6.14 39.43 11.45
CA LEU N 86 5.37 38.47 12.23
C LEU N 86 4.69 39.14 13.42
N LYS N 87 5.36 40.10 14.05
CA LYS N 87 4.71 40.87 15.11
C LYS N 87 3.49 41.60 14.58
N LYS N 88 3.61 42.24 13.41
CA LYS N 88 2.48 42.94 12.82
C LYS N 88 1.34 41.97 12.49
N GLU N 89 1.68 40.80 11.96
CA GLU N 89 0.66 39.81 11.65
C GLU N 89 -0.05 39.33 12.90
N LYS N 90 0.70 39.09 13.98
CA LYS N 90 0.09 38.66 15.24
C LYS N 90 -0.82 39.75 15.79
N LEU N 91 -0.38 41.02 15.72
CA LEU N 91 -1.23 42.11 16.18
C LEU N 91 -2.51 42.20 15.35
N LYS N 92 -2.40 41.98 14.04
CA LYS N 92 -3.58 41.97 13.19
C LYS N 92 -4.53 40.84 13.59
N VAL N 93 -3.98 39.66 13.88
CA VAL N 93 -4.79 38.53 14.33
C VAL N 93 -4.93 38.57 15.85
N LYS O 8 45.41 3.58 -13.91
CA LYS O 8 45.76 4.21 -12.64
C LYS O 8 46.42 5.56 -12.86
N TYR O 9 46.33 6.08 -14.09
CA TYR O 9 46.91 7.38 -14.39
C TYR O 9 46.18 8.50 -13.68
N LYS O 10 44.88 8.32 -13.39
CA LYS O 10 44.14 9.33 -12.65
C LYS O 10 44.61 9.45 -11.21
N ASN O 11 45.03 8.34 -10.60
CA ASN O 11 45.56 8.42 -9.24
C ASN O 11 46.81 9.29 -9.20
N ILE O 12 47.67 9.20 -10.21
CA ILE O 12 48.89 9.99 -10.24
C ILE O 12 48.56 11.47 -10.47
N VAL O 13 47.66 11.75 -11.42
CA VAL O 13 47.39 13.14 -11.80
C VAL O 13 46.59 13.85 -10.71
N LEU O 14 45.80 13.11 -9.94
CA LEU O 14 44.97 13.72 -8.91
C LEU O 14 45.69 13.83 -7.58
N LEU O 15 46.39 12.78 -7.18
CA LEU O 15 47.05 12.78 -5.86
C LEU O 15 48.42 13.44 -5.92
N LYS O 16 49.30 12.93 -6.78
CA LYS O 16 50.64 13.49 -6.92
C LYS O 16 50.67 14.71 -7.83
N GLY O 17 49.53 15.08 -8.41
CA GLY O 17 49.45 16.20 -9.31
C GLY O 17 48.75 17.40 -8.74
N LEU O 18 47.46 17.56 -9.07
CA LEU O 18 46.71 18.75 -8.68
C LEU O 18 46.58 18.90 -7.17
N GLU O 19 46.64 17.80 -6.41
CA GLU O 19 46.50 17.89 -4.97
C GLU O 19 47.70 18.55 -4.30
N VAL O 20 48.88 18.46 -4.92
CA VAL O 20 50.07 19.04 -4.32
C VAL O 20 50.18 20.53 -4.59
N ILE O 21 49.88 20.98 -5.81
CA ILE O 21 49.98 22.38 -6.18
C ILE O 21 48.94 23.19 -5.43
N ASN O 22 49.26 24.46 -5.17
CA ASN O 22 48.36 25.34 -4.43
C ASN O 22 47.25 25.84 -5.34
N ASP O 23 46.44 26.77 -4.81
CA ASP O 23 45.27 27.24 -5.53
C ASP O 23 45.65 28.01 -6.79
N TYR O 24 46.69 28.84 -6.72
CA TYR O 24 47.05 29.67 -7.87
C TYR O 24 47.58 28.81 -9.02
N HIS O 25 48.43 27.83 -8.71
CA HIS O 25 48.93 26.92 -9.75
C HIS O 25 47.78 26.13 -10.36
N PHE O 26 46.83 25.68 -9.54
CA PHE O 26 45.68 24.95 -10.06
C PHE O 26 44.84 25.84 -10.97
N ARG O 27 44.69 27.12 -10.60
CA ARG O 27 43.94 28.03 -11.45
C ARG O 27 44.64 28.25 -12.79
N MET O 28 45.97 28.37 -12.78
CA MET O 28 46.69 28.50 -14.04
C MET O 28 46.59 27.23 -14.87
N VAL O 29 46.59 26.07 -14.21
CA VAL O 29 46.42 24.80 -14.93
C VAL O 29 45.04 24.75 -15.58
N LYS O 30 44.00 25.14 -14.85
CA LYS O 30 42.66 25.18 -15.41
C LYS O 30 42.57 26.14 -16.59
N SER O 31 43.18 27.32 -16.46
CA SER O 31 43.15 28.29 -17.54
C SER O 31 43.90 27.80 -18.77
N LEU O 32 45.04 27.15 -18.58
CA LEU O 32 45.82 26.68 -19.71
C LEU O 32 45.17 25.47 -20.38
N LEU O 33 44.45 24.67 -19.63
CA LEU O 33 43.78 23.48 -20.15
C LEU O 33 42.33 23.76 -20.53
N SER O 34 41.89 25.03 -20.49
CA SER O 34 40.50 25.35 -20.78
C SER O 34 40.14 24.98 -22.22
N ASN O 35 41.00 25.34 -23.17
CA ASN O 35 40.72 25.01 -24.57
C ASN O 35 40.77 23.50 -24.80
N ASP O 36 41.71 22.81 -24.17
CA ASP O 36 41.84 21.37 -24.33
C ASP O 36 40.78 20.59 -23.56
N LEU O 37 40.00 21.25 -22.70
CA LEU O 37 38.97 20.60 -21.93
C LEU O 37 37.58 21.17 -22.14
N LYS O 38 37.45 22.27 -22.88
CA LYS O 38 36.17 22.92 -23.15
C LYS O 38 35.47 23.31 -21.83
N LEU O 39 36.13 24.18 -21.08
CA LEU O 39 35.59 24.70 -19.83
C LEU O 39 35.03 26.10 -20.08
N ASN O 40 33.74 26.28 -19.79
CA ASN O 40 33.10 27.58 -19.95
C ASN O 40 33.42 28.46 -18.75
N LEU O 41 32.71 29.58 -18.62
CA LEU O 41 32.98 30.51 -17.53
C LEU O 41 32.72 29.88 -16.17
N LYS O 42 31.64 29.10 -16.04
CA LYS O 42 31.36 28.44 -14.77
C LYS O 42 32.45 27.45 -14.40
N MET O 43 32.90 26.66 -15.37
CA MET O 43 33.90 25.62 -15.10
C MET O 43 35.29 26.20 -14.85
N ARG O 44 35.51 27.47 -15.19
CA ARG O 44 36.80 28.10 -14.92
C ARG O 44 37.06 28.19 -13.43
N GLU O 45 36.05 28.58 -12.66
CA GLU O 45 36.21 28.80 -11.22
C GLU O 45 35.55 27.72 -10.36
N GLU O 46 34.35 27.26 -10.72
CA GLU O 46 33.63 26.33 -9.85
C GLU O 46 34.34 24.99 -9.75
N TYR O 47 34.88 24.49 -10.86
CA TYR O 47 35.48 23.17 -10.87
C TYR O 47 36.71 23.11 -9.97
N ASP O 48 36.82 22.03 -9.21
CA ASP O 48 37.93 21.78 -8.31
C ASP O 48 38.80 20.66 -8.87
N LYS O 49 39.80 20.25 -8.08
CA LYS O 49 40.79 19.30 -8.55
C LYS O 49 40.17 17.95 -8.91
N ILE O 50 39.21 17.49 -8.11
CA ILE O 50 38.58 16.20 -8.35
C ILE O 50 37.83 16.21 -9.68
N GLN O 51 36.98 17.22 -9.88
CA GLN O 51 36.22 17.31 -11.12
C GLN O 51 37.13 17.54 -12.32
N ILE O 52 38.19 18.34 -12.15
CA ILE O 52 39.12 18.58 -13.24
C ILE O 52 39.82 17.29 -13.64
N ALA O 53 40.25 16.50 -12.65
CA ALA O 53 40.90 15.23 -12.94
C ALA O 53 39.93 14.27 -13.63
N ASP O 54 38.70 14.22 -13.18
CA ASP O 54 37.73 13.37 -13.84
C ASP O 54 37.59 13.81 -15.28
N LEU O 55 37.26 15.08 -15.48
CA LEU O 55 37.09 15.60 -16.83
C LEU O 55 38.27 15.23 -17.70
N MET O 56 39.47 15.44 -17.20
CA MET O 56 40.68 15.15 -17.95
C MET O 56 40.74 13.67 -18.34
N GLU O 57 40.41 12.78 -17.40
CA GLU O 57 40.34 11.36 -17.76
C GLU O 57 39.31 11.13 -18.85
N GLU O 58 38.17 11.80 -18.76
CA GLU O 58 37.11 11.61 -19.76
C GLU O 58 37.57 12.04 -21.15
N LYS O 59 38.28 13.16 -21.25
CA LYS O 59 38.67 13.70 -22.55
C LYS O 59 40.10 13.38 -22.95
N PHE O 60 40.94 12.90 -22.03
CA PHE O 60 42.35 12.65 -22.32
C PHE O 60 42.66 11.19 -22.03
N ARG O 61 41.83 10.28 -22.56
CA ARG O 61 41.90 8.87 -22.17
C ARG O 61 43.25 8.23 -22.45
N GLY O 62 44.06 8.81 -23.34
CA GLY O 62 45.36 8.23 -23.63
C GLY O 62 46.25 8.13 -22.41
N ASP O 63 46.31 9.21 -21.61
CA ASP O 63 47.12 9.20 -20.40
C ASP O 63 46.43 9.90 -19.23
N ALA O 64 45.11 10.11 -19.31
CA ALA O 64 44.34 10.77 -18.25
C ALA O 64 44.87 12.17 -17.94
N GLY O 65 45.42 12.85 -18.94
CA GLY O 65 45.90 14.20 -18.78
C GLY O 65 47.24 14.34 -18.11
N LEU O 66 47.91 13.22 -17.79
CA LEU O 66 49.20 13.30 -17.11
C LEU O 66 50.26 13.96 -17.99
N GLY O 67 50.27 13.63 -19.28
CA GLY O 67 51.29 14.17 -20.16
C GLY O 67 51.20 15.68 -20.30
N LYS O 68 49.99 16.20 -20.53
CA LYS O 68 49.84 17.65 -20.69
C LYS O 68 49.99 18.37 -19.36
N LEU O 69 49.60 17.73 -18.25
CA LEU O 69 49.88 18.31 -16.94
C LEU O 69 51.39 18.43 -16.70
N ILE O 70 52.14 17.40 -17.08
CA ILE O 70 53.59 17.46 -16.96
C ILE O 70 54.17 18.56 -17.84
N LYS O 71 53.65 18.67 -19.08
CA LYS O 71 54.11 19.72 -19.98
C LYS O 71 53.84 21.11 -19.40
N ILE O 72 52.66 21.30 -18.81
CA ILE O 72 52.35 22.58 -18.16
C ILE O 72 53.28 22.82 -16.99
N PHE O 73 53.51 21.80 -16.16
CA PHE O 73 54.37 21.96 -14.99
C PHE O 73 55.81 22.24 -15.38
N GLU O 74 56.23 21.83 -16.57
CA GLU O 74 57.59 22.13 -17.03
C GLU O 74 57.81 23.62 -17.15
N ASP O 75 56.83 24.35 -17.70
CA ASP O 75 56.99 25.78 -17.92
C ASP O 75 56.94 26.58 -16.62
N ILE O 76 56.39 26.01 -15.55
CA ILE O 76 56.29 26.68 -14.26
C ILE O 76 57.59 26.41 -13.49
N PRO O 77 58.40 27.44 -13.20
CA PRO O 77 59.66 27.19 -12.48
C PRO O 77 59.47 26.59 -11.11
N THR O 78 58.37 26.93 -10.41
CA THR O 78 58.15 26.42 -9.06
C THR O 78 57.87 24.92 -9.07
N LEU O 79 57.17 24.43 -10.09
CA LEU O 79 56.70 23.04 -10.12
C LEU O 79 57.55 22.14 -11.01
N GLU O 80 58.79 22.53 -11.30
CA GLU O 80 59.66 21.66 -12.10
C GLU O 80 59.97 20.36 -11.37
N ASP O 81 60.20 20.44 -10.06
CA ASP O 81 60.45 19.23 -9.29
C ASP O 81 59.23 18.32 -9.30
N LEU O 82 58.03 18.90 -9.17
CA LEU O 82 56.81 18.10 -9.24
C LEU O 82 56.63 17.50 -10.63
N ALA O 83 57.02 18.22 -11.67
CA ALA O 83 56.96 17.67 -13.01
C ALA O 83 57.89 16.47 -13.16
N GLU O 84 59.10 16.57 -12.61
CA GLU O 84 60.01 15.42 -12.64
C GLU O 84 59.46 14.25 -11.85
N THR O 85 58.85 14.53 -10.69
CA THR O 85 58.23 13.46 -9.90
C THR O 85 57.09 12.79 -10.65
N LEU O 86 56.28 13.58 -11.35
CA LEU O 86 55.20 13.01 -12.15
C LEU O 86 55.73 12.19 -13.31
N LYS O 87 56.83 12.64 -13.93
CA LYS O 87 57.48 11.83 -14.96
C LYS O 87 57.94 10.50 -14.40
N LYS O 88 58.53 10.52 -13.20
CA LYS O 88 58.97 9.27 -12.57
C LYS O 88 57.78 8.37 -12.28
N GLU O 89 56.68 8.94 -11.80
CA GLU O 89 55.48 8.15 -11.54
C GLU O 89 54.93 7.53 -12.83
N LYS O 90 54.92 8.31 -13.91
CA LYS O 90 54.45 7.77 -15.19
C LYS O 90 55.34 6.64 -15.67
N LEU O 91 56.67 6.79 -15.53
CA LEU O 91 57.58 5.72 -15.90
C LEU O 91 57.36 4.49 -15.05
N LYS O 92 57.09 4.67 -13.75
CA LYS O 92 56.80 3.54 -12.89
C LYS O 92 55.52 2.84 -13.32
N VAL O 93 54.50 3.59 -13.68
CA VAL O 93 53.22 3.02 -14.12
C VAL O 93 53.08 3.15 -15.62
N LYS P 8 -55.25 -6.89 -6.72
CA LYS P 8 -54.25 -6.90 -7.78
C LYS P 8 -52.95 -6.31 -7.22
N TYR P 9 -53.06 -5.71 -6.04
CA TYR P 9 -51.88 -5.13 -5.38
C TYR P 9 -50.83 -6.18 -5.07
N LYS P 10 -51.23 -7.44 -4.88
CA LYS P 10 -50.26 -8.50 -4.67
C LYS P 10 -49.41 -8.72 -5.91
N ASN P 11 -50.00 -8.57 -7.09
CA ASN P 11 -49.25 -8.73 -8.33
C ASN P 11 -48.14 -7.69 -8.42
N ILE P 12 -48.43 -6.44 -8.04
CA ILE P 12 -47.42 -5.39 -8.10
C ILE P 12 -46.33 -5.64 -7.05
N VAL P 13 -46.72 -5.97 -5.82
CA VAL P 13 -45.76 -6.09 -4.74
C VAL P 13 -44.90 -7.34 -4.88
N LEU P 14 -45.38 -8.36 -5.59
CA LEU P 14 -44.62 -9.59 -5.78
C LEU P 14 -43.84 -9.59 -7.10
N LEU P 15 -44.53 -9.47 -8.23
CA LEU P 15 -43.87 -9.58 -9.52
C LEU P 15 -42.92 -8.40 -9.76
N LYS P 16 -43.39 -7.18 -9.52
CA LYS P 16 -42.58 -5.99 -9.69
C LYS P 16 -41.91 -5.55 -8.40
N GLY P 17 -42.09 -6.28 -7.31
CA GLY P 17 -41.53 -5.88 -6.03
C GLY P 17 -40.42 -6.80 -5.53
N LEU P 18 -40.78 -7.72 -4.65
CA LEU P 18 -39.78 -8.57 -3.99
C LEU P 18 -39.02 -9.43 -4.99
N GLU P 19 -39.64 -9.76 -6.13
CA GLU P 19 -38.98 -10.58 -7.13
C GLU P 19 -37.96 -9.82 -7.97
N VAL P 20 -37.87 -8.50 -7.79
CA VAL P 20 -36.87 -7.72 -8.52
C VAL P 20 -35.60 -7.50 -7.68
N ILE P 21 -35.75 -7.39 -6.36
CA ILE P 21 -34.61 -7.19 -5.48
C ILE P 21 -33.90 -8.52 -5.26
N ASN P 22 -32.61 -8.44 -4.92
CA ASN P 22 -31.80 -9.62 -4.70
C ASN P 22 -32.09 -10.22 -3.32
N ASP P 23 -31.37 -11.29 -2.99
CA ASP P 23 -31.61 -11.99 -1.73
C ASP P 23 -31.25 -11.13 -0.52
N TYR P 24 -30.17 -10.35 -0.63
CA TYR P 24 -29.78 -9.49 0.49
C TYR P 24 -30.88 -8.48 0.81
N HIS P 25 -31.40 -7.80 -0.22
CA HIS P 25 -32.46 -6.84 0.00
C HIS P 25 -33.75 -7.51 0.44
N PHE P 26 -34.00 -8.75 0.01
CA PHE P 26 -35.20 -9.44 0.46
C PHE P 26 -35.10 -9.79 1.95
N ARG P 27 -33.95 -10.30 2.39
CA ARG P 27 -33.75 -10.53 3.82
C ARG P 27 -33.85 -9.22 4.59
N MET P 28 -33.37 -8.12 3.98
CA MET P 28 -33.48 -6.82 4.60
C MET P 28 -34.93 -6.41 4.80
N VAL P 29 -35.76 -6.60 3.77
CA VAL P 29 -37.19 -6.26 3.87
C VAL P 29 -37.85 -7.14 4.92
N LYS P 30 -37.52 -8.43 4.94
CA LYS P 30 -38.09 -9.33 5.93
C LYS P 30 -37.73 -8.88 7.34
N SER P 31 -36.47 -8.47 7.56
CA SER P 31 -36.08 -7.98 8.87
C SER P 31 -36.80 -6.69 9.23
N LEU P 32 -36.90 -5.75 8.28
CA LEU P 32 -37.53 -4.47 8.58
C LEU P 32 -39.02 -4.62 8.80
N LEU P 33 -39.65 -5.63 8.20
CA LEU P 33 -41.07 -5.88 8.37
C LEU P 33 -41.35 -7.01 9.34
N SER P 34 -40.34 -7.44 10.11
CA SER P 34 -40.55 -8.54 11.05
C SER P 34 -41.56 -8.16 12.13
N ASN P 35 -41.45 -6.95 12.69
CA ASN P 35 -42.40 -6.51 13.69
C ASN P 35 -43.78 -6.30 13.10
N ASP P 36 -43.85 -5.74 11.89
CA ASP P 36 -45.13 -5.47 11.25
C ASP P 36 -45.80 -6.73 10.72
N LEU P 37 -45.08 -7.83 10.57
CA LEU P 37 -45.65 -9.08 10.11
C LEU P 37 -45.60 -10.18 11.17
N LYS P 38 -45.08 -9.89 12.35
CA LYS P 38 -44.96 -10.88 13.44
C LYS P 38 -44.19 -12.12 12.96
N LEU P 39 -43.04 -11.89 12.35
CA LEU P 39 -42.19 -12.97 11.85
C LEU P 39 -41.31 -13.46 12.99
N ASN P 40 -41.40 -14.76 13.28
CA ASN P 40 -40.56 -15.37 14.30
C ASN P 40 -39.20 -15.74 13.71
N LEU P 41 -38.44 -16.54 14.45
CA LEU P 41 -37.12 -16.94 13.99
C LEU P 41 -37.21 -17.78 12.71
N LYS P 42 -38.17 -18.70 12.65
CA LYS P 42 -38.32 -19.54 11.47
C LYS P 42 -38.78 -18.72 10.27
N MET P 43 -39.81 -17.89 10.45
CA MET P 43 -40.39 -17.17 9.32
C MET P 43 -39.41 -16.17 8.74
N ARG P 44 -38.66 -15.48 9.59
CA ARG P 44 -37.75 -14.44 9.10
C ARG P 44 -36.63 -15.02 8.24
N GLU P 45 -36.21 -16.25 8.52
CA GLU P 45 -35.09 -16.86 7.83
C GLU P 45 -35.52 -17.78 6.70
N GLU P 46 -36.71 -18.35 6.76
CA GLU P 46 -37.11 -19.38 5.80
C GLU P 46 -38.10 -18.90 4.76
N TYR P 47 -38.99 -17.97 5.12
CA TYR P 47 -40.02 -17.53 4.18
C TYR P 47 -39.41 -16.88 2.95
N ASP P 48 -39.91 -17.26 1.79
CA ASP P 48 -39.48 -16.69 0.52
C ASP P 48 -40.42 -15.56 0.11
N LYS P 49 -40.20 -15.04 -1.09
CA LYS P 49 -40.93 -13.85 -1.53
C LYS P 49 -42.42 -14.13 -1.68
N ILE P 50 -42.78 -15.33 -2.13
CA ILE P 50 -44.19 -15.66 -2.32
C ILE P 50 -44.92 -15.64 -0.98
N GLN P 51 -44.37 -16.33 0.02
CA GLN P 51 -45.02 -16.37 1.33
C GLN P 51 -45.00 -15.00 2.00
N ILE P 52 -43.93 -14.23 1.82
CA ILE P 52 -43.89 -12.89 2.41
C ILE P 52 -44.96 -12.00 1.80
N ALA P 53 -45.12 -12.06 0.47
CA ALA P 53 -46.16 -11.28 -0.18
C ALA P 53 -47.55 -11.73 0.27
N ASP P 54 -47.76 -13.03 0.40
CA ASP P 54 -49.06 -13.53 0.85
C ASP P 54 -49.35 -13.06 2.27
N LEU P 55 -48.36 -13.13 3.16
CA LEU P 55 -48.56 -12.68 4.54
C LEU P 55 -48.83 -11.18 4.59
N MET P 56 -48.12 -10.41 3.77
CA MET P 56 -48.37 -8.97 3.72
C MET P 56 -49.77 -8.67 3.22
N GLU P 57 -50.24 -9.41 2.22
CA GLU P 57 -51.62 -9.24 1.77
C GLU P 57 -52.60 -9.58 2.91
N GLU P 58 -52.31 -10.64 3.66
CA GLU P 58 -53.20 -11.04 4.74
C GLU P 58 -53.26 -9.97 5.83
N LYS P 59 -52.12 -9.39 6.19
CA LYS P 59 -52.04 -8.48 7.34
C LYS P 59 -52.10 -7.01 6.96
N PHE P 60 -51.90 -6.66 5.68
CA PHE P 60 -51.87 -5.28 5.24
C PHE P 60 -52.94 -5.05 4.19
N ARG P 61 -54.17 -5.48 4.48
CA ARG P 61 -55.23 -5.51 3.47
C ARG P 61 -55.52 -4.14 2.87
N GLY P 62 -55.15 -3.06 3.55
CA GLY P 62 -55.38 -1.74 2.99
C GLY P 62 -54.66 -1.52 1.67
N ASP P 63 -53.40 -1.94 1.59
CA ASP P 63 -52.65 -1.81 0.34
C ASP P 63 -51.78 -3.02 0.03
N ALA P 64 -52.00 -4.16 0.68
CA ALA P 64 -51.24 -5.39 0.45
C ALA P 64 -49.75 -5.20 0.66
N GLY P 65 -49.38 -4.28 1.55
CA GLY P 65 -47.99 -4.04 1.87
C GLY P 65 -47.24 -3.20 0.86
N LEU P 66 -47.91 -2.72 -0.19
CA LEU P 66 -47.22 -1.94 -1.21
C LEU P 66 -46.70 -0.61 -0.65
N GLY P 67 -47.50 0.05 0.18
CA GLY P 67 -47.07 1.33 0.74
C GLY P 67 -45.86 1.20 1.63
N LYS P 68 -45.86 0.22 2.53
CA LYS P 68 -44.72 0.03 3.41
C LYS P 68 -43.49 -0.47 2.66
N LEU P 69 -43.69 -1.31 1.64
CA LEU P 69 -42.57 -1.73 0.81
C LEU P 69 -41.97 -0.54 0.07
N ILE P 70 -42.81 0.36 -0.43
CA ILE P 70 -42.31 1.56 -1.09
C ILE P 70 -41.55 2.44 -0.12
N LYS P 71 -42.06 2.57 1.10
CA LYS P 71 -41.38 3.36 2.12
C LYS P 71 -40.02 2.75 2.45
N ILE P 72 -39.94 1.42 2.53
CA ILE P 72 -38.66 0.76 2.77
C ILE P 72 -37.71 0.99 1.61
N PHE P 73 -38.22 0.86 0.38
CA PHE P 73 -37.37 0.99 -0.80
C PHE P 73 -36.89 2.42 -1.01
N GLU P 74 -37.63 3.40 -0.49
CA GLU P 74 -37.24 4.80 -0.65
C GLU P 74 -35.88 5.06 -0.01
N ASP P 75 -35.68 4.56 1.19
CA ASP P 75 -34.48 4.87 1.97
C ASP P 75 -33.28 4.04 1.56
N ILE P 76 -33.48 2.99 0.78
CA ILE P 76 -32.39 2.15 0.29
C ILE P 76 -31.91 2.75 -1.04
N PRO P 77 -30.70 3.30 -1.11
CA PRO P 77 -30.28 4.02 -2.33
C PRO P 77 -30.27 3.14 -3.57
N THR P 78 -30.00 1.85 -3.43
CA THR P 78 -30.01 0.95 -4.59
C THR P 78 -31.42 0.74 -5.11
N LEU P 79 -32.43 0.83 -4.24
CA LEU P 79 -33.81 0.53 -4.59
C LEU P 79 -34.67 1.77 -4.77
N GLU P 80 -34.06 2.95 -4.88
CA GLU P 80 -34.85 4.17 -5.07
C GLU P 80 -35.59 4.15 -6.41
N ASP P 81 -34.92 3.69 -7.47
CA ASP P 81 -35.58 3.61 -8.78
C ASP P 81 -36.73 2.61 -8.74
N LEU P 82 -36.53 1.48 -8.05
CA LEU P 82 -37.60 0.49 -7.91
C LEU P 82 -38.75 1.06 -7.10
N ALA P 83 -38.45 1.88 -6.09
CA ALA P 83 -39.50 2.54 -5.32
C ALA P 83 -40.31 3.47 -6.21
N GLU P 84 -39.63 4.25 -7.07
CA GLU P 84 -40.34 5.11 -7.99
C GLU P 84 -41.22 4.30 -8.95
N THR P 85 -40.68 3.18 -9.45
CA THR P 85 -41.46 2.32 -10.34
C THR P 85 -42.69 1.76 -9.63
N LEU P 86 -42.54 1.34 -8.37
CA LEU P 86 -43.67 0.84 -7.61
C LEU P 86 -44.70 1.93 -7.36
N LYS P 87 -44.24 3.17 -7.11
CA LYS P 87 -45.17 4.29 -7.00
C LYS P 87 -45.95 4.49 -8.29
N LYS P 88 -45.27 4.43 -9.43
CA LYS P 88 -45.95 4.58 -10.70
C LYS P 88 -46.98 3.47 -10.91
N GLU P 89 -46.63 2.24 -10.54
CA GLU P 89 -47.58 1.13 -10.63
C GLU P 89 -48.79 1.36 -9.72
N LYS P 90 -48.55 1.86 -8.51
CA LYS P 90 -49.65 2.10 -7.57
C LYS P 90 -50.60 3.16 -8.10
N LEU P 91 -50.07 4.27 -8.62
CA LEU P 91 -50.93 5.27 -9.23
C LEU P 91 -51.61 4.77 -10.48
N LYS P 92 -50.97 3.86 -11.22
CA LYS P 92 -51.63 3.23 -12.36
C LYS P 92 -52.83 2.40 -11.91
N VAL P 93 -52.68 1.65 -10.83
CA VAL P 93 -53.77 0.83 -10.30
C VAL P 93 -54.39 1.50 -9.08
N LYS Q 8 -49.62 -31.68 28.16
CA LYS Q 8 -49.58 -30.30 27.68
C LYS Q 8 -48.14 -29.98 27.28
N TYR Q 9 -47.20 -30.73 27.87
CA TYR Q 9 -45.78 -30.49 27.59
C TYR Q 9 -45.45 -30.63 26.11
N LYS Q 10 -46.22 -31.44 25.38
CA LYS Q 10 -46.01 -31.55 23.94
C LYS Q 10 -46.34 -30.24 23.23
N ASN Q 11 -47.32 -29.48 23.73
CA ASN Q 11 -47.67 -28.21 23.11
C ASN Q 11 -46.50 -27.23 23.19
N ILE Q 12 -45.80 -27.18 24.32
CA ILE Q 12 -44.69 -26.25 24.47
C ILE Q 12 -43.52 -26.67 23.59
N VAL Q 13 -43.20 -27.97 23.58
CA VAL Q 13 -42.05 -28.43 22.81
C VAL Q 13 -42.29 -28.34 21.31
N LEU Q 14 -43.56 -28.35 20.87
CA LEU Q 14 -43.87 -28.31 19.45
C LEU Q 14 -44.29 -26.92 18.98
N LEU Q 15 -45.34 -26.35 19.59
CA LEU Q 15 -45.83 -25.06 19.13
C LEU Q 15 -44.86 -23.93 19.47
N LYS Q 16 -44.37 -23.90 20.71
CA LYS Q 16 -43.42 -22.89 21.14
C LYS Q 16 -41.97 -23.34 21.02
N GLY Q 17 -41.74 -24.56 20.54
CA GLY Q 17 -40.40 -25.11 20.46
C GLY Q 17 -39.86 -25.28 19.06
N LEU Q 18 -39.95 -26.50 18.54
CA LEU Q 18 -39.33 -26.81 17.25
C LEU Q 18 -39.94 -26.02 16.11
N GLU Q 19 -41.20 -25.60 16.23
CA GLU Q 19 -41.84 -24.86 15.15
C GLU Q 19 -41.43 -23.40 15.11
N VAL Q 20 -40.69 -22.91 16.12
CA VAL Q 20 -40.22 -21.54 16.09
C VAL Q 20 -38.80 -21.45 15.51
N ILE Q 21 -37.98 -22.48 15.70
CA ILE Q 21 -36.63 -22.50 15.15
C ILE Q 21 -36.69 -22.86 13.66
N ASN Q 22 -35.67 -22.46 12.93
CA ASN Q 22 -35.60 -22.70 11.50
C ASN Q 22 -35.16 -24.13 11.21
N ASP Q 23 -35.00 -24.44 9.92
CA ASP Q 23 -34.65 -25.80 9.52
C ASP Q 23 -33.25 -26.18 9.96
N TYR Q 24 -32.31 -25.22 9.94
CA TYR Q 24 -30.94 -25.51 10.36
C TYR Q 24 -30.89 -25.92 11.82
N HIS Q 25 -31.54 -25.15 12.69
CA HIS Q 25 -31.56 -25.49 14.10
C HIS Q 25 -32.39 -26.73 14.37
N PHE Q 26 -33.43 -26.98 13.57
CA PHE Q 26 -34.18 -28.23 13.70
C PHE Q 26 -33.31 -29.43 13.37
N ARG Q 27 -32.49 -29.32 12.32
CA ARG Q 27 -31.56 -30.40 12.01
C ARG Q 27 -30.52 -30.56 13.11
N MET Q 28 -30.08 -29.45 13.69
CA MET Q 28 -29.22 -29.53 14.87
C MET Q 28 -29.87 -30.34 15.98
N VAL Q 29 -31.13 -30.03 16.29
CA VAL Q 29 -31.84 -30.74 17.36
C VAL Q 29 -31.98 -32.23 17.03
N LYS Q 30 -32.32 -32.53 15.77
CA LYS Q 30 -32.47 -33.92 15.37
C LYS Q 30 -31.15 -34.69 15.49
N SER Q 31 -30.04 -34.05 15.10
CA SER Q 31 -28.75 -34.73 15.19
C SER Q 31 -28.33 -34.92 16.65
N LEU Q 32 -28.50 -33.90 17.49
CA LEU Q 32 -28.06 -34.00 18.87
C LEU Q 32 -28.91 -34.98 19.67
N LEU Q 33 -30.17 -35.15 19.29
CA LEU Q 33 -31.07 -36.07 19.97
C LEU Q 33 -31.15 -37.43 19.27
N SER Q 34 -30.28 -37.68 18.30
CA SER Q 34 -30.32 -38.96 17.59
C SER Q 34 -30.05 -40.13 18.52
N ASN Q 35 -29.04 -39.99 19.40
CA ASN Q 35 -28.76 -41.05 20.36
C ASN Q 35 -29.86 -41.18 21.40
N ASP Q 36 -30.42 -40.04 21.84
CA ASP Q 36 -31.46 -40.05 22.85
C ASP Q 36 -32.83 -40.45 22.32
N LEU Q 37 -33.01 -40.48 20.99
CA LEU Q 37 -34.26 -40.86 20.38
C LEU Q 37 -34.13 -42.08 19.47
N LYS Q 38 -32.93 -42.63 19.33
CA LYS Q 38 -32.68 -43.80 18.47
C LYS Q 38 -33.13 -43.52 17.03
N LEU Q 39 -32.61 -42.43 16.46
CA LEU Q 39 -32.92 -42.04 15.09
C LEU Q 39 -31.92 -42.66 14.14
N ASN Q 40 -32.41 -43.50 13.23
CA ASN Q 40 -31.54 -44.12 12.23
C ASN Q 40 -31.28 -43.15 11.08
N LEU Q 41 -30.73 -43.69 9.99
CA LEU Q 41 -30.44 -42.88 8.82
C LEU Q 41 -31.70 -42.22 8.25
N LYS Q 42 -32.76 -43.00 8.07
CA LYS Q 42 -33.98 -42.46 7.48
C LYS Q 42 -34.61 -41.40 8.38
N MET Q 43 -34.72 -41.69 9.68
CA MET Q 43 -35.34 -40.76 10.61
C MET Q 43 -34.54 -39.46 10.76
N ARG Q 44 -33.25 -39.48 10.43
CA ARG Q 44 -32.43 -38.28 10.62
C ARG Q 44 -32.86 -37.16 9.68
N GLU Q 45 -33.09 -37.47 8.40
CA GLU Q 45 -33.47 -36.46 7.43
C GLU Q 45 -34.89 -36.64 6.89
N GLU Q 46 -35.71 -37.50 7.50
CA GLU Q 46 -37.09 -37.62 7.07
C GLU Q 46 -38.11 -37.15 8.08
N TYR Q 47 -37.86 -37.37 9.38
CA TYR Q 47 -38.82 -36.94 10.39
C TYR Q 47 -38.86 -35.42 10.49
N ASP Q 48 -40.07 -34.88 10.55
CA ASP Q 48 -40.30 -33.45 10.68
C ASP Q 48 -40.54 -33.11 12.15
N LYS Q 49 -40.91 -31.85 12.42
CA LYS Q 49 -41.05 -31.38 13.79
C LYS Q 49 -42.19 -32.09 14.52
N ILE Q 50 -43.29 -32.35 13.83
CA ILE Q 50 -44.43 -33.03 14.46
C ILE Q 50 -44.02 -34.43 14.89
N GLN Q 51 -43.39 -35.18 13.99
CA GLN Q 51 -42.95 -36.54 14.31
C GLN Q 51 -41.86 -36.53 15.37
N ILE Q 52 -40.95 -35.56 15.33
CA ILE Q 52 -39.90 -35.47 16.34
C ILE Q 52 -40.50 -35.21 17.71
N ALA Q 53 -41.48 -34.29 17.79
CA ALA Q 53 -42.14 -34.02 19.06
C ALA Q 53 -42.91 -35.24 19.56
N ASP Q 54 -43.58 -35.96 18.66
CA ASP Q 54 -44.30 -37.15 19.07
C ASP Q 54 -43.35 -38.22 19.60
N LEU Q 55 -42.21 -38.41 18.93
CA LEU Q 55 -41.23 -39.38 19.41
C LEU Q 55 -40.63 -38.96 20.74
N MET Q 56 -40.40 -37.66 20.91
CA MET Q 56 -39.90 -37.16 22.19
C MET Q 56 -40.89 -37.43 23.31
N GLU Q 57 -42.18 -37.20 23.05
CA GLU Q 57 -43.19 -37.52 24.06
C GLU Q 57 -43.22 -39.01 24.35
N GLU Q 58 -43.06 -39.83 23.30
CA GLU Q 58 -43.09 -41.28 23.48
C GLU Q 58 -41.89 -41.79 24.28
N LYS Q 59 -40.74 -41.12 24.16
CA LYS Q 59 -39.52 -41.61 24.79
C LYS Q 59 -39.08 -40.80 26.01
N PHE Q 60 -39.63 -39.60 26.21
CA PHE Q 60 -39.18 -38.70 27.27
C PHE Q 60 -40.34 -38.31 28.16
N ARG Q 61 -41.09 -39.31 28.64
CA ARG Q 61 -42.37 -39.06 29.30
C ARG Q 61 -42.25 -38.14 30.51
N GLY Q 62 -41.06 -38.03 31.11
CA GLY Q 62 -40.89 -37.18 32.27
C GLY Q 62 -41.20 -35.72 31.98
N ASP Q 63 -40.70 -35.21 30.85
CA ASP Q 63 -40.96 -33.81 30.49
C ASP Q 63 -41.25 -33.63 29.00
N ALA Q 64 -41.54 -34.72 28.28
CA ALA Q 64 -41.80 -34.67 26.84
C ALA Q 64 -40.65 -34.05 26.06
N GLY Q 65 -39.44 -34.20 26.58
CA GLY Q 65 -38.26 -33.67 25.92
C GLY Q 65 -38.03 -32.19 26.09
N LEU Q 66 -38.86 -31.51 26.88
CA LEU Q 66 -38.71 -30.06 27.04
C LEU Q 66 -37.39 -29.71 27.73
N GLY Q 67 -37.01 -30.48 28.75
CA GLY Q 67 -35.77 -30.17 29.46
C GLY Q 67 -34.54 -30.29 28.59
N LYS Q 68 -34.44 -31.40 27.85
CA LYS Q 68 -33.29 -31.58 26.98
C LYS Q 68 -33.33 -30.62 25.79
N LEU Q 69 -34.53 -30.28 25.29
CA LEU Q 69 -34.61 -29.26 24.25
C LEU Q 69 -34.11 -27.92 24.76
N ILE Q 70 -34.46 -27.55 25.99
CA ILE Q 70 -33.98 -26.31 26.58
C ILE Q 70 -32.46 -26.37 26.76
N LYS Q 71 -31.94 -27.51 27.19
CA LYS Q 71 -30.50 -27.66 27.35
C LYS Q 71 -29.78 -27.51 26.01
N ILE Q 72 -30.36 -28.06 24.95
CA ILE Q 72 -29.79 -27.90 23.61
C ILE Q 72 -29.84 -26.43 23.19
N PHE Q 73 -30.97 -25.77 23.42
CA PHE Q 73 -31.13 -24.39 23.01
C PHE Q 73 -30.21 -23.45 23.78
N GLU Q 74 -29.81 -23.85 25.00
CA GLU Q 74 -28.89 -23.01 25.78
C GLU Q 74 -27.57 -22.83 25.07
N ASP Q 75 -27.03 -23.92 24.50
CA ASP Q 75 -25.72 -23.85 23.84
C ASP Q 75 -25.79 -23.16 22.49
N ILE Q 76 -26.98 -23.02 21.91
CA ILE Q 76 -27.13 -22.33 20.63
C ILE Q 76 -27.22 -20.83 20.92
N PRO Q 77 -26.26 -20.03 20.46
CA PRO Q 77 -26.31 -18.58 20.75
C PRO Q 77 -27.54 -17.89 20.18
N THR Q 78 -28.03 -18.35 19.03
CA THR Q 78 -29.18 -17.70 18.41
C THR Q 78 -30.46 -17.98 19.19
N LEU Q 79 -30.56 -19.14 19.83
CA LEU Q 79 -31.80 -19.59 20.46
C LEU Q 79 -31.77 -19.48 21.97
N GLU Q 80 -30.88 -18.66 22.54
CA GLU Q 80 -30.87 -18.48 23.99
C GLU Q 80 -32.15 -17.81 24.48
N ASP Q 81 -32.65 -16.83 23.72
CA ASP Q 81 -33.91 -16.18 24.10
C ASP Q 81 -35.06 -17.17 24.05
N LEU Q 82 -35.09 -18.04 23.03
CA LEU Q 82 -36.14 -19.06 22.98
C LEU Q 82 -35.98 -20.08 24.10
N ALA Q 83 -34.74 -20.38 24.50
CA ALA Q 83 -34.55 -21.25 25.65
C ALA Q 83 -35.11 -20.63 26.92
N GLU Q 84 -34.89 -19.32 27.11
CA GLU Q 84 -35.48 -18.63 28.25
C GLU Q 84 -37.00 -18.65 28.18
N THR Q 85 -37.56 -18.45 26.98
CA THR Q 85 -39.01 -18.49 26.82
C THR Q 85 -39.56 -19.86 27.14
N LEU Q 86 -38.88 -20.92 26.71
CA LEU Q 86 -39.31 -22.27 27.02
C LEU Q 86 -39.21 -22.56 28.51
N LYS Q 87 -38.18 -22.04 29.17
CA LYS Q 87 -38.10 -22.16 30.63
C LYS Q 87 -39.29 -21.48 31.30
N LYS Q 88 -39.64 -20.28 30.85
CA LYS Q 88 -40.78 -19.58 31.42
C LYS Q 88 -42.06 -20.38 31.20
N GLU Q 89 -42.22 -20.95 30.01
CA GLU Q 89 -43.39 -21.79 29.75
C GLU Q 89 -43.43 -23.02 30.65
N LYS Q 90 -42.26 -23.64 30.87
CA LYS Q 90 -42.21 -24.83 31.72
C LYS Q 90 -42.58 -24.50 33.16
N LEU Q 91 -42.05 -23.40 33.70
CA LEU Q 91 -42.48 -22.98 35.03
C LEU Q 91 -43.94 -22.55 35.06
N LYS Q 92 -44.46 -22.04 33.95
CA LYS Q 92 -45.89 -21.74 33.88
C LYS Q 92 -46.72 -23.00 33.98
N VAL Q 93 -46.29 -24.07 33.32
CA VAL Q 93 -47.00 -25.34 33.36
C VAL Q 93 -46.24 -26.34 34.23
N LYS R 8 17.98 27.86 28.46
CA LYS R 8 18.10 28.73 27.30
C LYS R 8 19.55 29.12 27.04
N TYR R 9 20.48 28.30 27.52
CA TYR R 9 21.89 28.58 27.31
C TYR R 9 22.30 28.35 25.86
N LYS R 10 21.61 27.47 25.15
CA LYS R 10 21.94 27.23 23.74
C LYS R 10 21.57 28.42 22.88
N ASN R 11 20.55 29.19 23.28
CA ASN R 11 20.19 30.38 22.52
C ASN R 11 21.32 31.42 22.54
N ILE R 12 21.95 31.60 23.71
CA ILE R 12 23.02 32.58 23.82
C ILE R 12 24.25 32.15 23.02
N VAL R 13 24.65 30.88 23.15
CA VAL R 13 25.86 30.42 22.49
C VAL R 13 25.68 30.35 20.98
N LEU R 14 24.46 30.22 20.48
CA LEU R 14 24.21 30.12 19.05
C LEU R 14 23.92 31.47 18.41
N LEU R 15 23.09 32.29 19.05
CA LEU R 15 22.71 33.57 18.44
C LEU R 15 23.72 34.66 18.76
N LYS R 16 23.99 34.90 20.04
CA LYS R 16 24.96 35.91 20.44
C LYS R 16 26.38 35.37 20.45
N GLY R 17 26.58 34.10 20.12
CA GLY R 17 27.90 33.49 20.16
C GLY R 17 28.51 33.23 18.80
N LEU R 18 28.39 31.99 18.33
CA LEU R 18 29.09 31.56 17.12
C LEU R 18 28.62 32.27 15.86
N GLU R 19 27.46 32.92 15.89
CA GLU R 19 26.89 33.55 14.70
C GLU R 19 27.13 35.05 14.66
N VAL R 20 27.88 35.59 15.62
CA VAL R 20 28.36 36.96 15.52
C VAL R 20 29.80 37.00 15.01
N ILE R 21 30.56 35.93 15.19
CA ILE R 21 31.94 35.83 14.73
C ILE R 21 31.95 35.32 13.29
N ASN R 22 33.03 35.63 12.57
CA ASN R 22 33.14 35.27 11.17
C ASN R 22 33.55 33.80 11.02
N ASP R 23 33.75 33.38 9.77
CA ASP R 23 34.04 31.98 9.49
C ASP R 23 35.38 31.55 10.05
N TYR R 24 36.40 32.41 9.94
CA TYR R 24 37.72 32.05 10.44
C TYR R 24 37.71 31.84 11.94
N HIS R 25 37.03 32.72 12.67
CA HIS R 25 36.94 32.54 14.12
C HIS R 25 36.12 31.30 14.48
N PHE R 26 35.10 30.97 13.68
CA PHE R 26 34.35 29.75 13.93
C PHE R 26 35.23 28.52 13.72
N ARG R 27 36.06 28.53 12.67
CA ARG R 27 37.00 27.43 12.47
C ARG R 27 37.98 27.34 13.62
N MET R 28 38.45 28.49 14.12
CA MET R 28 39.36 28.49 15.25
C MET R 28 38.69 27.91 16.49
N VAL R 29 37.43 28.26 16.73
CA VAL R 29 36.69 27.70 17.87
C VAL R 29 36.53 26.19 17.71
N LYS R 30 36.20 25.74 16.51
CA LYS R 30 36.05 24.29 16.29
C LYS R 30 37.37 23.57 16.51
N SER R 31 38.48 24.15 16.05
CA SER R 31 39.78 23.52 16.25
C SER R 31 40.16 23.50 17.73
N LEU R 32 39.85 24.56 18.47
CA LEU R 32 40.22 24.62 19.87
C LEU R 32 39.38 23.67 20.71
N LEU R 33 38.14 23.43 20.32
CA LEU R 33 37.26 22.52 21.04
C LEU R 33 37.10 21.17 20.35
N SER R 34 38.01 20.85 19.42
CA SER R 34 37.96 19.53 18.78
C SER R 34 38.17 18.42 19.81
N ASN R 35 39.13 18.61 20.73
CA ASN R 35 39.37 17.61 21.77
C ASN R 35 38.21 17.54 22.75
N ASP R 36 37.66 18.70 23.12
CA ASP R 36 36.58 18.75 24.11
C ASP R 36 35.24 18.28 23.56
N LEU R 37 35.12 18.11 22.25
CA LEU R 37 33.86 17.66 21.64
C LEU R 37 34.05 16.38 20.83
N LYS R 38 35.25 15.82 20.78
CA LYS R 38 35.57 14.62 20.02
C LYS R 38 35.16 14.80 18.54
N LEU R 39 35.77 15.81 17.93
CA LEU R 39 35.53 16.15 16.54
C LEU R 39 36.66 15.55 15.69
N ASN R 40 36.32 14.56 14.87
CA ASN R 40 37.29 14.00 13.95
C ASN R 40 37.41 14.89 12.71
N LEU R 41 38.06 14.35 11.68
CA LEU R 41 38.34 15.11 10.48
C LEU R 41 37.06 15.58 9.77
N LYS R 42 36.05 14.72 9.71
CA LYS R 42 34.82 15.10 9.03
C LYS R 42 34.12 16.25 9.73
N MET R 43 33.93 16.13 11.05
CA MET R 43 33.25 17.18 11.81
C MET R 43 34.06 18.46 11.88
N ARG R 44 35.39 18.41 11.70
CA ARG R 44 36.20 19.61 11.80
C ARG R 44 35.89 20.60 10.68
N GLU R 45 35.69 20.10 9.46
CA GLU R 45 35.44 20.98 8.32
C GLU R 45 34.00 20.98 7.84
N GLU R 46 33.20 19.96 8.18
CA GLU R 46 31.84 19.87 7.66
C GLU R 46 30.80 20.47 8.59
N TYR R 47 31.00 20.38 9.91
CA TYR R 47 30.01 20.87 10.85
C TYR R 47 29.92 22.39 10.82
N ASP R 48 28.73 22.89 11.09
CA ASP R 48 28.45 24.32 11.10
C ASP R 48 28.00 24.75 12.49
N LYS R 49 27.60 26.01 12.59
CA LYS R 49 27.30 26.65 13.88
C LYS R 49 26.14 25.96 14.60
N ILE R 50 25.09 25.61 13.86
CA ILE R 50 23.95 24.92 14.49
C ILE R 50 24.38 23.57 15.05
N GLN R 51 25.07 22.78 14.24
CA GLN R 51 25.50 21.46 14.69
C GLN R 51 26.52 21.54 15.81
N ILE R 52 27.42 22.53 15.74
CA ILE R 52 28.42 22.71 16.79
C ILE R 52 27.73 23.10 18.10
N ALA R 53 26.75 23.99 18.04
CA ALA R 53 26.01 24.37 19.25
C ALA R 53 25.23 23.19 19.81
N ASP R 54 24.63 22.37 18.94
CA ASP R 54 23.91 21.20 19.42
C ASP R 54 24.84 20.21 20.11
N LEU R 55 26.02 19.99 19.53
CA LEU R 55 26.99 19.10 20.17
C LEU R 55 27.48 19.70 21.49
N MET R 56 27.65 21.03 21.53
CA MET R 56 27.99 21.71 22.77
C MET R 56 26.97 21.42 23.86
N GLU R 57 25.69 21.58 23.52
CA GLU R 57 24.63 21.29 24.49
C GLU R 57 24.64 19.83 24.90
N GLU R 58 24.90 18.93 23.95
CA GLU R 58 24.85 17.51 24.24
C GLU R 58 25.99 17.09 25.16
N LYS R 59 27.15 17.74 25.05
CA LYS R 59 28.32 17.33 25.81
C LYS R 59 28.67 18.28 26.95
N PHE R 60 28.12 19.48 26.98
CA PHE R 60 28.47 20.49 27.98
C PHE R 60 27.23 20.96 28.71
N ARG R 61 26.42 20.02 29.20
CA ARG R 61 25.08 20.33 29.71
C ARG R 61 25.10 21.34 30.86
N GLY R 62 26.23 21.51 31.54
CA GLY R 62 26.28 22.45 32.64
C GLY R 62 25.94 23.87 32.22
N ASP R 63 26.53 24.33 31.12
CA ASP R 63 26.24 25.67 30.61
C ASP R 63 26.14 25.71 29.09
N ALA R 64 25.93 24.57 28.44
CA ALA R 64 25.84 24.48 26.98
C ALA R 64 27.09 25.02 26.29
N GLY R 65 28.24 24.88 26.95
CA GLY R 65 29.49 25.33 26.37
C GLY R 65 29.72 26.82 26.39
N LEU R 66 28.85 27.58 27.05
CA LEU R 66 29.00 29.03 27.07
C LEU R 66 30.27 29.45 27.81
N GLY R 67 30.60 28.77 28.91
CA GLY R 67 31.80 29.12 29.65
C GLY R 67 33.07 28.90 28.85
N LYS R 68 33.18 27.75 28.19
CA LYS R 68 34.36 27.48 27.38
C LYS R 68 34.42 28.39 26.15
N LEU R 69 33.26 28.71 25.57
CA LEU R 69 33.25 29.66 24.46
C LEU R 69 33.74 31.04 24.91
N ILE R 70 33.31 31.48 26.10
CA ILE R 70 33.77 32.76 26.62
C ILE R 70 35.27 32.71 26.89
N LYS R 71 35.75 31.60 27.45
CA LYS R 71 37.18 31.47 27.70
C LYS R 71 37.98 31.53 26.40
N ILE R 72 37.48 30.88 25.34
CA ILE R 72 38.14 30.95 24.04
C ILE R 72 38.12 32.37 23.51
N PHE R 73 36.97 33.05 23.61
CA PHE R 73 36.86 34.40 23.10
C PHE R 73 37.73 35.38 23.86
N GLU R 74 38.06 35.07 25.12
CA GLU R 74 38.94 35.95 25.88
C GLU R 74 40.33 36.03 25.26
N ASP R 75 40.86 34.89 24.81
CA ASP R 75 42.20 34.86 24.25
C ASP R 75 42.28 35.52 22.88
N ILE R 76 41.17 35.61 22.16
CA ILE R 76 41.12 36.24 20.84
C ILE R 76 40.93 37.75 21.05
N PRO R 77 41.91 38.58 20.67
CA PRO R 77 41.75 40.03 20.88
C PRO R 77 40.55 40.63 20.16
N THR R 78 40.20 40.11 18.98
CA THR R 78 39.10 40.68 18.22
C THR R 78 37.76 40.45 18.89
N LEU R 79 37.63 39.38 19.67
CA LEU R 79 36.34 38.98 20.24
C LEU R 79 36.26 39.21 21.74
N GLU R 80 37.11 40.09 22.29
CA GLU R 80 37.01 40.39 23.72
C GLU R 80 35.69 41.08 24.06
N ASP R 81 35.25 42.01 23.21
CA ASP R 81 33.96 42.66 23.43
C ASP R 81 32.82 41.65 23.39
N LEU R 82 32.87 40.71 22.44
CA LEU R 82 31.84 39.68 22.39
C LEU R 82 31.90 38.76 23.60
N ALA R 83 33.11 38.49 24.11
CA ALA R 83 33.22 37.71 25.34
C ALA R 83 32.58 38.44 26.51
N GLU R 84 32.80 39.74 26.62
CA GLU R 84 32.15 40.52 27.68
C GLU R 84 30.63 40.51 27.51
N THR R 85 30.16 40.64 26.26
CA THR R 85 28.71 40.59 26.02
C THR R 85 28.13 39.23 26.40
N LEU R 86 28.84 38.15 26.10
CA LEU R 86 28.38 36.82 26.47
C LEU R 86 28.39 36.64 27.98
N LYS R 87 29.38 37.21 28.68
CA LYS R 87 29.37 37.19 30.13
C LYS R 87 28.15 37.92 30.68
N LYS R 88 27.83 39.08 30.09
CA LYS R 88 26.64 39.82 30.53
C LYS R 88 25.38 39.01 30.28
N GLU R 89 25.30 38.34 29.13
CA GLU R 89 24.13 37.51 28.83
C GLU R 89 24.01 36.35 29.81
N LYS R 90 25.14 35.72 30.16
CA LYS R 90 25.11 34.63 31.13
C LYS R 90 24.67 35.12 32.50
N LEU R 91 25.15 36.29 32.92
CA LEU R 91 24.71 36.86 34.19
C LEU R 91 23.22 37.18 34.16
N LYS R 92 22.73 37.67 33.02
CA LYS R 92 21.30 37.94 32.89
C LYS R 92 20.49 36.66 32.99
N VAL R 93 20.95 35.59 32.35
CA VAL R 93 20.25 34.31 32.40
C VAL R 93 21.03 33.30 33.24
#